data_2JR1
#
_entry.id   2JR1
#
_entity_poly.entity_id   1
_entity_poly.type   'polypeptide(L)'
_entity_poly.pdbx_seq_one_letter_code
;FNVKQKSEITALVKEVTPPRKAPSKAKREAPIKYWLPHSGATWSGRGKIPKPFEAWIGTAAYTAWKAKHPDEKFPAFPG
;
_entity_poly.pdbx_strand_id   A
#
# COMPACT_ATOMS: atom_id res chain seq x y z
N PHE A 1 -5.26 -10.83 8.06
CA PHE A 1 -6.46 -10.47 8.87
C PHE A 1 -7.30 -9.34 8.21
N ASN A 2 -8.61 -9.30 8.52
CA ASN A 2 -9.50 -8.17 8.09
C ASN A 2 -9.16 -6.81 8.77
N VAL A 3 -9.13 -6.74 10.10
CA VAL A 3 -8.54 -5.56 10.82
C VAL A 3 -7.01 -5.77 10.95
N LYS A 4 -6.22 -4.94 10.24
CA LYS A 4 -4.74 -5.05 10.22
C LYS A 4 -4.15 -3.69 9.68
N GLN A 5 -3.51 -2.94 10.58
CA GLN A 5 -3.00 -1.56 10.27
C GLN A 5 -1.76 -1.55 9.31
N LYS A 6 -1.41 -0.35 8.83
CA LYS A 6 -0.63 -0.17 7.57
C LYS A 6 0.91 -0.39 7.72
N SER A 7 1.60 -0.60 6.59
CA SER A 7 3.08 -0.75 6.57
C SER A 7 3.60 -0.33 5.17
N GLU A 8 4.32 0.79 5.07
CA GLU A 8 4.90 1.27 3.79
C GLU A 8 6.45 1.22 3.88
N ILE A 9 7.07 0.30 3.12
CA ILE A 9 8.51 -0.03 3.27
C ILE A 9 9.26 0.30 1.93
N THR A 10 10.50 0.76 2.10
CA THR A 10 11.37 1.26 1.00
C THR A 10 12.01 0.13 0.14
N ALA A 11 12.44 0.51 -1.07
CA ALA A 11 13.02 -0.41 -2.06
C ALA A 11 14.37 -1.09 -1.68
N LEU A 12 14.51 -2.34 -2.16
CA LEU A 12 15.62 -3.25 -1.80
C LEU A 12 16.19 -3.92 -3.08
N VAL A 13 17.47 -4.31 -3.02
CA VAL A 13 18.12 -5.14 -4.07
C VAL A 13 17.53 -6.59 -4.18
N LYS A 14 17.44 -7.11 -5.40
CA LYS A 14 16.56 -8.27 -5.72
C LYS A 14 16.99 -9.64 -5.13
N GLU A 15 15.99 -10.42 -4.71
CA GLU A 15 16.16 -11.86 -4.40
C GLU A 15 16.39 -12.73 -5.68
N VAL A 16 17.57 -13.35 -5.74
CA VAL A 16 18.01 -14.17 -6.91
C VAL A 16 18.94 -15.31 -6.31
N THR A 17 18.87 -16.55 -6.84
CA THR A 17 19.65 -17.70 -6.30
C THR A 17 21.21 -17.51 -6.32
N PRO A 18 21.94 -17.19 -7.41
CA PRO A 18 23.40 -16.83 -7.32
C PRO A 18 23.69 -15.38 -6.82
N PRO A 19 24.94 -15.01 -6.40
CA PRO A 19 25.24 -13.62 -5.90
C PRO A 19 25.34 -12.51 -6.99
N ARG A 20 24.19 -12.19 -7.59
CA ARG A 20 24.07 -11.16 -8.64
C ARG A 20 22.82 -10.29 -8.32
N LYS A 21 23.06 -9.10 -7.75
CA LYS A 21 21.98 -8.26 -7.19
C LYS A 21 21.47 -7.20 -8.21
N ALA A 22 20.29 -7.45 -8.82
CA ALA A 22 19.61 -6.47 -9.69
C ALA A 22 18.97 -5.29 -8.90
N PRO A 23 19.04 -3.99 -9.34
CA PRO A 23 18.46 -2.84 -8.57
C PRO A 23 16.93 -2.69 -8.71
N SER A 24 16.20 -3.57 -8.02
CA SER A 24 14.73 -3.67 -8.16
C SER A 24 13.97 -2.55 -7.41
N LYS A 25 13.03 -1.90 -8.12
CA LYS A 25 12.11 -0.91 -7.50
C LYS A 25 11.00 -1.67 -6.69
N ALA A 26 11.32 -1.94 -5.42
CA ALA A 26 10.46 -2.71 -4.50
C ALA A 26 9.58 -1.77 -3.65
N LYS A 27 8.28 -1.98 -3.73
CA LYS A 27 7.29 -1.19 -2.95
C LYS A 27 6.35 -2.16 -2.20
N ARG A 28 6.26 -1.98 -0.88
CA ARG A 28 5.47 -2.86 0.01
C ARG A 28 4.53 -1.93 0.82
N GLU A 29 3.25 -1.84 0.43
CA GLU A 29 2.30 -0.85 0.98
C GLU A 29 0.93 -1.51 1.31
N ALA A 30 0.29 -1.07 2.40
CA ALA A 30 -1.15 -1.28 2.60
C ALA A 30 -2.04 -0.11 2.08
N PRO A 31 -2.96 -0.32 1.11
CA PRO A 31 -4.09 0.63 0.84
C PRO A 31 -5.34 0.24 1.69
N ILE A 32 -6.44 -0.20 1.05
CA ILE A 32 -7.76 -0.38 1.71
C ILE A 32 -8.23 -1.85 1.72
N LYS A 33 -8.74 -2.29 2.88
CA LYS A 33 -9.44 -3.61 3.01
C LYS A 33 -10.84 -3.72 2.32
N TYR A 34 -11.55 -2.60 2.15
CA TYR A 34 -12.80 -2.53 1.33
C TYR A 34 -12.64 -2.87 -0.19
N TRP A 35 -11.52 -2.51 -0.83
CA TRP A 35 -11.20 -2.93 -2.23
C TRP A 35 -10.35 -4.24 -2.31
N LEU A 36 -9.20 -4.33 -1.60
CA LEU A 36 -8.31 -5.52 -1.68
C LEU A 36 -8.41 -6.38 -0.38
N PRO A 37 -8.62 -7.73 -0.42
CA PRO A 37 -8.71 -8.56 0.85
C PRO A 37 -7.43 -8.68 1.74
N HIS A 38 -6.23 -8.46 1.18
CA HIS A 38 -4.98 -8.28 1.94
C HIS A 38 -4.46 -6.83 1.71
N SER A 39 -4.45 -5.98 2.75
CA SER A 39 -3.78 -4.66 2.69
C SER A 39 -2.32 -4.78 3.18
N GLY A 40 -1.40 -4.81 2.21
CA GLY A 40 0.05 -5.01 2.44
C GLY A 40 0.66 -5.83 1.31
N ALA A 41 0.89 -5.20 0.15
CA ALA A 41 1.20 -5.89 -1.12
C ALA A 41 2.66 -5.62 -1.57
N THR A 42 3.48 -6.69 -1.67
CA THR A 42 4.89 -6.59 -2.15
C THR A 42 5.00 -6.69 -3.69
N TRP A 43 5.53 -5.65 -4.33
CA TRP A 43 5.86 -5.68 -5.79
C TRP A 43 7.36 -5.32 -5.98
N SER A 44 8.18 -6.31 -6.37
CA SER A 44 9.59 -6.08 -6.75
C SER A 44 9.75 -5.96 -8.31
N GLY A 45 9.87 -4.74 -8.85
CA GLY A 45 10.07 -4.54 -10.30
C GLY A 45 9.50 -3.23 -10.84
N ARG A 46 8.19 -3.21 -11.11
CA ARG A 46 7.48 -1.98 -11.55
C ARG A 46 7.21 -1.02 -10.35
N GLY A 47 7.45 0.28 -10.57
CA GLY A 47 7.29 1.29 -9.51
C GLY A 47 5.84 1.68 -9.17
N LYS A 48 5.17 0.80 -8.41
CA LYS A 48 3.80 1.06 -7.89
C LYS A 48 3.83 1.87 -6.56
N ILE A 49 3.15 3.01 -6.51
CA ILE A 49 2.96 3.76 -5.24
C ILE A 49 1.41 4.05 -5.15
N PRO A 50 0.59 3.45 -4.24
CA PRO A 50 -0.89 3.72 -4.19
C PRO A 50 -1.40 5.02 -3.51
N LYS A 51 -0.62 6.09 -3.61
CA LYS A 51 -0.99 7.44 -3.16
C LYS A 51 -2.06 8.17 -4.01
N PRO A 52 -2.06 8.29 -5.37
CA PRO A 52 -3.28 8.77 -6.13
C PRO A 52 -4.58 7.93 -5.99
N PHE A 53 -4.46 6.60 -5.76
CA PHE A 53 -5.60 5.76 -5.30
C PHE A 53 -6.08 6.11 -3.87
N GLU A 54 -5.23 5.93 -2.83
CA GLU A 54 -5.61 6.28 -1.42
C GLU A 54 -6.03 7.76 -1.14
N ALA A 55 -5.51 8.73 -1.90
CA ALA A 55 -6.00 10.13 -1.93
C ALA A 55 -7.45 10.29 -2.48
N TRP A 56 -7.76 9.81 -3.69
CA TRP A 56 -9.17 9.83 -4.20
C TRP A 56 -10.15 8.85 -3.48
N ILE A 57 -9.67 7.69 -2.99
CA ILE A 57 -10.35 6.92 -1.90
C ILE A 57 -10.45 7.62 -0.49
N GLY A 58 -9.92 8.84 -0.30
CA GLY A 58 -10.12 9.66 0.92
C GLY A 58 -10.70 11.08 0.75
N THR A 59 -10.59 11.73 -0.42
CA THR A 59 -11.07 13.14 -0.65
C THR A 59 -12.54 13.45 -0.14
N ALA A 60 -13.47 12.55 -0.48
CA ALA A 60 -14.80 12.50 0.18
C ALA A 60 -15.16 11.13 0.86
N ALA A 61 -14.69 9.99 0.32
CA ALA A 61 -14.95 8.65 0.87
C ALA A 61 -14.49 8.33 2.32
N TYR A 62 -13.44 9.00 2.84
CA TYR A 62 -13.01 8.89 4.27
C TYR A 62 -14.12 8.97 5.36
N THR A 63 -15.12 9.87 5.25
CA THR A 63 -16.28 9.86 6.18
C THR A 63 -17.17 8.57 6.18
N ALA A 64 -17.41 7.97 5.00
CA ALA A 64 -18.03 6.61 4.92
C ALA A 64 -17.08 5.43 5.29
N TRP A 65 -15.81 5.48 4.84
CA TRP A 65 -14.73 4.57 5.27
C TRP A 65 -14.47 4.47 6.81
N LYS A 66 -14.45 5.61 7.52
CA LYS A 66 -14.40 5.68 9.00
C LYS A 66 -15.59 5.03 9.78
N ALA A 67 -16.83 5.09 9.23
CA ALA A 67 -17.93 4.21 9.71
C ALA A 67 -17.74 2.67 9.43
N LYS A 68 -17.18 2.29 8.28
CA LYS A 68 -16.87 0.85 7.99
C LYS A 68 -15.65 0.25 8.77
N HIS A 69 -14.53 0.99 8.93
CA HIS A 69 -13.35 0.51 9.70
C HIS A 69 -12.74 1.66 10.59
N PRO A 70 -12.05 1.40 11.74
CA PRO A 70 -11.85 2.43 12.82
C PRO A 70 -10.92 3.61 12.47
N ASP A 71 -9.60 3.41 12.33
CA ASP A 71 -8.82 4.16 11.32
C ASP A 71 -7.77 3.21 10.67
N GLU A 72 -8.25 2.25 9.87
CA GLU A 72 -7.36 1.33 9.13
C GLU A 72 -6.58 1.99 7.95
N LYS A 73 -7.22 2.82 7.13
CA LYS A 73 -6.60 3.51 5.96
C LYS A 73 -5.74 4.74 6.34
N PHE A 74 -4.63 4.99 5.60
CA PHE A 74 -3.76 6.18 5.88
C PHE A 74 -4.43 7.52 5.42
N PRO A 75 -4.68 8.56 6.26
CA PRO A 75 -5.50 9.75 5.85
C PRO A 75 -4.81 10.69 4.82
N ALA A 76 -4.99 10.33 3.55
CA ALA A 76 -4.31 10.99 2.42
C ALA A 76 -5.24 11.96 1.65
N PHE A 77 -4.72 13.15 1.37
CA PHE A 77 -5.40 14.17 0.53
C PHE A 77 -4.84 14.19 -0.95
N PRO A 78 -5.55 14.73 -1.98
CA PRO A 78 -4.96 14.87 -3.35
C PRO A 78 -3.98 16.07 -3.46
N GLY A 79 -2.67 15.76 -3.51
CA GLY A 79 -1.61 16.79 -3.52
C GLY A 79 -0.48 16.43 -4.46
N PHE A 1 -9.01 -10.52 14.57
CA PHE A 1 -9.11 -9.30 13.73
C PHE A 1 -8.77 -9.61 12.24
N ASN A 2 -9.75 -9.42 11.34
CA ASN A 2 -9.51 -9.41 9.87
C ASN A 2 -8.69 -8.19 9.33
N VAL A 3 -8.96 -6.98 9.85
CA VAL A 3 -8.30 -5.73 9.43
C VAL A 3 -7.04 -5.40 10.31
N LYS A 4 -6.01 -4.81 9.69
CA LYS A 4 -4.77 -4.38 10.40
C LYS A 4 -4.15 -3.09 9.74
N GLN A 5 -3.51 -2.28 10.60
CA GLN A 5 -2.75 -1.06 10.23
C GLN A 5 -1.59 -1.22 9.18
N LYS A 6 -1.02 -0.08 8.77
CA LYS A 6 -0.38 0.07 7.44
C LYS A 6 1.14 -0.28 7.44
N SER A 7 1.57 -1.02 6.41
CA SER A 7 2.99 -1.46 6.27
C SER A 7 3.64 -0.74 5.07
N GLU A 8 4.47 0.28 5.34
CA GLU A 8 5.13 1.11 4.30
C GLU A 8 6.68 0.86 4.35
N ILE A 9 7.20 -0.05 3.50
CA ILE A 9 8.64 -0.46 3.54
C ILE A 9 9.38 0.07 2.27
N THR A 10 10.63 0.48 2.48
CA THR A 10 11.52 1.04 1.43
C THR A 10 12.11 -0.02 0.44
N ALA A 11 12.45 0.45 -0.78
CA ALA A 11 12.90 -0.41 -1.89
C ALA A 11 14.24 -1.16 -1.70
N LEU A 12 14.20 -2.50 -1.87
CA LEU A 12 15.37 -3.38 -1.70
C LEU A 12 15.90 -3.86 -3.10
N VAL A 13 17.23 -3.91 -3.23
CA VAL A 13 17.92 -4.53 -4.40
C VAL A 13 17.65 -6.07 -4.54
N LYS A 14 17.60 -6.58 -5.78
CA LYS A 14 17.02 -7.91 -6.07
C LYS A 14 17.81 -9.13 -5.48
N GLU A 15 17.03 -10.08 -4.97
CA GLU A 15 17.52 -11.32 -4.34
C GLU A 15 17.59 -12.48 -5.37
N VAL A 16 18.78 -13.06 -5.49
CA VAL A 16 19.13 -13.99 -6.60
C VAL A 16 20.06 -15.13 -6.03
N THR A 17 20.11 -16.28 -6.71
CA THR A 17 20.94 -17.45 -6.29
C THR A 17 22.49 -17.21 -6.41
N PRO A 18 23.15 -16.84 -7.55
CA PRO A 18 24.57 -16.37 -7.53
C PRO A 18 24.73 -14.93 -6.93
N PRO A 19 25.91 -14.51 -6.40
CA PRO A 19 26.05 -13.17 -5.72
C PRO A 19 26.05 -11.97 -6.70
N ARG A 20 24.84 -11.51 -7.01
CA ARG A 20 24.58 -10.49 -8.08
C ARG A 20 23.37 -9.62 -7.67
N LYS A 21 23.51 -8.29 -7.69
CA LYS A 21 22.42 -7.36 -7.25
C LYS A 21 21.85 -6.58 -8.45
N ALA A 22 20.63 -6.93 -8.89
CA ALA A 22 19.90 -6.13 -9.91
C ALA A 22 19.03 -4.97 -9.28
N PRO A 23 18.92 -3.76 -9.87
CA PRO A 23 18.26 -2.58 -9.20
C PRO A 23 16.71 -2.55 -9.32
N SER A 24 16.06 -3.49 -8.63
CA SER A 24 14.60 -3.69 -8.68
C SER A 24 13.82 -2.70 -7.79
N LYS A 25 12.82 -2.02 -8.37
CA LYS A 25 12.00 -1.03 -7.61
C LYS A 25 10.88 -1.74 -6.79
N ALA A 26 11.12 -1.87 -5.49
CA ALA A 26 10.18 -2.49 -4.54
C ALA A 26 9.44 -1.42 -3.71
N LYS A 27 8.11 -1.52 -3.66
CA LYS A 27 7.31 -0.80 -2.65
C LYS A 27 6.40 -1.85 -1.95
N ARG A 28 6.45 -1.88 -0.61
CA ARG A 28 5.52 -2.70 0.22
C ARG A 28 4.58 -1.65 0.90
N GLU A 29 3.32 -1.57 0.45
CA GLU A 29 2.37 -0.51 0.91
C GLU A 29 0.95 -1.17 1.02
N ALA A 30 0.28 -0.98 2.17
CA ALA A 30 -1.13 -1.40 2.37
C ALA A 30 -2.17 -0.29 1.99
N PRO A 31 -3.18 -0.54 1.12
CA PRO A 31 -4.31 0.43 0.91
C PRO A 31 -5.57 0.06 1.75
N ILE A 32 -6.70 -0.23 1.10
CA ILE A 32 -8.00 -0.46 1.74
C ILE A 32 -8.38 -1.98 1.71
N LYS A 33 -8.84 -2.51 2.86
CA LYS A 33 -9.47 -3.86 2.90
C LYS A 33 -10.94 -3.97 2.34
N TYR A 34 -11.62 -2.84 2.09
CA TYR A 34 -12.89 -2.81 1.30
C TYR A 34 -12.76 -3.27 -0.20
N TRP A 35 -11.73 -2.80 -0.92
CA TRP A 35 -11.45 -3.23 -2.32
C TRP A 35 -10.53 -4.50 -2.44
N LEU A 36 -9.38 -4.55 -1.72
CA LEU A 36 -8.44 -5.69 -1.84
C LEU A 36 -8.48 -6.64 -0.58
N PRO A 37 -8.56 -7.99 -0.68
CA PRO A 37 -8.56 -8.88 0.52
C PRO A 37 -7.24 -9.03 1.34
N HIS A 38 -6.07 -8.61 0.82
CA HIS A 38 -4.83 -8.49 1.61
C HIS A 38 -4.28 -7.03 1.50
N SER A 39 -4.60 -6.19 2.50
CA SER A 39 -3.92 -4.87 2.66
C SER A 39 -2.45 -5.01 3.16
N GLY A 40 -1.52 -4.92 2.21
CA GLY A 40 -0.06 -4.99 2.47
C GLY A 40 0.62 -5.80 1.36
N ALA A 41 0.88 -5.14 0.22
CA ALA A 41 1.34 -5.83 -1.01
C ALA A 41 2.75 -5.36 -1.44
N THR A 42 3.65 -6.33 -1.66
CA THR A 42 4.99 -6.07 -2.20
C THR A 42 5.02 -6.31 -3.74
N TRP A 43 5.37 -5.26 -4.49
CA TRP A 43 5.66 -5.40 -5.94
C TRP A 43 7.13 -5.00 -6.17
N SER A 44 7.99 -6.00 -6.39
CA SER A 44 9.43 -5.81 -6.68
C SER A 44 9.70 -5.94 -8.21
N GLY A 45 9.71 -4.80 -8.90
CA GLY A 45 9.86 -4.76 -10.38
C GLY A 45 9.41 -3.42 -10.94
N ARG A 46 8.09 -3.29 -11.19
CA ARG A 46 7.46 -1.96 -11.36
C ARG A 46 7.27 -1.28 -9.98
N GLY A 47 7.74 -0.02 -9.88
CA GLY A 47 7.53 0.79 -8.67
C GLY A 47 6.12 1.37 -8.54
N LYS A 48 5.22 0.58 -7.94
CA LYS A 48 3.85 1.03 -7.61
C LYS A 48 3.81 1.89 -6.31
N ILE A 49 3.29 3.12 -6.40
CA ILE A 49 3.03 3.96 -5.20
C ILE A 49 1.49 4.30 -5.26
N PRO A 50 0.57 3.76 -4.41
CA PRO A 50 -0.88 4.13 -4.45
C PRO A 50 -1.25 5.47 -3.76
N LYS A 51 -0.51 6.53 -4.10
CA LYS A 51 -0.83 7.93 -3.73
C LYS A 51 -2.12 8.47 -4.42
N PRO A 52 -2.35 8.50 -5.76
CA PRO A 52 -3.69 8.88 -6.33
C PRO A 52 -4.89 7.93 -6.03
N PHE A 53 -4.66 6.63 -5.77
CA PHE A 53 -5.71 5.73 -5.23
C PHE A 53 -6.11 6.06 -3.78
N GLU A 54 -5.20 5.97 -2.79
CA GLU A 54 -5.54 6.30 -1.36
C GLU A 54 -5.89 7.81 -1.07
N ALA A 55 -5.45 8.76 -1.92
CA ALA A 55 -5.97 10.14 -1.92
C ALA A 55 -7.42 10.28 -2.45
N TRP A 56 -7.78 9.79 -3.65
CA TRP A 56 -9.21 9.79 -4.10
C TRP A 56 -10.16 8.89 -3.25
N ILE A 57 -9.70 7.69 -2.82
CA ILE A 57 -10.36 6.93 -1.71
C ILE A 57 -10.34 7.62 -0.27
N GLY A 58 -9.73 8.81 -0.10
CA GLY A 58 -9.96 9.68 1.08
C GLY A 58 -10.64 11.05 0.84
N THR A 59 -10.52 11.68 -0.34
CA THR A 59 -11.07 13.05 -0.62
C THR A 59 -12.58 13.28 -0.21
N ALA A 60 -13.45 12.33 -0.57
CA ALA A 60 -14.83 12.21 -0.01
C ALA A 60 -15.15 10.85 0.69
N ALA A 61 -14.54 9.73 0.28
CA ALA A 61 -14.77 8.41 0.90
C ALA A 61 -14.28 8.16 2.34
N TYR A 62 -13.31 8.95 2.85
CA TYR A 62 -12.88 8.89 4.28
C TYR A 62 -14.01 8.92 5.35
N THR A 63 -15.02 9.81 5.22
CA THR A 63 -16.21 9.77 6.11
C THR A 63 -17.08 8.46 6.05
N ALA A 64 -17.27 7.86 4.85
CA ALA A 64 -17.88 6.51 4.74
C ALA A 64 -16.98 5.35 5.26
N TRP A 65 -15.70 5.33 4.85
CA TRP A 65 -14.67 4.41 5.37
C TRP A 65 -14.43 4.42 6.91
N LYS A 66 -14.47 5.60 7.55
CA LYS A 66 -14.47 5.77 9.02
C LYS A 66 -15.71 5.22 9.79
N ALA A 67 -16.94 5.31 9.23
CA ALA A 67 -18.08 4.49 9.74
C ALA A 67 -17.92 2.94 9.58
N LYS A 68 -17.35 2.44 8.47
CA LYS A 68 -17.07 0.99 8.26
C LYS A 68 -15.81 0.38 8.95
N HIS A 69 -14.76 1.15 9.24
CA HIS A 69 -13.48 0.65 9.81
C HIS A 69 -12.82 1.74 10.72
N PRO A 70 -12.03 1.42 11.79
CA PRO A 70 -11.75 2.42 12.90
C PRO A 70 -10.85 3.60 12.50
N ASP A 71 -9.51 3.46 12.43
CA ASP A 71 -8.70 4.32 11.52
C ASP A 71 -7.62 3.48 10.77
N GLU A 72 -8.05 2.45 10.02
CA GLU A 72 -7.11 1.52 9.34
C GLU A 72 -6.46 2.02 8.01
N LYS A 73 -7.14 2.80 7.17
CA LYS A 73 -6.54 3.41 5.95
C LYS A 73 -5.81 4.74 6.28
N PHE A 74 -4.62 4.96 5.70
CA PHE A 74 -3.83 6.19 5.94
C PHE A 74 -4.57 7.51 5.52
N PRO A 75 -4.61 8.61 6.31
CA PRO A 75 -5.35 9.86 5.92
C PRO A 75 -4.66 10.72 4.82
N ALA A 76 -4.80 10.24 3.58
CA ALA A 76 -4.19 10.87 2.40
C ALA A 76 -5.15 11.85 1.67
N PHE A 77 -4.60 13.00 1.28
CA PHE A 77 -5.31 14.04 0.49
C PHE A 77 -4.76 14.14 -0.98
N PRO A 78 -5.48 14.72 -1.98
CA PRO A 78 -4.91 14.90 -3.36
C PRO A 78 -3.92 16.10 -3.46
N GLY A 79 -2.61 15.78 -3.42
CA GLY A 79 -1.53 16.78 -3.42
C GLY A 79 -0.56 16.58 -4.58
N PHE A 1 -6.85 -11.38 13.64
CA PHE A 1 -7.85 -10.39 13.16
C PHE A 1 -7.59 -9.92 11.69
N ASN A 2 -8.69 -9.67 10.97
CA ASN A 2 -8.64 -9.02 9.63
C ASN A 2 -8.24 -7.50 9.66
N VAL A 3 -8.81 -6.70 10.59
CA VAL A 3 -8.44 -5.27 10.78
C VAL A 3 -6.94 -5.09 11.21
N LYS A 4 -6.13 -4.46 10.35
CA LYS A 4 -4.70 -4.22 10.63
C LYS A 4 -4.25 -2.86 10.01
N GLN A 5 -3.63 -1.99 10.82
CA GLN A 5 -2.97 -0.75 10.32
C GLN A 5 -1.77 -1.01 9.33
N LYS A 6 -1.35 0.06 8.66
CA LYS A 6 -0.65 -0.02 7.36
C LYS A 6 0.88 -0.25 7.47
N SER A 7 1.45 -0.86 6.43
CA SER A 7 2.91 -1.06 6.33
C SER A 7 3.40 -0.45 5.00
N GLU A 8 4.20 0.63 5.06
CA GLU A 8 4.85 1.22 3.86
C GLU A 8 6.39 0.96 3.97
N ILE A 9 6.90 -0.05 3.25
CA ILE A 9 8.32 -0.51 3.41
C ILE A 9 9.14 -0.10 2.13
N THR A 10 10.37 0.32 2.41
CA THR A 10 11.35 0.80 1.41
C THR A 10 11.85 -0.30 0.43
N ALA A 11 12.39 0.17 -0.72
CA ALA A 11 12.93 -0.70 -1.77
C ALA A 11 14.14 -1.57 -1.37
N LEU A 12 14.05 -2.86 -1.72
CA LEU A 12 15.17 -3.82 -1.58
C LEU A 12 15.76 -4.16 -2.99
N VAL A 13 17.03 -4.56 -2.97
CA VAL A 13 17.73 -5.14 -4.16
C VAL A 13 17.07 -6.46 -4.68
N LYS A 14 17.16 -6.71 -6.00
CA LYS A 14 16.56 -7.94 -6.61
C LYS A 14 17.23 -9.26 -6.13
N GLU A 15 16.38 -10.25 -5.85
CA GLU A 15 16.79 -11.58 -5.33
C GLU A 15 17.38 -12.48 -6.46
N VAL A 16 18.72 -12.54 -6.50
CA VAL A 16 19.48 -13.22 -7.59
C VAL A 16 20.37 -14.33 -6.90
N THR A 17 20.36 -15.55 -7.47
CA THR A 17 21.19 -16.68 -6.96
C THR A 17 22.73 -16.51 -7.17
N PRO A 18 23.35 -16.27 -8.37
CA PRO A 18 24.80 -15.89 -8.46
C PRO A 18 25.15 -14.47 -7.90
N PRO A 19 26.43 -14.10 -7.61
CA PRO A 19 26.76 -12.80 -6.92
C PRO A 19 26.62 -11.54 -7.80
N ARG A 20 25.37 -11.07 -7.91
CA ARG A 20 24.96 -9.93 -8.76
C ARG A 20 23.67 -9.30 -8.14
N LYS A 21 23.56 -7.96 -8.11
CA LYS A 21 22.37 -7.28 -7.52
C LYS A 21 21.86 -6.13 -8.45
N ALA A 22 20.63 -6.27 -8.96
CA ALA A 22 19.99 -5.22 -9.78
C ALA A 22 19.20 -4.15 -8.95
N PRO A 23 19.19 -2.84 -9.29
CA PRO A 23 18.38 -1.81 -8.56
C PRO A 23 16.87 -1.81 -8.91
N SER A 24 16.17 -2.79 -8.32
CA SER A 24 14.72 -2.99 -8.52
C SER A 24 13.86 -1.97 -7.72
N LYS A 25 12.92 -1.30 -8.40
CA LYS A 25 12.00 -0.33 -7.74
C LYS A 25 10.91 -1.12 -6.94
N ALA A 26 11.15 -1.24 -5.64
CA ALA A 26 10.41 -2.17 -4.76
C ALA A 26 9.59 -1.40 -3.72
N LYS A 27 8.31 -1.75 -3.62
CA LYS A 27 7.34 -1.01 -2.78
C LYS A 27 6.33 -2.01 -2.14
N ARG A 28 6.26 -1.98 -0.81
CA ARG A 28 5.35 -2.87 -0.03
C ARG A 28 4.37 -1.93 0.73
N GLU A 29 3.14 -1.79 0.24
CA GLU A 29 2.17 -0.81 0.80
C GLU A 29 0.79 -1.51 1.01
N ALA A 30 0.19 -1.26 2.18
CA ALA A 30 -1.24 -1.54 2.40
C ALA A 30 -2.18 -0.37 1.96
N PRO A 31 -3.19 -0.57 1.09
CA PRO A 31 -4.27 0.45 0.88
C PRO A 31 -5.55 0.10 1.71
N ILE A 32 -6.67 -0.21 1.04
CA ILE A 32 -7.99 -0.40 1.67
C ILE A 32 -8.40 -1.89 1.72
N LYS A 33 -8.75 -2.38 2.92
CA LYS A 33 -9.37 -3.73 3.09
C LYS A 33 -10.82 -3.91 2.55
N TYR A 34 -11.57 -2.81 2.41
CA TYR A 34 -12.85 -2.78 1.65
C TYR A 34 -12.78 -3.24 0.15
N TRP A 35 -11.73 -2.83 -0.59
CA TRP A 35 -11.51 -3.27 -2.00
C TRP A 35 -10.60 -4.53 -2.13
N LEU A 36 -9.41 -4.59 -1.48
CA LEU A 36 -8.50 -5.74 -1.59
C LEU A 36 -8.50 -6.56 -0.26
N PRO A 37 -8.76 -7.91 -0.22
CA PRO A 37 -8.80 -8.68 1.07
C PRO A 37 -7.47 -8.87 1.87
N HIS A 38 -6.30 -8.64 1.24
CA HIS A 38 -5.00 -8.50 1.96
C HIS A 38 -4.46 -7.06 1.71
N SER A 39 -4.55 -6.19 2.73
CA SER A 39 -3.88 -4.87 2.71
C SER A 39 -2.36 -5.00 3.02
N GLY A 40 -1.54 -5.05 1.97
CA GLY A 40 -0.07 -5.15 2.08
C GLY A 40 0.53 -5.87 0.87
N ALA A 41 0.75 -5.16 -0.24
CA ALA A 41 1.16 -5.76 -1.52
C ALA A 41 2.62 -5.40 -1.90
N THR A 42 3.48 -6.42 -1.99
CA THR A 42 4.89 -6.28 -2.43
C THR A 42 5.03 -6.34 -3.99
N TRP A 43 5.43 -5.22 -4.60
CA TRP A 43 5.79 -5.21 -6.05
C TRP A 43 7.30 -4.83 -6.18
N SER A 44 8.14 -5.81 -6.52
CA SER A 44 9.59 -5.58 -6.80
C SER A 44 9.87 -5.59 -8.32
N GLY A 45 10.05 -4.40 -8.92
CA GLY A 45 10.28 -4.27 -10.38
C GLY A 45 9.80 -2.93 -10.94
N ARG A 46 8.50 -2.86 -11.25
CA ARG A 46 7.81 -1.57 -11.54
C ARG A 46 7.47 -0.82 -10.22
N GLY A 47 7.68 0.51 -10.24
CA GLY A 47 7.37 1.36 -9.08
C GLY A 47 5.88 1.65 -8.86
N LYS A 48 5.23 0.74 -8.13
CA LYS A 48 3.83 0.91 -7.66
C LYS A 48 3.84 1.68 -6.32
N ILE A 49 3.38 2.93 -6.32
CA ILE A 49 3.11 3.69 -5.07
C ILE A 49 1.56 3.98 -5.08
N PRO A 50 0.69 3.48 -4.17
CA PRO A 50 -0.79 3.77 -4.22
C PRO A 50 -1.27 5.12 -3.61
N LYS A 51 -0.48 6.17 -3.81
CA LYS A 51 -0.83 7.55 -3.41
C LYS A 51 -1.99 8.17 -4.25
N PRO A 52 -2.07 8.22 -5.62
CA PRO A 52 -3.33 8.62 -6.33
C PRO A 52 -4.60 7.73 -6.10
N PHE A 53 -4.44 6.42 -5.82
CA PHE A 53 -5.58 5.59 -5.35
C PHE A 53 -6.05 5.96 -3.91
N GLU A 54 -5.20 5.80 -2.88
CA GLU A 54 -5.57 6.12 -1.47
C GLU A 54 -5.95 7.61 -1.16
N ALA A 55 -5.43 8.57 -1.92
CA ALA A 55 -5.88 9.98 -1.93
C ALA A 55 -7.28 10.22 -2.57
N TRP A 56 -7.60 9.68 -3.76
CA TRP A 56 -9.00 9.74 -4.30
C TRP A 56 -10.03 8.81 -3.57
N ILE A 57 -9.60 7.65 -3.06
CA ILE A 57 -10.29 6.94 -1.92
C ILE A 57 -10.30 7.72 -0.53
N GLY A 58 -9.74 8.94 -0.43
CA GLY A 58 -9.93 9.84 0.74
C GLY A 58 -10.42 11.28 0.51
N THR A 59 -10.50 11.79 -0.73
CA THR A 59 -11.04 13.16 -1.01
C THR A 59 -12.51 13.40 -0.48
N ALA A 60 -13.39 12.44 -0.75
CA ALA A 60 -14.74 12.38 -0.13
C ALA A 60 -15.04 11.03 0.62
N ALA A 61 -14.58 9.88 0.10
CA ALA A 61 -14.85 8.55 0.71
C ALA A 61 -14.39 8.27 2.17
N TYR A 62 -13.36 8.97 2.65
CA TYR A 62 -12.91 8.93 4.07
C TYR A 62 -14.01 9.02 5.17
N THR A 63 -15.01 9.90 5.03
CA THR A 63 -16.16 9.94 5.98
C THR A 63 -17.03 8.64 6.07
N ALA A 64 -17.33 8.00 4.93
CA ALA A 64 -17.95 6.65 4.92
C ALA A 64 -16.98 5.47 5.29
N TRP A 65 -15.72 5.54 4.86
CA TRP A 65 -14.66 4.60 5.28
C TRP A 65 -14.37 4.55 6.81
N LYS A 66 -14.27 5.71 7.48
CA LYS A 66 -14.18 5.82 8.95
C LYS A 66 -15.41 5.26 9.77
N ALA A 67 -16.64 5.40 9.26
CA ALA A 67 -17.79 4.58 9.74
C ALA A 67 -17.68 3.04 9.53
N LYS A 68 -17.17 2.54 8.38
CA LYS A 68 -17.02 1.08 8.15
C LYS A 68 -15.79 0.41 8.87
N HIS A 69 -14.59 1.00 8.83
CA HIS A 69 -13.40 0.50 9.56
C HIS A 69 -12.77 1.65 10.43
N PRO A 70 -12.20 1.42 11.64
CA PRO A 70 -11.99 2.50 12.66
C PRO A 70 -10.91 3.55 12.32
N ASP A 71 -9.63 3.25 12.53
CA ASP A 71 -8.53 3.89 11.77
C ASP A 71 -7.66 2.74 11.19
N GLU A 72 -8.16 2.06 10.14
CA GLU A 72 -7.35 1.07 9.37
C GLU A 72 -6.55 1.72 8.19
N LYS A 73 -7.19 2.56 7.36
CA LYS A 73 -6.53 3.24 6.23
C LYS A 73 -5.72 4.50 6.65
N PHE A 74 -4.59 4.75 5.97
CA PHE A 74 -3.77 5.97 6.21
C PHE A 74 -4.49 7.28 5.72
N PRO A 75 -4.60 8.40 6.48
CA PRO A 75 -5.41 9.59 6.05
C PRO A 75 -4.77 10.44 4.93
N ALA A 76 -4.89 9.93 3.70
CA ALA A 76 -4.28 10.52 2.50
C ALA A 76 -5.23 11.50 1.76
N PHE A 77 -4.71 12.68 1.45
CA PHE A 77 -5.39 13.74 0.66
C PHE A 77 -4.79 13.87 -0.79
N PRO A 78 -5.49 14.45 -1.81
CA PRO A 78 -4.87 14.71 -3.14
C PRO A 78 -3.91 15.95 -3.14
N GLY A 79 -2.60 15.68 -3.27
CA GLY A 79 -1.58 16.73 -3.19
C GLY A 79 -0.34 16.38 -4.02
N PHE A 1 -4.02 -9.83 8.67
CA PHE A 1 -5.32 -9.80 9.39
C PHE A 1 -6.40 -8.93 8.69
N ASN A 2 -7.68 -9.14 9.06
CA ASN A 2 -8.79 -8.28 8.59
C ASN A 2 -8.66 -6.80 9.08
N VAL A 3 -8.55 -6.54 10.39
CA VAL A 3 -8.13 -5.18 10.87
C VAL A 3 -6.59 -5.14 11.03
N LYS A 4 -5.89 -4.49 10.09
CA LYS A 4 -4.40 -4.37 10.14
C LYS A 4 -3.96 -2.99 9.62
N GLN A 5 -3.32 -2.20 10.48
CA GLN A 5 -2.77 -0.86 10.13
C GLN A 5 -1.58 -0.88 9.12
N LYS A 6 -1.26 0.31 8.60
CA LYS A 6 -0.47 0.48 7.36
C LYS A 6 1.04 0.13 7.47
N SER A 7 1.58 -0.46 6.40
CA SER A 7 2.98 -0.96 6.36
C SER A 7 3.70 -0.44 5.08
N GLU A 8 4.36 0.72 5.14
CA GLU A 8 5.06 1.31 3.97
C GLU A 8 6.59 1.04 4.08
N ILE A 9 7.11 0.05 3.31
CA ILE A 9 8.52 -0.42 3.45
C ILE A 9 9.32 -0.06 2.16
N THR A 10 10.60 0.32 2.39
CA THR A 10 11.56 0.73 1.32
C THR A 10 12.07 -0.44 0.43
N ALA A 11 12.59 -0.07 -0.75
CA ALA A 11 12.95 -1.00 -1.83
C ALA A 11 14.11 -1.99 -1.54
N LEU A 12 13.78 -3.28 -1.65
CA LEU A 12 14.73 -4.41 -1.54
C LEU A 12 15.23 -4.85 -2.95
N VAL A 13 16.50 -5.25 -3.00
CA VAL A 13 17.13 -5.92 -4.16
C VAL A 13 16.42 -7.25 -4.60
N LYS A 14 16.41 -7.53 -5.92
CA LYS A 14 15.69 -8.71 -6.47
C LYS A 14 16.44 -10.06 -6.22
N GLU A 15 15.61 -11.10 -6.04
CA GLU A 15 16.03 -12.45 -5.65
C GLU A 15 16.59 -13.25 -6.87
N VAL A 16 17.89 -13.54 -6.83
CA VAL A 16 18.63 -14.24 -7.93
C VAL A 16 19.38 -15.45 -7.29
N THR A 17 19.31 -16.64 -7.92
CA THR A 17 20.04 -17.85 -7.41
C THR A 17 21.59 -17.77 -7.58
N PRO A 18 22.24 -17.54 -8.75
CA PRO A 18 23.71 -17.19 -8.78
C PRO A 18 24.05 -15.79 -8.20
N PRO A 19 25.32 -15.45 -7.81
CA PRO A 19 25.62 -14.21 -7.02
C PRO A 19 25.55 -12.89 -7.84
N ARG A 20 24.34 -12.33 -7.90
CA ARG A 20 24.05 -11.11 -8.71
C ARG A 20 22.91 -10.28 -8.04
N LYS A 21 23.10 -8.96 -7.95
CA LYS A 21 22.14 -8.07 -7.23
C LYS A 21 21.64 -6.95 -8.19
N ALA A 22 20.40 -7.11 -8.68
CA ALA A 22 19.76 -6.09 -9.55
C ALA A 22 19.07 -4.95 -8.74
N PRO A 23 19.23 -3.63 -9.06
CA PRO A 23 18.62 -2.51 -8.26
C PRO A 23 17.10 -2.29 -8.53
N SER A 24 16.30 -3.23 -8.02
CA SER A 24 14.85 -3.29 -8.29
C SER A 24 14.03 -2.29 -7.45
N LYS A 25 13.03 -1.68 -8.10
CA LYS A 25 12.07 -0.77 -7.42
C LYS A 25 10.96 -1.61 -6.73
N ALA A 26 11.22 -2.01 -5.49
CA ALA A 26 10.25 -2.72 -4.64
C ALA A 26 9.50 -1.74 -3.71
N LYS A 27 8.19 -1.89 -3.68
CA LYS A 27 7.33 -1.04 -2.82
C LYS A 27 6.32 -1.99 -2.10
N ARG A 28 6.36 -1.97 -0.76
CA ARG A 28 5.42 -2.76 0.07
C ARG A 28 4.50 -1.72 0.76
N GLU A 29 3.24 -1.63 0.34
CA GLU A 29 2.27 -0.68 0.95
C GLU A 29 0.88 -1.38 1.12
N ALA A 30 0.19 -1.04 2.21
CA ALA A 30 -1.17 -1.55 2.51
C ALA A 30 -2.27 -0.51 2.17
N PRO A 31 -3.14 -0.66 1.13
CA PRO A 31 -4.20 0.37 0.82
C PRO A 31 -5.49 0.20 1.65
N ILE A 32 -6.52 -0.47 1.10
CA ILE A 32 -7.89 -0.52 1.69
C ILE A 32 -8.40 -1.99 1.79
N LYS A 33 -8.88 -2.36 2.97
CA LYS A 33 -9.57 -3.66 3.20
C LYS A 33 -10.99 -3.83 2.58
N TYR A 34 -11.74 -2.73 2.39
CA TYR A 34 -13.05 -2.77 1.68
C TYR A 34 -13.00 -3.21 0.17
N TRP A 35 -11.97 -2.80 -0.58
CA TRP A 35 -11.72 -3.28 -1.96
C TRP A 35 -10.81 -4.55 -2.02
N LEU A 36 -9.66 -4.58 -1.31
CA LEU A 36 -8.65 -5.67 -1.42
C LEU A 36 -8.55 -6.45 -0.06
N PRO A 37 -8.80 -7.78 0.06
CA PRO A 37 -8.80 -8.50 1.39
C PRO A 37 -7.43 -8.63 2.15
N HIS A 38 -6.31 -8.54 1.44
CA HIS A 38 -4.97 -8.41 2.02
C HIS A 38 -4.40 -6.99 1.72
N SER A 39 -4.34 -6.13 2.74
CA SER A 39 -3.61 -4.84 2.65
C SER A 39 -2.11 -5.05 2.98
N GLY A 40 -1.26 -5.08 1.93
CA GLY A 40 0.21 -5.18 2.09
C GLY A 40 0.86 -5.91 0.91
N ALA A 41 1.01 -5.22 -0.23
CA ALA A 41 1.45 -5.86 -1.49
C ALA A 41 2.91 -5.48 -1.86
N THR A 42 3.82 -6.47 -1.83
CA THR A 42 5.24 -6.30 -2.21
C THR A 42 5.47 -6.55 -3.73
N TRP A 43 5.56 -5.47 -4.53
CA TRP A 43 5.81 -5.58 -5.99
C TRP A 43 7.28 -5.16 -6.30
N SER A 44 8.17 -6.13 -6.56
CA SER A 44 9.57 -5.87 -6.96
C SER A 44 9.76 -5.79 -8.51
N GLY A 45 9.91 -4.57 -9.04
CA GLY A 45 10.15 -4.37 -10.49
C GLY A 45 9.52 -3.08 -11.02
N ARG A 46 8.22 -3.13 -11.33
CA ARG A 46 7.43 -1.91 -11.69
C ARG A 46 7.15 -1.04 -10.43
N GLY A 47 7.43 0.25 -10.55
CA GLY A 47 7.35 1.19 -9.40
C GLY A 47 5.92 1.61 -9.04
N LYS A 48 5.23 0.76 -8.27
CA LYS A 48 3.87 1.06 -7.78
C LYS A 48 3.90 1.88 -6.45
N ILE A 49 3.30 3.08 -6.46
CA ILE A 49 3.10 3.88 -5.21
C ILE A 49 1.56 4.23 -5.19
N PRO A 50 0.70 3.72 -4.28
CA PRO A 50 -0.77 4.04 -4.30
C PRO A 50 -1.21 5.38 -3.63
N LYS A 51 -0.43 6.44 -3.87
CA LYS A 51 -0.74 7.81 -3.40
C LYS A 51 -1.92 8.50 -4.15
N PRO A 52 -2.06 8.61 -5.51
CA PRO A 52 -3.36 9.03 -6.14
C PRO A 52 -4.60 8.13 -5.89
N PHE A 53 -4.41 6.82 -5.65
CA PHE A 53 -5.50 5.92 -5.17
C PHE A 53 -5.93 6.22 -3.70
N GLU A 54 -5.05 6.06 -2.71
CA GLU A 54 -5.37 6.37 -1.28
C GLU A 54 -5.81 7.84 -0.96
N ALA A 55 -5.32 8.82 -1.73
CA ALA A 55 -5.85 10.21 -1.72
C ALA A 55 -7.28 10.36 -2.28
N TRP A 56 -7.61 9.87 -3.49
CA TRP A 56 -9.01 9.89 -3.99
C TRP A 56 -10.00 8.91 -3.29
N ILE A 57 -9.53 7.75 -2.81
CA ILE A 57 -10.22 6.95 -1.75
C ILE A 57 -10.30 7.64 -0.32
N GLY A 58 -9.72 8.83 -0.11
CA GLY A 58 -10.02 9.69 1.05
C GLY A 58 -10.77 11.02 0.77
N THR A 59 -10.54 11.70 -0.38
CA THR A 59 -11.09 13.06 -0.69
C THR A 59 -12.58 13.34 -0.26
N ALA A 60 -13.48 12.41 -0.63
CA ALA A 60 -14.85 12.33 -0.06
C ALA A 60 -15.20 10.96 0.63
N ALA A 61 -14.62 9.84 0.18
CA ALA A 61 -14.86 8.51 0.78
C ALA A 61 -14.42 8.25 2.24
N TYR A 62 -13.44 8.98 2.78
CA TYR A 62 -13.02 8.90 4.21
C TYR A 62 -14.16 8.90 5.27
N THR A 63 -15.17 9.79 5.16
CA THR A 63 -16.36 9.75 6.05
C THR A 63 -17.23 8.45 6.00
N ALA A 64 -17.41 7.84 4.81
CA ALA A 64 -18.01 6.48 4.68
C ALA A 64 -17.06 5.31 5.09
N TRP A 65 -15.78 5.38 4.70
CA TRP A 65 -14.72 4.45 5.16
C TRP A 65 -14.48 4.35 6.70
N LYS A 66 -14.47 5.50 7.39
CA LYS A 66 -14.43 5.58 8.88
C LYS A 66 -15.62 4.94 9.65
N ALA A 67 -16.85 4.99 9.12
CA ALA A 67 -17.95 4.09 9.58
C ALA A 67 -17.74 2.57 9.32
N LYS A 68 -17.15 2.16 8.19
CA LYS A 68 -16.90 0.72 7.88
C LYS A 68 -15.67 0.09 8.62
N HIS A 69 -14.49 0.74 8.65
CA HIS A 69 -13.31 0.26 9.42
C HIS A 69 -12.71 1.41 10.32
N PRO A 70 -12.10 1.14 11.50
CA PRO A 70 -11.96 2.18 12.60
C PRO A 70 -11.08 3.40 12.28
N ASP A 71 -9.76 3.24 12.17
CA ASP A 71 -8.92 4.15 11.35
C ASP A 71 -7.84 3.38 10.52
N GLU A 72 -8.26 2.28 9.82
CA GLU A 72 -7.29 1.39 9.14
C GLU A 72 -6.57 2.00 7.88
N LYS A 73 -7.25 2.77 7.02
CA LYS A 73 -6.60 3.46 5.87
C LYS A 73 -5.91 4.77 6.30
N PHE A 74 -4.74 5.09 5.70
CA PHE A 74 -3.99 6.33 6.02
C PHE A 74 -4.77 7.64 5.60
N PRO A 75 -4.83 8.71 6.43
CA PRO A 75 -5.59 9.97 6.07
C PRO A 75 -4.87 10.87 5.03
N ALA A 76 -4.97 10.45 3.77
CA ALA A 76 -4.33 11.12 2.63
C ALA A 76 -5.29 12.09 1.88
N PHE A 77 -4.80 13.30 1.63
CA PHE A 77 -5.48 14.31 0.78
C PHE A 77 -4.95 14.29 -0.71
N PRO A 78 -5.67 14.83 -1.73
CA PRO A 78 -5.10 14.95 -3.12
C PRO A 78 -4.09 16.12 -3.27
N GLY A 79 -2.80 15.77 -3.37
CA GLY A 79 -1.71 16.76 -3.41
C GLY A 79 -0.56 16.28 -4.29
N PHE A 1 -5.62 -10.64 13.04
CA PHE A 1 -6.96 -10.11 12.66
C PHE A 1 -7.00 -9.63 11.18
N ASN A 2 -8.22 -9.59 10.61
CA ASN A 2 -8.46 -8.98 9.27
C ASN A 2 -8.19 -7.44 9.18
N VAL A 3 -8.64 -6.67 10.18
CA VAL A 3 -8.27 -5.24 10.33
C VAL A 3 -6.78 -5.07 10.78
N LYS A 4 -5.95 -4.45 9.93
CA LYS A 4 -4.51 -4.23 10.23
C LYS A 4 -4.02 -2.85 9.68
N GLN A 5 -3.35 -2.08 10.57
CA GLN A 5 -2.73 -0.78 10.22
C GLN A 5 -1.56 -0.85 9.18
N LYS A 6 -1.23 0.33 8.64
CA LYS A 6 -0.50 0.44 7.35
C LYS A 6 1.03 0.16 7.46
N SER A 7 1.55 -0.60 6.50
CA SER A 7 2.97 -1.05 6.49
C SER A 7 3.65 -0.56 5.20
N GLU A 8 4.52 0.45 5.29
CA GLU A 8 5.22 1.04 4.11
C GLU A 8 6.75 0.76 4.20
N ILE A 9 7.25 -0.26 3.46
CA ILE A 9 8.67 -0.69 3.55
C ILE A 9 9.43 -0.27 2.23
N THR A 10 10.70 0.10 2.42
CA THR A 10 11.62 0.56 1.35
C THR A 10 12.01 -0.50 0.26
N ALA A 11 12.59 0.02 -0.84
CA ALA A 11 12.99 -0.78 -2.01
C ALA A 11 14.26 -1.66 -1.80
N LEU A 12 14.11 -2.96 -2.05
CA LEU A 12 15.18 -3.96 -1.91
C LEU A 12 15.73 -4.38 -3.31
N VAL A 13 17.00 -4.79 -3.30
CA VAL A 13 17.64 -5.58 -4.39
C VAL A 13 16.93 -6.96 -4.60
N LYS A 14 16.57 -7.27 -5.86
CA LYS A 14 15.74 -8.47 -6.16
C LYS A 14 16.56 -9.80 -6.14
N GLU A 15 15.88 -10.85 -5.69
CA GLU A 15 16.51 -12.10 -5.20
C GLU A 15 16.79 -13.07 -6.38
N VAL A 16 18.07 -13.25 -6.73
CA VAL A 16 18.53 -13.98 -7.94
C VAL A 16 19.26 -15.31 -7.51
N THR A 17 19.10 -16.40 -8.27
CA THR A 17 19.72 -17.73 -7.95
C THR A 17 21.29 -17.75 -7.97
N PRO A 18 22.07 -17.36 -9.02
CA PRO A 18 23.54 -17.12 -8.85
C PRO A 18 23.89 -15.79 -8.09
N PRO A 19 25.14 -15.54 -7.61
CA PRO A 19 25.47 -14.30 -6.82
C PRO A 19 25.50 -12.99 -7.66
N ARG A 20 24.30 -12.46 -7.88
CA ARG A 20 24.05 -11.20 -8.62
C ARG A 20 22.99 -10.34 -7.85
N LYS A 21 23.08 -9.02 -7.96
CA LYS A 21 22.17 -8.09 -7.23
C LYS A 21 21.47 -7.13 -8.23
N ALA A 22 20.18 -7.38 -8.50
CA ALA A 22 19.38 -6.56 -9.44
C ALA A 22 18.71 -5.34 -8.74
N PRO A 23 19.01 -4.06 -9.08
CA PRO A 23 18.44 -2.88 -8.34
C PRO A 23 16.99 -2.52 -8.73
N SER A 24 16.06 -3.32 -8.20
CA SER A 24 14.63 -3.27 -8.57
C SER A 24 13.83 -2.23 -7.75
N LYS A 25 12.81 -1.64 -8.38
CA LYS A 25 11.90 -0.69 -7.71
C LYS A 25 10.81 -1.48 -6.92
N ALA A 26 11.08 -1.71 -5.63
CA ALA A 26 10.19 -2.49 -4.74
C ALA A 26 9.47 -1.57 -3.73
N LYS A 27 8.17 -1.75 -3.59
CA LYS A 27 7.38 -1.03 -2.57
C LYS A 27 6.44 -2.06 -1.87
N ARG A 28 6.53 -2.16 -0.54
CA ARG A 28 5.67 -3.06 0.27
C ARG A 28 4.67 -2.13 1.02
N GLU A 29 3.42 -2.03 0.55
CA GLU A 29 2.50 -0.95 0.98
C GLU A 29 1.05 -1.50 1.17
N ALA A 30 0.40 -1.10 2.26
CA ALA A 30 -1.03 -1.41 2.48
C ALA A 30 -2.01 -0.31 1.99
N PRO A 31 -2.97 -0.57 1.06
CA PRO A 31 -4.05 0.41 0.73
C PRO A 31 -5.32 0.20 1.58
N ILE A 32 -6.39 -0.40 1.02
CA ILE A 32 -7.72 -0.49 1.69
C ILE A 32 -8.20 -1.97 1.79
N LYS A 33 -8.58 -2.40 2.99
CA LYS A 33 -9.25 -3.73 3.21
C LYS A 33 -10.74 -3.83 2.76
N TYR A 34 -11.45 -2.70 2.60
CA TYR A 34 -12.81 -2.68 1.98
C TYR A 34 -12.87 -3.17 0.48
N TRP A 35 -11.94 -2.73 -0.38
CA TRP A 35 -11.84 -3.23 -1.77
C TRP A 35 -10.95 -4.50 -1.94
N LEU A 36 -9.73 -4.55 -1.37
CA LEU A 36 -8.82 -5.71 -1.53
C LEU A 36 -8.80 -6.62 -0.26
N PRO A 37 -8.86 -7.98 -0.32
CA PRO A 37 -8.76 -8.84 0.91
C PRO A 37 -7.39 -8.91 1.67
N HIS A 38 -6.32 -8.28 1.16
CA HIS A 38 -5.00 -8.20 1.83
C HIS A 38 -4.45 -6.75 1.76
N SER A 39 -4.37 -6.07 2.91
CA SER A 39 -3.72 -4.75 3.04
C SER A 39 -2.21 -4.91 3.37
N GLY A 40 -1.38 -4.98 2.31
CA GLY A 40 0.09 -5.09 2.43
C GLY A 40 0.68 -5.86 1.24
N ALA A 41 0.94 -5.16 0.13
CA ALA A 41 1.36 -5.80 -1.15
C ALA A 41 2.80 -5.39 -1.56
N THR A 42 3.69 -6.39 -1.70
CA THR A 42 5.06 -6.19 -2.25
C THR A 42 5.11 -6.41 -3.78
N TRP A 43 5.45 -5.36 -4.54
CA TRP A 43 5.74 -5.48 -6.00
C TRP A 43 7.22 -5.10 -6.25
N SER A 44 8.10 -6.10 -6.41
CA SER A 44 9.50 -5.88 -6.82
C SER A 44 9.65 -5.91 -8.36
N GLY A 45 9.62 -4.73 -9.00
CA GLY A 45 9.74 -4.62 -10.47
C GLY A 45 9.31 -3.26 -11.01
N ARG A 46 8.00 -3.14 -11.31
CA ARG A 46 7.40 -1.83 -11.68
C ARG A 46 7.15 -0.97 -10.42
N GLY A 47 7.50 0.33 -10.53
CA GLY A 47 7.40 1.26 -9.38
C GLY A 47 5.98 1.74 -9.06
N LYS A 48 5.22 0.88 -8.38
CA LYS A 48 3.86 1.21 -7.88
C LYS A 48 3.94 2.00 -6.54
N ILE A 49 3.28 3.16 -6.48
CA ILE A 49 3.04 3.89 -5.21
C ILE A 49 1.50 4.23 -5.22
N PRO A 50 0.60 3.66 -4.36
CA PRO A 50 -0.85 4.04 -4.37
C PRO A 50 -1.23 5.34 -3.61
N LYS A 51 -0.42 6.39 -3.82
CA LYS A 51 -0.71 7.76 -3.33
C LYS A 51 -1.87 8.47 -4.10
N PRO A 52 -2.01 8.56 -5.46
CA PRO A 52 -3.33 8.96 -6.09
C PRO A 52 -4.55 8.04 -5.83
N PHE A 53 -4.36 6.73 -5.59
CA PHE A 53 -5.44 5.83 -5.12
C PHE A 53 -5.87 6.11 -3.66
N GLU A 54 -5.01 5.95 -2.64
CA GLU A 54 -5.38 6.26 -1.23
C GLU A 54 -5.70 7.76 -0.90
N ALA A 55 -5.26 8.72 -1.72
CA ALA A 55 -5.78 10.10 -1.71
C ALA A 55 -7.21 10.26 -2.33
N TRP A 56 -7.49 9.76 -3.55
CA TRP A 56 -8.88 9.80 -4.12
C TRP A 56 -9.92 8.86 -3.44
N ILE A 57 -9.52 7.68 -2.97
CA ILE A 57 -10.27 6.90 -1.92
C ILE A 57 -10.39 7.63 -0.51
N GLY A 58 -9.77 8.79 -0.28
CA GLY A 58 -10.02 9.63 0.92
C GLY A 58 -10.58 11.05 0.73
N THR A 59 -10.49 11.67 -0.48
CA THR A 59 -11.02 13.04 -0.75
C THR A 59 -12.53 13.27 -0.33
N ALA A 60 -13.40 12.33 -0.72
CA ALA A 60 -14.78 12.25 -0.18
C ALA A 60 -15.13 10.90 0.52
N ALA A 61 -14.61 9.76 0.05
CA ALA A 61 -14.89 8.43 0.65
C ALA A 61 -14.46 8.17 2.12
N TYR A 62 -13.43 8.87 2.64
CA TYR A 62 -13.04 8.82 4.08
C TYR A 62 -14.19 8.90 5.13
N THR A 63 -15.16 9.81 4.98
CA THR A 63 -16.36 9.84 5.85
C THR A 63 -17.27 8.57 5.84
N ALA A 64 -17.45 7.91 4.67
CA ALA A 64 -18.06 6.57 4.62
C ALA A 64 -17.13 5.40 5.08
N TRP A 65 -15.84 5.43 4.69
CA TRP A 65 -14.78 4.49 5.14
C TRP A 65 -14.57 4.38 6.69
N LYS A 66 -14.55 5.52 7.39
CA LYS A 66 -14.52 5.57 8.88
C LYS A 66 -15.74 4.91 9.62
N ALA A 67 -16.95 4.92 9.03
CA ALA A 67 -18.05 4.02 9.48
C ALA A 67 -17.87 2.49 9.15
N LYS A 68 -17.30 2.11 8.00
CA LYS A 68 -16.97 0.68 7.70
C LYS A 68 -15.77 0.05 8.49
N HIS A 69 -14.71 0.82 8.79
CA HIS A 69 -13.51 0.33 9.50
C HIS A 69 -12.92 1.47 10.43
N PRO A 70 -12.24 1.19 11.58
CA PRO A 70 -11.97 2.22 12.64
C PRO A 70 -11.00 3.37 12.26
N ASP A 71 -9.69 3.13 12.27
CA ASP A 71 -8.70 4.04 11.62
C ASP A 71 -7.66 3.24 10.76
N GLU A 72 -8.10 2.20 10.03
CA GLU A 72 -7.16 1.32 9.28
C GLU A 72 -6.44 2.02 8.05
N LYS A 73 -7.21 2.71 7.20
CA LYS A 73 -6.70 3.49 6.03
C LYS A 73 -5.98 4.79 6.45
N PHE A 74 -4.89 5.13 5.73
CA PHE A 74 -4.09 6.35 6.07
C PHE A 74 -4.81 7.68 5.68
N PRO A 75 -4.95 8.72 6.54
CA PRO A 75 -5.72 9.97 6.19
C PRO A 75 -4.99 10.91 5.19
N ALA A 76 -5.11 10.55 3.90
CA ALA A 76 -4.38 11.22 2.81
C ALA A 76 -5.30 12.13 1.94
N PHE A 77 -4.81 13.35 1.69
CA PHE A 77 -5.47 14.33 0.79
C PHE A 77 -4.89 14.31 -0.68
N PRO A 78 -5.56 14.83 -1.74
CA PRO A 78 -4.97 14.90 -3.11
C PRO A 78 -3.98 16.08 -3.28
N GLY A 79 -2.68 15.75 -3.19
CA GLY A 79 -1.59 16.76 -3.23
C GLY A 79 -0.29 16.17 -3.77
N PHE A 1 -4.21 -10.23 8.86
CA PHE A 1 -5.49 -10.26 9.63
C PHE A 1 -6.61 -9.41 8.96
N ASN A 2 -7.85 -9.50 9.47
CA ASN A 2 -9.00 -8.71 8.95
C ASN A 2 -8.95 -7.17 9.19
N VAL A 3 -8.61 -6.72 10.41
CA VAL A 3 -8.20 -5.31 10.66
C VAL A 3 -6.65 -5.24 10.79
N LYS A 4 -5.98 -4.52 9.88
CA LYS A 4 -4.49 -4.39 9.93
C LYS A 4 -4.05 -2.98 9.47
N GLN A 5 -3.47 -2.20 10.40
CA GLN A 5 -2.92 -0.85 10.12
C GLN A 5 -1.70 -0.84 9.15
N LYS A 6 -1.50 0.30 8.47
CA LYS A 6 -0.72 0.34 7.21
C LYS A 6 0.82 0.20 7.38
N SER A 7 1.49 -0.30 6.34
CA SER A 7 2.92 -0.65 6.38
C SER A 7 3.62 -0.23 5.06
N GLU A 8 4.25 0.95 5.06
CA GLU A 8 4.96 1.48 3.86
C GLU A 8 6.50 1.29 4.04
N ILE A 9 7.08 0.30 3.33
CA ILE A 9 8.52 -0.07 3.49
C ILE A 9 9.30 0.36 2.20
N THR A 10 10.52 0.87 2.44
CA THR A 10 11.44 1.36 1.38
C THR A 10 12.06 0.23 0.51
N ALA A 11 12.54 0.61 -0.68
CA ALA A 11 13.01 -0.31 -1.72
C ALA A 11 14.24 -1.20 -1.36
N LEU A 12 13.96 -2.50 -1.21
CA LEU A 12 14.99 -3.55 -1.08
C LEU A 12 15.38 -4.12 -2.49
N VAL A 13 16.42 -4.96 -2.48
CA VAL A 13 16.72 -5.92 -3.58
C VAL A 13 15.51 -6.85 -3.97
N LYS A 14 15.43 -7.24 -5.25
CA LYS A 14 14.43 -8.24 -5.73
C LYS A 14 14.79 -9.68 -5.27
N GLU A 15 13.77 -10.52 -5.04
CA GLU A 15 13.95 -11.87 -4.45
C GLU A 15 14.60 -12.90 -5.44
N VAL A 16 15.74 -13.48 -5.03
CA VAL A 16 16.55 -14.39 -5.88
C VAL A 16 16.77 -15.72 -5.07
N THR A 17 16.48 -16.88 -5.68
CA THR A 17 16.73 -18.21 -5.06
C THR A 17 18.25 -18.63 -5.03
N PRO A 18 19.08 -18.64 -6.12
CA PRO A 18 20.57 -18.81 -5.98
C PRO A 18 21.32 -17.61 -5.30
N PRO A 19 22.61 -17.71 -4.85
CA PRO A 19 23.26 -16.61 -4.06
C PRO A 19 23.69 -15.36 -4.89
N ARG A 20 22.68 -14.52 -5.18
CA ARG A 20 22.80 -13.37 -6.09
C ARG A 20 21.80 -12.24 -5.71
N LYS A 21 22.03 -11.02 -6.22
CA LYS A 21 21.26 -9.82 -5.83
C LYS A 21 20.82 -8.98 -7.06
N ALA A 22 19.51 -8.84 -7.27
CA ALA A 22 18.95 -8.10 -8.41
C ALA A 22 18.44 -6.68 -7.97
N PRO A 23 19.01 -5.53 -8.45
CA PRO A 23 18.60 -4.17 -7.95
C PRO A 23 17.35 -3.58 -8.65
N SER A 24 16.17 -4.02 -8.20
CA SER A 24 14.87 -3.58 -8.77
C SER A 24 14.12 -2.58 -7.84
N LYS A 25 13.05 -1.94 -8.37
CA LYS A 25 12.24 -0.97 -7.60
C LYS A 25 11.17 -1.72 -6.76
N ALA A 26 11.45 -1.88 -5.45
CA ALA A 26 10.52 -2.55 -4.51
C ALA A 26 9.67 -1.51 -3.74
N LYS A 27 8.36 -1.72 -3.72
CA LYS A 27 7.44 -0.85 -2.96
C LYS A 27 6.35 -1.73 -2.28
N ARG A 28 6.35 -1.71 -0.94
CA ARG A 28 5.47 -2.54 -0.11
C ARG A 28 4.49 -1.55 0.61
N GLU A 29 3.21 -1.57 0.25
CA GLU A 29 2.22 -0.63 0.81
C GLU A 29 0.85 -1.35 1.03
N ALA A 30 0.22 -1.04 2.15
CA ALA A 30 -1.20 -1.37 2.39
C ALA A 30 -2.17 -0.26 1.90
N PRO A 31 -3.18 -0.55 1.04
CA PRO A 31 -4.32 0.40 0.78
C PRO A 31 -5.55 0.06 1.69
N ILE A 32 -6.64 -0.45 1.12
CA ILE A 32 -7.95 -0.59 1.81
C ILE A 32 -8.41 -2.07 1.83
N LYS A 33 -8.82 -2.57 3.01
CA LYS A 33 -9.53 -3.88 3.15
C LYS A 33 -10.93 -3.99 2.45
N TYR A 34 -11.63 -2.86 2.26
CA TYR A 34 -12.89 -2.80 1.49
C TYR A 34 -12.80 -3.19 -0.03
N TRP A 35 -11.76 -2.71 -0.75
CA TRP A 35 -11.48 -3.15 -2.15
C TRP A 35 -10.70 -4.50 -2.24
N LEU A 36 -9.64 -4.72 -1.44
CA LEU A 36 -8.80 -5.93 -1.52
C LEU A 36 -8.90 -6.75 -0.18
N PRO A 37 -9.05 -8.10 -0.15
CA PRO A 37 -9.05 -8.87 1.15
C PRO A 37 -7.73 -8.96 1.97
N HIS A 38 -6.64 -8.32 1.52
CA HIS A 38 -5.35 -8.21 2.22
C HIS A 38 -4.75 -6.80 1.95
N SER A 39 -4.63 -5.95 2.98
CA SER A 39 -3.92 -4.66 2.83
C SER A 39 -2.39 -4.82 3.08
N GLY A 40 -1.63 -4.90 1.98
CA GLY A 40 -0.17 -5.05 2.01
C GLY A 40 0.29 -5.85 0.77
N ALA A 41 0.56 -5.14 -0.33
CA ALA A 41 0.95 -5.76 -1.62
C ALA A 41 2.39 -5.34 -2.00
N THR A 42 3.30 -6.32 -2.01
CA THR A 42 4.72 -6.11 -2.42
C THR A 42 4.91 -6.17 -3.95
N TRP A 43 5.18 -5.02 -4.60
CA TRP A 43 5.59 -5.03 -6.03
C TRP A 43 7.14 -4.83 -6.11
N SER A 44 7.87 -5.90 -6.49
CA SER A 44 9.34 -5.84 -6.72
C SER A 44 9.66 -5.86 -8.24
N GLY A 45 9.71 -4.66 -8.86
CA GLY A 45 9.95 -4.54 -10.32
C GLY A 45 9.57 -3.16 -10.88
N ARG A 46 8.31 -3.01 -11.29
CA ARG A 46 7.73 -1.71 -11.73
C ARG A 46 7.39 -0.81 -10.51
N GLY A 47 7.57 0.52 -10.68
CA GLY A 47 7.36 1.49 -9.58
C GLY A 47 5.89 1.79 -9.23
N LYS A 48 5.26 0.83 -8.54
CA LYS A 48 3.88 0.98 -7.99
C LYS A 48 3.94 1.67 -6.60
N ILE A 49 3.19 2.77 -6.44
CA ILE A 49 2.90 3.38 -5.11
C ILE A 49 1.37 3.72 -5.14
N PRO A 50 0.47 3.20 -4.26
CA PRO A 50 -0.97 3.62 -4.26
C PRO A 50 -1.30 5.00 -3.60
N LYS A 51 -0.51 6.02 -3.97
CA LYS A 51 -0.73 7.41 -3.53
C LYS A 51 -1.92 8.11 -4.24
N PRO A 52 -2.15 8.16 -5.58
CA PRO A 52 -3.47 8.59 -6.14
C PRO A 52 -4.70 7.69 -5.84
N PHE A 53 -4.53 6.37 -5.58
CA PHE A 53 -5.61 5.51 -5.07
C PHE A 53 -6.00 5.82 -3.61
N GLU A 54 -5.10 5.65 -2.62
CA GLU A 54 -5.40 6.01 -1.20
C GLU A 54 -5.75 7.52 -0.93
N ALA A 55 -5.25 8.46 -1.75
CA ALA A 55 -5.73 9.86 -1.77
C ALA A 55 -7.17 10.04 -2.31
N TRP A 56 -7.54 9.54 -3.51
CA TRP A 56 -8.97 9.58 -3.96
C TRP A 56 -9.95 8.71 -3.11
N ILE A 57 -9.51 7.52 -2.65
CA ILE A 57 -10.18 6.77 -1.53
C ILE A 57 -10.15 7.50 -0.10
N GLY A 58 -9.54 8.68 0.04
CA GLY A 58 -9.76 9.57 1.20
C GLY A 58 -10.35 10.97 0.94
N THR A 59 -10.18 11.58 -0.24
CA THR A 59 -10.66 12.98 -0.55
C THR A 59 -12.15 13.28 -0.16
N ALA A 60 -13.06 12.39 -0.55
CA ALA A 60 -14.46 12.34 -0.03
C ALA A 60 -14.86 11.00 0.65
N ALA A 61 -14.32 9.85 0.19
CA ALA A 61 -14.60 8.52 0.78
C ALA A 61 -14.25 8.26 2.26
N TYR A 62 -13.24 8.95 2.84
CA TYR A 62 -12.91 8.86 4.29
C TYR A 62 -14.11 8.97 5.29
N THR A 63 -15.06 9.89 5.10
CA THR A 63 -16.30 9.94 5.93
C THR A 63 -17.24 8.69 5.85
N ALA A 64 -17.35 8.04 4.67
CA ALA A 64 -17.99 6.69 4.59
C ALA A 64 -17.10 5.51 5.10
N TRP A 65 -15.80 5.51 4.76
CA TRP A 65 -14.81 4.54 5.25
C TRP A 65 -14.62 4.44 6.80
N LYS A 66 -14.57 5.59 7.49
CA LYS A 66 -14.57 5.67 8.97
C LYS A 66 -15.81 5.09 9.73
N ALA A 67 -17.01 5.08 9.12
CA ALA A 67 -18.12 4.22 9.57
C ALA A 67 -17.92 2.68 9.35
N LYS A 68 -17.33 2.23 8.23
CA LYS A 68 -17.09 0.77 7.98
C LYS A 68 -15.88 0.14 8.74
N HIS A 69 -14.71 0.79 8.75
CA HIS A 69 -13.55 0.40 9.60
C HIS A 69 -13.04 1.64 10.43
N PRO A 70 -12.27 1.50 11.54
CA PRO A 70 -11.81 2.70 12.35
C PRO A 70 -10.67 3.47 11.65
N ASP A 71 -9.48 3.61 12.25
CA ASP A 71 -8.28 4.14 11.56
C ASP A 71 -7.37 2.95 11.10
N GLU A 72 -7.92 2.17 10.15
CA GLU A 72 -7.13 1.20 9.36
C GLU A 72 -6.37 1.91 8.19
N LYS A 73 -7.11 2.53 7.24
CA LYS A 73 -6.51 3.30 6.12
C LYS A 73 -5.86 4.63 6.56
N PHE A 74 -4.67 4.93 6.03
CA PHE A 74 -3.92 6.17 6.36
C PHE A 74 -4.64 7.46 5.84
N PRO A 75 -4.77 8.59 6.58
CA PRO A 75 -5.48 9.82 6.09
C PRO A 75 -4.70 10.62 5.02
N ALA A 76 -4.76 10.11 3.79
CA ALA A 76 -4.05 10.68 2.63
C ALA A 76 -4.93 11.69 1.82
N PHE A 77 -4.32 12.82 1.49
CA PHE A 77 -4.93 13.87 0.63
C PHE A 77 -4.36 13.88 -0.83
N PRO A 78 -5.04 14.45 -1.87
CA PRO A 78 -4.44 14.56 -3.24
C PRO A 78 -3.41 15.72 -3.35
N GLY A 79 -2.11 15.35 -3.38
CA GLY A 79 -1.01 16.33 -3.40
C GLY A 79 0.19 15.82 -4.18
N PHE A 1 -7.08 -11.03 14.53
CA PHE A 1 -8.21 -10.55 13.71
C PHE A 1 -7.77 -9.83 12.40
N ASN A 2 -8.75 -9.61 11.49
CA ASN A 2 -8.52 -8.92 10.19
C ASN A 2 -8.10 -7.42 10.27
N VAL A 3 -8.67 -6.65 11.20
CA VAL A 3 -8.40 -5.19 11.33
C VAL A 3 -6.94 -4.90 11.80
N LYS A 4 -6.13 -4.33 10.88
CA LYS A 4 -4.66 -4.19 11.09
C LYS A 4 -4.13 -2.97 10.30
N GLN A 5 -3.46 -2.04 10.99
CA GLN A 5 -2.94 -0.78 10.39
C GLN A 5 -1.81 -0.97 9.33
N LYS A 6 -1.50 0.11 8.61
CA LYS A 6 -0.75 0.06 7.33
C LYS A 6 0.80 -0.01 7.49
N SER A 7 1.45 -0.68 6.53
CA SER A 7 2.92 -0.84 6.46
C SER A 7 3.44 -0.32 5.09
N GLU A 8 4.35 0.64 5.08
CA GLU A 8 4.92 1.18 3.83
C GLU A 8 6.46 0.98 3.86
N ILE A 9 6.96 -0.12 3.26
CA ILE A 9 8.36 -0.60 3.50
C ILE A 9 9.21 -0.41 2.18
N THR A 10 10.48 -0.04 2.40
CA THR A 10 11.40 0.45 1.36
C THR A 10 11.87 -0.57 0.28
N ALA A 11 12.52 -0.02 -0.77
CA ALA A 11 13.03 -0.79 -1.91
C ALA A 11 14.30 -1.63 -1.63
N LEU A 12 14.18 -2.95 -1.86
CA LEU A 12 15.27 -3.93 -1.69
C LEU A 12 15.96 -4.25 -3.06
N VAL A 13 17.28 -4.42 -2.99
CA VAL A 13 18.13 -4.82 -4.15
C VAL A 13 17.82 -6.27 -4.68
N LYS A 14 17.73 -6.44 -6.00
CA LYS A 14 16.97 -7.59 -6.59
C LYS A 14 17.65 -8.98 -6.46
N GLU A 15 16.80 -10.00 -6.32
CA GLU A 15 17.18 -11.38 -5.96
C GLU A 15 17.66 -12.17 -7.21
N VAL A 16 18.94 -12.58 -7.23
CA VAL A 16 19.58 -13.21 -8.42
C VAL A 16 20.68 -14.22 -7.90
N THR A 17 20.77 -15.42 -8.50
CA THR A 17 21.68 -16.52 -8.03
C THR A 17 23.21 -16.17 -7.90
N PRO A 18 23.97 -15.59 -8.88
CA PRO A 18 25.35 -15.06 -8.61
C PRO A 18 25.36 -13.70 -7.85
N PRO A 19 26.48 -13.22 -7.22
CA PRO A 19 26.50 -11.93 -6.46
C PRO A 19 26.39 -10.63 -7.32
N ARG A 20 25.17 -10.39 -7.84
CA ARG A 20 24.89 -9.30 -8.79
C ARG A 20 23.53 -8.66 -8.42
N LYS A 21 23.55 -7.39 -8.00
CA LYS A 21 22.37 -6.74 -7.35
C LYS A 21 21.89 -5.52 -8.19
N ALA A 22 20.89 -5.75 -9.06
CA ALA A 22 20.25 -4.65 -9.83
C ALA A 22 19.29 -3.74 -8.98
N PRO A 23 19.22 -2.39 -9.17
CA PRO A 23 18.27 -1.53 -8.39
C PRO A 23 16.81 -1.60 -8.93
N SER A 24 16.10 -2.63 -8.47
CA SER A 24 14.65 -2.80 -8.71
C SER A 24 13.79 -1.88 -7.81
N LYS A 25 12.71 -1.35 -8.38
CA LYS A 25 11.76 -0.49 -7.65
C LYS A 25 10.77 -1.39 -6.82
N ALA A 26 11.12 -1.61 -5.55
CA ALA A 26 10.37 -2.50 -4.64
C ALA A 26 9.54 -1.69 -3.63
N LYS A 27 8.21 -1.88 -3.63
CA LYS A 27 7.29 -1.08 -2.80
C LYS A 27 6.24 -2.03 -2.12
N ARG A 28 6.29 -2.07 -0.79
CA ARG A 28 5.38 -2.91 0.03
C ARG A 28 4.40 -1.97 0.79
N GLU A 29 3.23 -1.69 0.22
CA GLU A 29 2.31 -0.66 0.77
C GLU A 29 0.89 -1.27 0.97
N ALA A 30 0.29 -1.04 2.14
CA ALA A 30 -1.13 -1.33 2.38
C ALA A 30 -2.08 -0.15 2.03
N PRO A 31 -3.09 -0.32 1.14
CA PRO A 31 -4.21 0.65 1.00
C PRO A 31 -5.46 0.18 1.81
N ILE A 32 -6.56 -0.21 1.14
CA ILE A 32 -7.88 -0.43 1.79
C ILE A 32 -8.29 -1.94 1.83
N LYS A 33 -8.77 -2.37 3.01
CA LYS A 33 -9.40 -3.72 3.19
C LYS A 33 -10.81 -3.92 2.55
N TYR A 34 -11.63 -2.85 2.49
CA TYR A 34 -12.95 -2.86 1.82
C TYR A 34 -12.95 -3.23 0.29
N TRP A 35 -11.92 -2.81 -0.46
CA TRP A 35 -11.68 -3.28 -1.84
C TRP A 35 -10.76 -4.54 -1.93
N LEU A 36 -9.58 -4.55 -1.28
CA LEU A 36 -8.59 -5.65 -1.41
C LEU A 36 -8.53 -6.50 -0.09
N PRO A 37 -8.77 -7.83 -0.04
CA PRO A 37 -8.76 -8.61 1.25
C PRO A 37 -7.43 -8.73 2.03
N HIS A 38 -6.28 -8.62 1.33
CA HIS A 38 -4.97 -8.40 1.95
C HIS A 38 -4.50 -6.96 1.59
N SER A 39 -4.57 -6.00 2.54
CA SER A 39 -3.86 -4.70 2.39
C SER A 39 -2.35 -4.86 2.75
N GLY A 40 -1.48 -4.84 1.74
CA GLY A 40 -0.01 -4.90 1.95
C GLY A 40 0.68 -5.85 0.97
N ALA A 41 0.89 -5.38 -0.27
CA ALA A 41 1.40 -6.23 -1.36
C ALA A 41 2.81 -5.78 -1.83
N THR A 42 3.72 -6.76 -2.02
CA THR A 42 5.12 -6.50 -2.44
C THR A 42 5.27 -6.48 -3.98
N TRP A 43 5.41 -5.30 -4.59
CA TRP A 43 5.72 -5.19 -6.04
C TRP A 43 7.22 -4.81 -6.23
N SER A 44 8.04 -5.80 -6.64
CA SER A 44 9.46 -5.57 -6.99
C SER A 44 9.71 -5.59 -8.52
N GLY A 45 9.67 -4.41 -9.16
CA GLY A 45 9.84 -4.29 -10.62
C GLY A 45 9.41 -2.91 -11.15
N ARG A 46 8.09 -2.77 -11.39
CA ARG A 46 7.47 -1.44 -11.70
C ARG A 46 7.28 -0.60 -10.41
N GLY A 47 7.46 0.72 -10.52
CA GLY A 47 7.22 1.67 -9.41
C GLY A 47 5.74 1.90 -9.03
N LYS A 48 5.21 0.95 -8.24
CA LYS A 48 3.87 1.06 -7.61
C LYS A 48 3.99 1.85 -6.29
N ILE A 49 3.58 3.13 -6.30
CA ILE A 49 3.38 3.92 -5.05
C ILE A 49 1.82 4.19 -5.00
N PRO A 50 0.99 3.60 -4.11
CA PRO A 50 -0.50 3.84 -4.11
C PRO A 50 -1.02 5.12 -3.39
N LYS A 51 -0.25 6.21 -3.52
CA LYS A 51 -0.69 7.58 -3.14
C LYS A 51 -1.82 8.14 -4.06
N PRO A 52 -1.78 8.25 -5.42
CA PRO A 52 -2.99 8.66 -6.23
C PRO A 52 -4.29 7.78 -6.12
N PHE A 53 -4.16 6.48 -5.78
CA PHE A 53 -5.32 5.67 -5.32
C PHE A 53 -5.79 6.03 -3.88
N GLU A 54 -4.96 5.84 -2.83
CA GLU A 54 -5.39 6.14 -1.43
C GLU A 54 -5.74 7.63 -1.09
N ALA A 55 -5.18 8.59 -1.83
CA ALA A 55 -5.64 10.01 -1.85
C ALA A 55 -7.06 10.23 -2.42
N TRP A 56 -7.39 9.72 -3.62
CA TRP A 56 -8.79 9.76 -4.13
C TRP A 56 -9.81 8.82 -3.40
N ILE A 57 -9.39 7.65 -2.91
CA ILE A 57 -10.09 6.91 -1.82
C ILE A 57 -10.20 7.65 -0.42
N GLY A 58 -9.61 8.84 -0.23
CA GLY A 58 -9.89 9.72 0.93
C GLY A 58 -10.46 11.13 0.66
N THR A 59 -10.43 11.66 -0.57
CA THR A 59 -11.01 13.01 -0.91
C THR A 59 -12.50 13.23 -0.45
N ALA A 60 -13.37 12.27 -0.78
CA ALA A 60 -14.75 12.21 -0.23
C ALA A 60 -15.12 10.87 0.50
N ALA A 61 -14.53 9.73 0.11
CA ALA A 61 -14.79 8.42 0.75
C ALA A 61 -14.32 8.20 2.20
N TYR A 62 -13.33 8.95 2.70
CA TYR A 62 -12.90 8.92 4.13
C TYR A 62 -14.02 8.96 5.20
N THR A 63 -15.02 9.85 5.09
CA THR A 63 -16.19 9.84 6.02
C THR A 63 -17.10 8.56 5.98
N ALA A 64 -17.31 7.95 4.79
CA ALA A 64 -17.91 6.59 4.71
C ALA A 64 -16.97 5.45 5.20
N TRP A 65 -15.71 5.45 4.75
CA TRP A 65 -14.67 4.49 5.21
C TRP A 65 -14.42 4.42 6.75
N LYS A 66 -14.32 5.58 7.41
CA LYS A 66 -14.27 5.68 8.90
C LYS A 66 -15.54 5.17 9.68
N ALA A 67 -16.73 5.12 9.06
CA ALA A 67 -17.88 4.33 9.56
C ALA A 67 -17.82 2.79 9.27
N LYS A 68 -17.34 2.34 8.08
CA LYS A 68 -17.12 0.88 7.81
C LYS A 68 -15.99 0.21 8.67
N HIS A 69 -14.82 0.85 8.79
CA HIS A 69 -13.67 0.34 9.57
C HIS A 69 -13.08 1.48 10.48
N PRO A 70 -12.43 1.21 11.65
CA PRO A 70 -12.15 2.26 12.69
C PRO A 70 -11.12 3.33 12.27
N ASP A 71 -9.81 3.06 12.36
CA ASP A 71 -8.78 3.88 11.66
C ASP A 71 -7.77 2.93 10.96
N GLU A 72 -8.26 2.08 10.01
CA GLU A 72 -7.36 1.17 9.27
C GLU A 72 -6.64 1.84 8.05
N LYS A 73 -7.39 2.56 7.20
CA LYS A 73 -6.87 3.31 6.03
C LYS A 73 -6.06 4.58 6.39
N PHE A 74 -4.98 4.87 5.63
CA PHE A 74 -4.12 6.06 5.90
C PHE A 74 -4.82 7.40 5.48
N PRO A 75 -4.84 8.50 6.30
CA PRO A 75 -5.54 9.78 5.93
C PRO A 75 -4.80 10.64 4.86
N ALA A 76 -4.84 10.15 3.62
CA ALA A 76 -4.20 10.79 2.47
C ALA A 76 -5.17 11.73 1.70
N PHE A 77 -4.68 12.93 1.40
CA PHE A 77 -5.40 13.94 0.59
C PHE A 77 -4.81 14.06 -0.88
N PRO A 78 -5.52 14.60 -1.90
CA PRO A 78 -4.90 14.86 -3.24
C PRO A 78 -3.95 16.08 -3.23
N GLY A 79 -2.63 15.82 -3.33
CA GLY A 79 -1.61 16.88 -3.21
C GLY A 79 -0.35 16.54 -4.00
N PHE A 1 -5.30 -10.37 13.20
CA PHE A 1 -6.71 -10.35 12.74
C PHE A 1 -6.88 -9.47 11.46
N ASN A 2 -8.10 -9.46 10.89
CA ASN A 2 -8.41 -8.72 9.63
C ASN A 2 -8.26 -7.17 9.69
N VAL A 3 -8.75 -6.53 10.77
CA VAL A 3 -8.50 -5.08 11.02
C VAL A 3 -7.02 -4.83 11.46
N LYS A 4 -6.19 -4.36 10.50
CA LYS A 4 -4.74 -4.22 10.70
C LYS A 4 -4.23 -2.93 10.00
N GLN A 5 -3.60 -2.03 10.78
CA GLN A 5 -3.02 -0.77 10.26
C GLN A 5 -1.79 -0.98 9.31
N LYS A 6 -1.36 0.12 8.67
CA LYS A 6 -0.63 0.08 7.39
C LYS A 6 0.92 -0.04 7.53
N SER A 7 1.56 -0.55 6.47
CA SER A 7 3.03 -0.68 6.41
C SER A 7 3.52 -0.14 5.04
N GLU A 8 4.17 1.03 5.03
CA GLU A 8 4.84 1.55 3.81
C GLU A 8 6.39 1.39 3.96
N ILE A 9 6.97 0.40 3.25
CA ILE A 9 8.41 0.06 3.37
C ILE A 9 9.14 0.40 2.03
N THR A 10 10.37 0.89 2.19
CA THR A 10 11.30 1.21 1.09
C THR A 10 11.76 0.02 0.19
N ALA A 11 12.39 0.37 -0.94
CA ALA A 11 12.91 -0.61 -1.92
C ALA A 11 14.11 -1.46 -1.44
N LEU A 12 13.98 -2.78 -1.62
CA LEU A 12 15.08 -3.75 -1.41
C LEU A 12 15.61 -4.25 -2.80
N VAL A 13 16.88 -4.66 -2.82
CA VAL A 13 17.51 -5.37 -3.96
C VAL A 13 16.82 -6.74 -4.29
N LYS A 14 16.66 -7.04 -5.59
CA LYS A 14 15.96 -8.29 -6.02
C LYS A 14 16.79 -9.58 -5.71
N GLU A 15 16.06 -10.63 -5.35
CA GLU A 15 16.56 -12.00 -5.15
C GLU A 15 17.19 -12.61 -6.47
N VAL A 16 18.46 -13.04 -6.36
CA VAL A 16 19.25 -13.59 -7.51
C VAL A 16 20.08 -14.81 -6.95
N THR A 17 20.09 -15.95 -7.67
CA THR A 17 20.81 -17.18 -7.24
C THR A 17 22.37 -17.08 -7.34
N PRO A 18 23.07 -16.78 -8.47
CA PRO A 18 24.54 -16.47 -8.46
C PRO A 18 24.92 -15.12 -7.76
N PRO A 19 26.18 -14.84 -7.35
CA PRO A 19 26.49 -13.66 -6.44
C PRO A 19 26.49 -12.28 -7.12
N ARG A 20 25.28 -11.73 -7.33
CA ARG A 20 25.09 -10.44 -8.03
C ARG A 20 23.72 -9.81 -7.65
N LYS A 21 23.67 -8.48 -7.54
CA LYS A 21 22.48 -7.76 -7.01
C LYS A 21 21.84 -6.84 -8.08
N ALA A 22 20.55 -7.09 -8.40
CA ALA A 22 19.81 -6.29 -9.41
C ALA A 22 19.06 -5.08 -8.75
N PRO A 23 19.28 -3.79 -9.15
CA PRO A 23 18.64 -2.61 -8.47
C PRO A 23 17.16 -2.36 -8.88
N SER A 24 16.28 -3.12 -8.24
CA SER A 24 14.84 -3.18 -8.56
C SER A 24 14.01 -2.06 -7.86
N LYS A 25 12.97 -1.58 -8.56
CA LYS A 25 11.97 -0.66 -7.98
C LYS A 25 10.96 -1.47 -7.11
N ALA A 26 11.25 -1.51 -5.81
CA ALA A 26 10.52 -2.35 -4.84
C ALA A 26 9.70 -1.46 -3.88
N LYS A 27 8.47 -1.89 -3.63
CA LYS A 27 7.53 -1.13 -2.76
C LYS A 27 6.62 -2.13 -1.99
N ARG A 28 6.53 -1.95 -0.65
CA ARG A 28 5.63 -2.76 0.21
C ARG A 28 4.62 -1.77 0.84
N GLU A 29 3.34 -1.79 0.40
CA GLU A 29 2.33 -0.80 0.88
C GLU A 29 0.96 -1.48 1.12
N ALA A 30 0.32 -1.11 2.23
CA ALA A 30 -1.11 -1.38 2.45
C ALA A 30 -2.04 -0.21 2.01
N PRO A 31 -3.05 -0.43 1.14
CA PRO A 31 -4.18 0.56 0.95
C PRO A 31 -5.46 0.12 1.72
N ILE A 32 -6.58 -0.09 1.03
CA ILE A 32 -7.91 -0.32 1.65
C ILE A 32 -8.35 -1.81 1.60
N LYS A 33 -8.90 -2.29 2.72
CA LYS A 33 -9.53 -3.65 2.81
C LYS A 33 -10.95 -3.81 2.17
N TYR A 34 -11.68 -2.70 1.97
CA TYR A 34 -12.93 -2.67 1.17
C TYR A 34 -12.80 -3.06 -0.35
N TRP A 35 -11.70 -2.65 -1.02
CA TRP A 35 -11.41 -3.09 -2.42
C TRP A 35 -10.61 -4.43 -2.51
N LEU A 36 -9.48 -4.57 -1.78
CA LEU A 36 -8.62 -5.77 -1.83
C LEU A 36 -8.60 -6.52 -0.45
N PRO A 37 -8.86 -7.85 -0.32
CA PRO A 37 -8.86 -8.54 1.03
C PRO A 37 -7.50 -8.68 1.78
N HIS A 38 -6.36 -8.45 1.12
CA HIS A 38 -5.03 -8.37 1.79
C HIS A 38 -4.39 -6.99 1.52
N SER A 39 -4.65 -6.01 2.40
CA SER A 39 -3.97 -4.68 2.34
C SER A 39 -2.52 -4.78 2.90
N GLY A 40 -1.54 -4.87 1.99
CA GLY A 40 -0.10 -4.93 2.35
C GLY A 40 0.70 -5.82 1.41
N ALA A 41 1.04 -5.31 0.22
CA ALA A 41 1.62 -6.14 -0.87
C ALA A 41 3.02 -5.63 -1.32
N THR A 42 3.97 -6.57 -1.43
CA THR A 42 5.31 -6.30 -1.99
C THR A 42 5.36 -6.52 -3.53
N TRP A 43 5.78 -5.50 -4.29
CA TRP A 43 6.02 -5.63 -5.76
C TRP A 43 7.48 -5.16 -6.06
N SER A 44 8.35 -6.11 -6.44
CA SER A 44 9.73 -5.81 -6.88
C SER A 44 9.88 -5.88 -8.42
N GLY A 45 9.87 -4.71 -9.08
CA GLY A 45 10.03 -4.62 -10.56
C GLY A 45 9.35 -3.39 -11.17
N ARG A 46 8.02 -3.47 -11.34
CA ARG A 46 7.19 -2.29 -11.70
C ARG A 46 7.01 -1.35 -10.48
N GLY A 47 7.17 -0.04 -10.73
CA GLY A 47 7.05 0.98 -9.67
C GLY A 47 5.61 1.35 -9.28
N LYS A 48 4.96 0.48 -8.49
CA LYS A 48 3.62 0.78 -7.90
C LYS A 48 3.74 1.60 -6.59
N ILE A 49 3.11 2.78 -6.53
CA ILE A 49 3.02 3.57 -5.28
C ILE A 49 1.48 3.94 -5.12
N PRO A 50 0.69 3.47 -4.12
CA PRO A 50 -0.77 3.80 -4.04
C PRO A 50 -1.16 5.18 -3.42
N LYS A 51 -0.39 6.20 -3.75
CA LYS A 51 -0.66 7.61 -3.36
C LYS A 51 -1.85 8.26 -4.13
N PRO A 52 -2.01 8.31 -5.49
CA PRO A 52 -3.29 8.76 -6.12
C PRO A 52 -4.56 7.91 -5.85
N PHE A 53 -4.42 6.59 -5.59
CA PHE A 53 -5.55 5.75 -5.12
C PHE A 53 -5.97 6.05 -3.66
N GLU A 54 -5.10 5.86 -2.65
CA GLU A 54 -5.46 6.14 -1.22
C GLU A 54 -5.76 7.64 -0.85
N ALA A 55 -5.29 8.60 -1.67
CA ALA A 55 -5.79 10.00 -1.68
C ALA A 55 -7.21 10.18 -2.23
N TRP A 56 -7.54 9.74 -3.46
CA TRP A 56 -8.95 9.77 -3.98
C TRP A 56 -9.96 8.91 -3.17
N ILE A 57 -9.55 7.71 -2.72
CA ILE A 57 -10.27 6.93 -1.66
C ILE A 57 -10.33 7.59 -0.22
N GLY A 58 -9.69 8.74 0.02
CA GLY A 58 -9.99 9.61 1.17
C GLY A 58 -10.70 10.94 0.89
N THR A 59 -10.40 11.65 -0.22
CA THR A 59 -10.89 13.04 -0.51
C THR A 59 -12.37 13.36 -0.13
N ALA A 60 -13.30 12.49 -0.56
CA ALA A 60 -14.69 12.47 -0.04
C ALA A 60 -15.14 11.12 0.62
N ALA A 61 -14.54 9.97 0.25
CA ALA A 61 -14.86 8.66 0.85
C ALA A 61 -14.43 8.38 2.31
N TYR A 62 -13.42 9.09 2.86
CA TYR A 62 -13.00 8.97 4.28
C TYR A 62 -14.14 9.00 5.36
N THR A 63 -15.13 9.90 5.23
CA THR A 63 -16.34 9.88 6.10
C THR A 63 -17.26 8.62 6.03
N ALA A 64 -17.39 7.97 4.85
CA ALA A 64 -18.01 6.62 4.75
C ALA A 64 -17.07 5.43 5.14
N TRP A 65 -15.81 5.48 4.73
CA TRP A 65 -14.75 4.52 5.15
C TRP A 65 -14.48 4.42 6.68
N LYS A 66 -14.42 5.55 7.39
CA LYS A 66 -14.32 5.60 8.87
C LYS A 66 -15.52 4.98 9.67
N ALA A 67 -16.76 5.09 9.17
CA ALA A 67 -17.88 4.25 9.66
C ALA A 67 -17.76 2.71 9.38
N LYS A 68 -17.25 2.27 8.22
CA LYS A 68 -16.99 0.84 7.95
C LYS A 68 -15.77 0.22 8.72
N HIS A 69 -14.61 0.91 8.77
CA HIS A 69 -13.39 0.40 9.47
C HIS A 69 -12.71 1.54 10.32
N PRO A 70 -12.10 1.27 11.50
CA PRO A 70 -11.91 2.33 12.57
C PRO A 70 -10.89 3.44 12.26
N ASP A 71 -9.60 3.16 12.17
CA ASP A 71 -8.66 3.94 11.33
C ASP A 71 -7.68 2.97 10.62
N GLU A 72 -8.22 2.08 9.75
CA GLU A 72 -7.39 1.09 9.04
C GLU A 72 -6.60 1.72 7.83
N LYS A 73 -7.30 2.42 6.92
CA LYS A 73 -6.67 3.23 5.85
C LYS A 73 -5.89 4.47 6.40
N PHE A 74 -4.73 4.78 5.80
CA PHE A 74 -3.98 6.02 6.16
C PHE A 74 -4.73 7.32 5.70
N PRO A 75 -4.83 8.43 6.50
CA PRO A 75 -5.53 9.68 6.08
C PRO A 75 -4.76 10.55 5.05
N ALA A 76 -4.76 10.05 3.81
CA ALA A 76 -4.11 10.72 2.67
C ALA A 76 -5.06 11.71 1.93
N PHE A 77 -4.55 12.92 1.72
CA PHE A 77 -5.21 13.96 0.87
C PHE A 77 -4.61 14.01 -0.58
N PRO A 78 -5.28 14.60 -1.61
CA PRO A 78 -4.67 14.74 -2.98
C PRO A 78 -3.67 15.93 -3.12
N GLY A 79 -2.39 15.62 -2.89
CA GLY A 79 -1.30 16.62 -2.92
C GLY A 79 -0.34 16.39 -4.08
N PHE A 1 -6.41 -11.73 12.02
CA PHE A 1 -7.50 -10.72 11.92
C PHE A 1 -7.39 -9.89 10.60
N ASN A 2 -8.54 -9.70 9.94
CA ASN A 2 -8.65 -8.80 8.75
C ASN A 2 -8.37 -7.29 9.02
N VAL A 3 -8.84 -6.75 10.16
CA VAL A 3 -8.49 -5.37 10.61
C VAL A 3 -6.97 -5.23 10.94
N LYS A 4 -6.22 -4.55 10.06
CA LYS A 4 -4.74 -4.49 10.13
C LYS A 4 -4.22 -3.12 9.58
N GLN A 5 -3.54 -2.35 10.44
CA GLN A 5 -2.92 -1.04 10.07
C GLN A 5 -1.86 -1.11 8.92
N LYS A 6 -1.61 0.05 8.29
CA LYS A 6 -0.82 0.12 7.04
C LYS A 6 0.72 0.01 7.27
N SER A 7 1.45 -0.36 6.21
CA SER A 7 2.93 -0.53 6.28
C SER A 7 3.55 0.01 4.96
N GLU A 8 4.34 1.09 5.07
CA GLU A 8 5.02 1.73 3.92
C GLU A 8 6.56 1.54 4.09
N ILE A 9 7.16 0.57 3.37
CA ILE A 9 8.60 0.20 3.56
C ILE A 9 9.38 0.52 2.23
N THR A 10 10.61 1.02 2.42
CA THR A 10 11.53 1.42 1.34
C THR A 10 12.05 0.25 0.44
N ALA A 11 12.45 0.61 -0.78
CA ALA A 11 12.84 -0.35 -1.83
C ALA A 11 14.08 -1.23 -1.53
N LEU A 12 13.87 -2.55 -1.53
CA LEU A 12 14.96 -3.55 -1.49
C LEU A 12 15.42 -3.92 -2.95
N VAL A 13 16.70 -4.25 -3.06
CA VAL A 13 17.30 -4.86 -4.28
C VAL A 13 16.63 -6.20 -4.74
N LYS A 14 16.92 -6.64 -5.97
CA LYS A 14 16.39 -7.94 -6.49
C LYS A 14 17.07 -9.18 -5.80
N GLU A 15 16.22 -10.11 -5.33
CA GLU A 15 16.68 -11.37 -4.71
C GLU A 15 17.19 -12.38 -5.80
N VAL A 16 18.52 -12.46 -5.89
CA VAL A 16 19.24 -13.24 -6.94
C VAL A 16 20.15 -14.28 -6.19
N THR A 17 20.07 -15.56 -6.61
CA THR A 17 20.85 -16.68 -5.98
C THR A 17 22.40 -16.58 -6.19
N PRO A 18 23.02 -16.45 -7.40
CA PRO A 18 24.49 -16.11 -7.50
C PRO A 18 24.85 -14.65 -7.06
N PRO A 19 26.13 -14.26 -6.82
CA PRO A 19 26.47 -12.92 -6.23
C PRO A 19 26.33 -11.72 -7.20
N ARG A 20 25.07 -11.28 -7.36
CA ARG A 20 24.71 -10.18 -8.29
C ARG A 20 23.47 -9.40 -7.74
N LYS A 21 23.48 -8.06 -7.86
CA LYS A 21 22.39 -7.19 -7.36
C LYS A 21 21.85 -6.30 -8.53
N ALA A 22 20.59 -6.54 -8.94
CA ALA A 22 19.90 -5.68 -9.93
C ALA A 22 19.02 -4.57 -9.25
N PRO A 23 18.93 -3.31 -9.78
CA PRO A 23 18.21 -2.19 -9.09
C PRO A 23 16.67 -2.20 -9.27
N SER A 24 16.02 -3.17 -8.61
CA SER A 24 14.57 -3.42 -8.73
C SER A 24 13.72 -2.46 -7.86
N LYS A 25 12.69 -1.87 -8.47
CA LYS A 25 11.80 -0.91 -7.76
C LYS A 25 10.77 -1.66 -6.88
N ALA A 26 11.07 -1.76 -5.58
CA ALA A 26 10.19 -2.42 -4.59
C ALA A 26 9.42 -1.37 -3.77
N LYS A 27 8.10 -1.49 -3.71
CA LYS A 27 7.27 -0.64 -2.83
C LYS A 27 6.28 -1.54 -2.06
N ARG A 28 6.45 -1.57 -0.74
CA ARG A 28 5.66 -2.42 0.18
C ARG A 28 4.65 -1.45 0.85
N GLU A 29 3.41 -1.46 0.38
CA GLU A 29 2.45 -0.37 0.64
C GLU A 29 1.03 -1.01 0.75
N ALA A 30 0.38 -0.84 1.90
CA ALA A 30 -1.02 -1.26 2.10
C ALA A 30 -2.07 -0.19 1.65
N PRO A 31 -3.06 -0.50 0.78
CA PRO A 31 -4.23 0.40 0.55
C PRO A 31 -5.44 -0.02 1.43
N ILE A 32 -6.55 -0.47 0.84
CA ILE A 32 -7.85 -0.62 1.54
C ILE A 32 -8.39 -2.08 1.50
N LYS A 33 -8.89 -2.56 2.64
CA LYS A 33 -9.62 -3.86 2.70
C LYS A 33 -11.03 -3.90 1.99
N TYR A 34 -11.68 -2.75 1.85
CA TYR A 34 -12.95 -2.62 1.08
C TYR A 34 -12.85 -2.86 -0.47
N TRP A 35 -11.71 -2.53 -1.11
CA TRP A 35 -11.45 -2.88 -2.54
C TRP A 35 -10.61 -4.19 -2.72
N LEU A 36 -9.53 -4.42 -1.94
CA LEU A 36 -8.68 -5.64 -2.08
C LEU A 36 -8.75 -6.51 -0.77
N PRO A 37 -8.94 -7.87 -0.79
CA PRO A 37 -8.94 -8.68 0.48
C PRO A 37 -7.63 -8.72 1.31
N HIS A 38 -6.45 -8.54 0.68
CA HIS A 38 -5.16 -8.43 1.40
C HIS A 38 -4.52 -7.02 1.18
N SER A 39 -4.65 -6.14 2.17
CA SER A 39 -3.94 -4.82 2.17
C SER A 39 -2.49 -4.97 2.73
N GLY A 40 -1.50 -4.85 1.83
CA GLY A 40 -0.07 -4.97 2.20
C GLY A 40 0.66 -5.99 1.31
N ALA A 41 1.19 -5.51 0.18
CA ALA A 41 1.82 -6.38 -0.84
C ALA A 41 3.23 -5.88 -1.25
N THR A 42 4.20 -6.80 -1.31
CA THR A 42 5.59 -6.52 -1.77
C THR A 42 5.75 -6.75 -3.30
N TRP A 43 5.65 -5.67 -4.09
CA TRP A 43 5.87 -5.76 -5.57
C TRP A 43 7.30 -5.25 -5.90
N SER A 44 8.23 -6.18 -6.17
CA SER A 44 9.62 -5.83 -6.56
C SER A 44 9.81 -5.95 -8.10
N GLY A 45 9.82 -4.80 -8.79
CA GLY A 45 9.96 -4.75 -10.26
C GLY A 45 9.36 -3.47 -10.84
N ARG A 46 8.03 -3.46 -11.03
CA ARG A 46 7.26 -2.20 -11.28
C ARG A 46 7.03 -1.46 -9.94
N GLY A 47 7.31 -0.14 -9.95
CA GLY A 47 7.07 0.71 -8.77
C GLY A 47 5.59 1.08 -8.55
N LYS A 48 4.91 0.30 -7.71
CA LYS A 48 3.49 0.59 -7.34
C LYS A 48 3.39 1.49 -6.08
N ILE A 49 3.15 2.80 -6.28
CA ILE A 49 2.91 3.75 -5.17
C ILE A 49 1.37 4.07 -5.19
N PRO A 50 0.46 3.43 -4.38
CA PRO A 50 -0.98 3.87 -4.29
C PRO A 50 -1.26 5.14 -3.44
N LYS A 51 -0.44 6.18 -3.62
CA LYS A 51 -0.73 7.55 -3.15
C LYS A 51 -1.90 8.23 -3.93
N PRO A 52 -1.98 8.38 -5.28
CA PRO A 52 -3.25 8.82 -5.97
C PRO A 52 -4.52 7.92 -5.80
N PHE A 53 -4.36 6.59 -5.60
CA PHE A 53 -5.48 5.71 -5.19
C PHE A 53 -5.96 5.99 -3.74
N GLU A 54 -5.11 5.78 -2.69
CA GLU A 54 -5.50 6.11 -1.28
C GLU A 54 -5.89 7.60 -0.99
N ALA A 55 -5.37 8.56 -1.76
CA ALA A 55 -5.86 9.95 -1.79
C ALA A 55 -7.28 10.12 -2.37
N TRP A 56 -7.62 9.65 -3.59
CA TRP A 56 -9.03 9.71 -4.09
C TRP A 56 -10.02 8.75 -3.34
N ILE A 57 -9.58 7.56 -2.92
CA ILE A 57 -10.24 6.76 -1.84
C ILE A 57 -10.33 7.47 -0.42
N GLY A 58 -9.73 8.65 -0.18
CA GLY A 58 -10.00 9.48 1.02
C GLY A 58 -10.19 11.00 0.85
N THR A 59 -10.52 11.50 -0.35
CA THR A 59 -10.99 12.89 -0.56
C THR A 59 -12.49 13.07 -0.11
N ALA A 60 -13.38 12.22 -0.64
CA ALA A 60 -14.80 12.15 -0.21
C ALA A 60 -15.20 10.84 0.54
N ALA A 61 -14.68 9.67 0.11
CA ALA A 61 -14.94 8.36 0.77
C ALA A 61 -14.47 8.17 2.25
N TYR A 62 -13.45 8.92 2.71
CA TYR A 62 -12.99 8.94 4.13
C TYR A 62 -14.09 8.96 5.22
N THR A 63 -15.09 9.84 5.12
CA THR A 63 -16.24 9.86 6.08
C THR A 63 -17.12 8.58 6.13
N ALA A 64 -17.37 7.91 4.98
CA ALA A 64 -17.93 6.53 4.97
C ALA A 64 -16.93 5.41 5.42
N TRP A 65 -15.66 5.50 5.00
CA TRP A 65 -14.57 4.59 5.42
C TRP A 65 -14.29 4.53 6.95
N LYS A 66 -14.17 5.68 7.62
CA LYS A 66 -14.02 5.77 9.10
C LYS A 66 -15.23 5.25 9.95
N ALA A 67 -16.48 5.35 9.45
CA ALA A 67 -17.61 4.56 10.00
C ALA A 67 -17.54 3.01 9.79
N LYS A 68 -17.11 2.51 8.62
CA LYS A 68 -17.00 1.04 8.36
C LYS A 68 -15.78 0.33 9.04
N HIS A 69 -14.57 0.91 8.97
CA HIS A 69 -13.38 0.44 9.73
C HIS A 69 -12.75 1.65 10.52
N PRO A 70 -12.04 1.48 11.66
CA PRO A 70 -11.61 2.64 12.53
C PRO A 70 -10.46 3.48 11.93
N ASP A 71 -9.22 3.41 12.45
CA ASP A 71 -8.05 4.05 11.80
C ASP A 71 -7.32 3.19 10.70
N GLU A 72 -7.88 2.06 10.22
CA GLU A 72 -7.15 1.13 9.33
C GLU A 72 -6.49 1.75 8.03
N LYS A 73 -7.25 2.56 7.29
CA LYS A 73 -6.72 3.34 6.12
C LYS A 73 -6.06 4.66 6.57
N PHE A 74 -4.88 4.94 6.00
CA PHE A 74 -4.08 6.14 6.36
C PHE A 74 -4.74 7.48 5.88
N PRO A 75 -4.82 8.59 6.67
CA PRO A 75 -5.52 9.85 6.23
C PRO A 75 -4.78 10.65 5.12
N ALA A 76 -4.99 10.18 3.88
CA ALA A 76 -4.31 10.70 2.68
C ALA A 76 -5.18 11.71 1.88
N PHE A 77 -4.57 12.86 1.54
CA PHE A 77 -5.24 13.96 0.79
C PHE A 77 -4.87 13.99 -0.73
N PRO A 78 -5.63 14.65 -1.65
CA PRO A 78 -5.22 14.77 -3.10
C PRO A 78 -4.15 15.86 -3.35
N GLY A 79 -2.88 15.43 -3.42
CA GLY A 79 -1.74 16.34 -3.67
C GLY A 79 -1.20 16.27 -5.09
N PHE A 1 -10.96 -8.12 14.62
CA PHE A 1 -11.12 -7.48 13.29
C PHE A 1 -10.27 -8.22 12.18
N ASN A 2 -10.89 -8.38 11.01
CA ASN A 2 -10.14 -8.60 9.73
C ASN A 2 -9.17 -7.44 9.31
N VAL A 3 -9.63 -6.20 9.42
CA VAL A 3 -8.90 -4.96 9.05
C VAL A 3 -7.65 -4.70 9.95
N LYS A 4 -6.48 -4.44 9.30
CA LYS A 4 -5.18 -4.28 10.01
C LYS A 4 -4.33 -3.08 9.44
N GLN A 5 -3.53 -2.44 10.30
CA GLN A 5 -2.86 -1.14 10.02
C GLN A 5 -1.74 -1.16 8.94
N LYS A 6 -1.24 0.04 8.60
CA LYS A 6 -0.45 0.29 7.37
C LYS A 6 1.04 -0.09 7.51
N SER A 7 1.57 -0.83 6.54
CA SER A 7 3.00 -1.23 6.51
C SER A 7 3.61 -0.75 5.18
N GLU A 8 4.38 0.34 5.22
CA GLU A 8 5.03 0.92 4.00
C GLU A 8 6.57 0.68 4.07
N ILE A 9 7.07 -0.36 3.38
CA ILE A 9 8.50 -0.79 3.47
C ILE A 9 9.29 -0.26 2.21
N THR A 10 10.53 0.15 2.48
CA THR A 10 11.50 0.62 1.46
C THR A 10 11.99 -0.49 0.48
N ALA A 11 12.53 -0.05 -0.67
CA ALA A 11 13.02 -0.96 -1.73
C ALA A 11 14.19 -1.92 -1.36
N LEU A 12 13.98 -3.20 -1.69
CA LEU A 12 15.02 -4.23 -1.63
C LEU A 12 15.52 -4.60 -3.07
N VAL A 13 16.80 -5.00 -3.12
CA VAL A 13 17.45 -5.57 -4.34
C VAL A 13 16.77 -6.88 -4.87
N LYS A 14 16.73 -7.06 -6.20
CA LYS A 14 15.97 -8.17 -6.83
C LYS A 14 16.61 -9.58 -6.61
N GLU A 15 15.74 -10.59 -6.47
CA GLU A 15 16.12 -12.00 -6.21
C GLU A 15 16.81 -12.67 -7.45
N VAL A 16 18.08 -13.07 -7.28
CA VAL A 16 18.92 -13.62 -8.39
C VAL A 16 19.74 -14.81 -7.80
N THR A 17 19.77 -15.97 -8.50
CA THR A 17 20.59 -17.15 -8.07
C THR A 17 22.13 -16.95 -8.19
N PRO A 18 22.80 -16.60 -9.33
CA PRO A 18 24.25 -16.24 -9.32
C PRO A 18 24.58 -14.87 -8.64
N PRO A 19 25.85 -14.54 -8.26
CA PRO A 19 26.16 -13.31 -7.43
C PRO A 19 26.13 -11.97 -8.22
N ARG A 20 24.90 -11.51 -8.53
CA ARG A 20 24.66 -10.25 -9.28
C ARG A 20 23.29 -9.68 -8.85
N LYS A 21 23.28 -8.53 -8.18
CA LYS A 21 22.04 -7.93 -7.61
C LYS A 21 21.53 -6.74 -8.46
N ALA A 22 20.30 -6.85 -8.98
CA ALA A 22 19.70 -5.79 -9.82
C ALA A 22 19.01 -4.65 -8.98
N PRO A 23 19.17 -3.33 -9.32
CA PRO A 23 18.52 -2.22 -8.53
C PRO A 23 17.02 -2.00 -8.86
N SER A 24 16.19 -2.91 -8.35
CA SER A 24 14.73 -2.92 -8.58
C SER A 24 13.96 -1.84 -7.78
N LYS A 25 12.99 -1.19 -8.43
CA LYS A 25 12.05 -0.26 -7.74
C LYS A 25 10.98 -1.10 -6.96
N ALA A 26 11.29 -1.36 -5.69
CA ALA A 26 10.50 -2.27 -4.83
C ALA A 26 9.69 -1.48 -3.78
N LYS A 27 8.41 -1.82 -3.66
CA LYS A 27 7.47 -1.07 -2.80
C LYS A 27 6.42 -2.03 -2.18
N ARG A 28 6.28 -1.97 -0.85
CA ARG A 28 5.42 -2.89 -0.07
C ARG A 28 4.46 -2.02 0.77
N GLU A 29 3.17 -1.92 0.37
CA GLU A 29 2.22 -0.96 0.97
C GLU A 29 0.83 -1.62 1.21
N ALA A 30 0.17 -1.24 2.31
CA ALA A 30 -1.23 -1.60 2.57
C ALA A 30 -2.25 -0.49 2.17
N PRO A 31 -3.07 -0.59 1.09
CA PRO A 31 -4.09 0.45 0.76
C PRO A 31 -5.39 0.32 1.59
N ILE A 32 -6.39 -0.47 1.15
CA ILE A 32 -7.72 -0.55 1.82
C ILE A 32 -8.18 -2.04 1.91
N LYS A 33 -8.62 -2.47 3.11
CA LYS A 33 -9.25 -3.81 3.29
C LYS A 33 -10.76 -3.93 2.85
N TYR A 34 -11.45 -2.81 2.62
CA TYR A 34 -12.83 -2.81 2.02
C TYR A 34 -12.92 -3.29 0.54
N TRP A 35 -12.05 -2.79 -0.37
CA TRP A 35 -11.94 -3.34 -1.74
C TRP A 35 -11.07 -4.63 -1.84
N LEU A 36 -9.84 -4.65 -1.27
CA LEU A 36 -8.89 -5.77 -1.48
C LEU A 36 -8.79 -6.70 -0.22
N PRO A 37 -8.88 -8.06 -0.31
CA PRO A 37 -8.75 -8.93 0.90
C PRO A 37 -7.37 -9.03 1.60
N HIS A 38 -6.26 -8.57 0.98
CA HIS A 38 -4.93 -8.48 1.62
C HIS A 38 -4.38 -7.02 1.52
N SER A 39 -4.42 -6.28 2.63
CA SER A 39 -3.74 -4.96 2.75
C SER A 39 -2.24 -5.13 3.13
N GLY A 40 -1.37 -5.14 2.10
CA GLY A 40 0.09 -5.21 2.27
C GLY A 40 0.77 -5.98 1.11
N ALA A 41 0.96 -5.33 -0.05
CA ALA A 41 1.40 -6.02 -1.27
C ALA A 41 2.79 -5.54 -1.76
N THR A 42 3.76 -6.47 -1.80
CA THR A 42 5.10 -6.22 -2.41
C THR A 42 5.08 -6.26 -3.96
N TRP A 43 5.47 -5.15 -4.61
CA TRP A 43 5.80 -5.17 -6.06
C TRP A 43 7.32 -4.87 -6.21
N SER A 44 8.14 -5.89 -6.50
CA SER A 44 9.59 -5.70 -6.83
C SER A 44 9.85 -5.60 -8.35
N GLY A 45 9.85 -4.36 -8.90
CA GLY A 45 10.04 -4.15 -10.35
C GLY A 45 9.59 -2.77 -10.84
N ARG A 46 8.28 -2.62 -11.09
CA ARG A 46 7.67 -1.31 -11.48
C ARG A 46 7.48 -0.38 -10.26
N GLY A 47 7.54 0.94 -10.49
CA GLY A 47 7.18 1.95 -9.45
C GLY A 47 5.68 2.02 -9.09
N LYS A 48 5.25 1.04 -8.30
CA LYS A 48 3.91 1.02 -7.65
C LYS A 48 4.00 1.77 -6.30
N ILE A 49 3.36 2.93 -6.21
CA ILE A 49 3.15 3.65 -4.93
C ILE A 49 1.62 3.96 -4.91
N PRO A 50 0.75 3.41 -4.01
CA PRO A 50 -0.72 3.73 -4.03
C PRO A 50 -1.16 5.06 -3.36
N LYS A 51 -0.37 6.12 -3.55
CA LYS A 51 -0.75 7.50 -3.17
C LYS A 51 -1.88 8.13 -4.04
N PRO A 52 -1.91 8.18 -5.41
CA PRO A 52 -3.14 8.62 -6.15
C PRO A 52 -4.44 7.78 -5.96
N PHE A 53 -4.33 6.46 -5.74
CA PHE A 53 -5.47 5.62 -5.29
C PHE A 53 -5.94 5.95 -3.84
N GLU A 54 -5.08 5.77 -2.82
CA GLU A 54 -5.43 6.12 -1.41
C GLU A 54 -5.79 7.62 -1.12
N ALA A 55 -5.32 8.56 -1.94
CA ALA A 55 -5.82 9.96 -1.96
C ALA A 55 -7.26 10.13 -2.50
N TRP A 56 -7.61 9.63 -3.70
CA TRP A 56 -9.04 9.62 -4.15
C TRP A 56 -9.99 8.74 -3.28
N ILE A 57 -9.54 7.56 -2.83
CA ILE A 57 -10.20 6.80 -1.72
C ILE A 57 -10.25 7.52 -0.31
N GLY A 58 -9.64 8.70 -0.12
CA GLY A 58 -9.93 9.59 1.02
C GLY A 58 -10.53 10.98 0.75
N THR A 59 -10.47 11.54 -0.47
CA THR A 59 -11.06 12.87 -0.82
C THR A 59 -12.55 13.09 -0.39
N ALA A 60 -13.41 12.10 -0.71
CA ALA A 60 -14.78 12.02 -0.16
C ALA A 60 -15.10 10.67 0.58
N ALA A 61 -14.54 9.53 0.14
CA ALA A 61 -14.78 8.22 0.78
C ALA A 61 -14.33 8.00 2.25
N TYR A 62 -13.34 8.76 2.75
CA TYR A 62 -12.93 8.76 4.19
C TYR A 62 -14.08 8.82 5.24
N THR A 63 -15.08 9.70 5.07
CA THR A 63 -16.28 9.72 5.97
C THR A 63 -17.13 8.40 6.03
N ALA A 64 -17.34 7.75 4.87
CA ALA A 64 -17.95 6.39 4.83
C ALA A 64 -17.00 5.24 5.27
N TRP A 65 -15.72 5.26 4.84
CA TRP A 65 -14.67 4.36 5.36
C TRP A 65 -14.43 4.36 6.90
N LYS A 66 -14.42 5.56 7.53
CA LYS A 66 -14.43 5.74 9.00
C LYS A 66 -15.70 5.21 9.75
N ALA A 67 -16.91 5.37 9.21
CA ALA A 67 -18.10 4.62 9.70
C ALA A 67 -18.02 3.05 9.61
N LYS A 68 -17.43 2.49 8.54
CA LYS A 68 -17.24 1.02 8.43
C LYS A 68 -16.00 0.40 9.17
N HIS A 69 -14.90 1.16 9.37
CA HIS A 69 -13.61 0.63 9.88
C HIS A 69 -12.87 1.74 10.75
N PRO A 70 -12.02 1.43 11.78
CA PRO A 70 -11.69 2.42 12.87
C PRO A 70 -10.82 3.64 12.48
N ASP A 71 -9.49 3.55 12.51
CA ASP A 71 -8.61 4.45 11.72
C ASP A 71 -7.49 3.63 11.01
N GLU A 72 -7.91 2.73 10.11
CA GLU A 72 -6.98 1.80 9.43
C GLU A 72 -6.30 2.34 8.13
N LYS A 73 -7.09 2.99 7.26
CA LYS A 73 -6.62 3.63 6.01
C LYS A 73 -5.84 4.94 6.25
N PHE A 74 -4.78 5.19 5.47
CA PHE A 74 -3.90 6.37 5.69
C PHE A 74 -4.61 7.71 5.28
N PRO A 75 -4.67 8.79 6.10
CA PRO A 75 -5.44 10.03 5.73
C PRO A 75 -4.73 10.94 4.69
N ALA A 76 -4.81 10.48 3.44
CA ALA A 76 -4.18 11.15 2.28
C ALA A 76 -5.18 12.06 1.51
N PHE A 77 -4.71 13.26 1.19
CA PHE A 77 -5.42 14.23 0.32
C PHE A 77 -4.93 14.17 -1.17
N PRO A 78 -5.68 14.66 -2.20
CA PRO A 78 -5.17 14.68 -3.62
C PRO A 78 -4.16 15.83 -3.89
N GLY A 79 -2.86 15.48 -3.87
CA GLY A 79 -1.77 16.46 -4.03
C GLY A 79 -0.80 16.06 -5.14
N PHE A 1 -3.70 -9.85 8.68
CA PHE A 1 -4.99 -9.98 9.40
C PHE A 1 -6.13 -9.10 8.79
N ASN A 2 -7.38 -9.39 9.19
CA ASN A 2 -8.59 -8.68 8.69
C ASN A 2 -8.69 -7.18 9.08
N VAL A 3 -8.32 -6.78 10.30
CA VAL A 3 -7.93 -5.37 10.60
C VAL A 3 -6.39 -5.27 10.69
N LYS A 4 -5.77 -4.45 9.81
CA LYS A 4 -4.31 -4.19 9.89
C LYS A 4 -3.97 -2.76 9.36
N GLN A 5 -3.44 -1.93 10.26
CA GLN A 5 -2.98 -0.54 9.94
C GLN A 5 -1.77 -0.47 8.95
N LYS A 6 -1.51 0.74 8.44
CA LYS A 6 -0.66 0.97 7.25
C LYS A 6 0.86 0.76 7.49
N SER A 7 1.49 0.01 6.56
CA SER A 7 2.93 -0.32 6.63
C SER A 7 3.60 0.08 5.27
N GLU A 8 4.54 1.03 5.31
CA GLU A 8 5.22 1.52 4.08
C GLU A 8 6.74 1.21 4.19
N ILE A 9 7.24 0.23 3.42
CA ILE A 9 8.64 -0.26 3.54
C ILE A 9 9.42 0.01 2.21
N THR A 10 10.70 0.36 2.38
CA THR A 10 11.63 0.78 1.31
C THR A 10 12.06 -0.37 0.36
N ALA A 11 12.54 0.00 -0.85
CA ALA A 11 12.93 -0.96 -1.88
C ALA A 11 14.09 -1.93 -1.54
N LEU A 12 13.80 -3.23 -1.71
CA LEU A 12 14.77 -4.32 -1.50
C LEU A 12 15.34 -4.82 -2.86
N VAL A 13 16.53 -5.41 -2.77
CA VAL A 13 17.17 -6.18 -3.88
C VAL A 13 16.29 -7.31 -4.49
N LYS A 14 16.50 -7.60 -5.79
CA LYS A 14 15.69 -8.65 -6.48
C LYS A 14 15.96 -10.10 -5.94
N GLU A 15 14.86 -10.83 -5.84
CA GLU A 15 14.82 -12.20 -5.27
C GLU A 15 15.06 -13.25 -6.41
N VAL A 16 16.16 -14.00 -6.30
CA VAL A 16 16.68 -14.84 -7.42
C VAL A 16 17.28 -16.18 -6.83
N THR A 17 17.34 -17.24 -7.64
CA THR A 17 17.97 -18.54 -7.22
C THR A 17 19.52 -18.48 -7.10
N PRO A 18 20.39 -18.13 -8.10
CA PRO A 18 21.85 -17.91 -7.85
C PRO A 18 22.19 -16.52 -7.20
N PRO A 19 23.42 -16.27 -6.68
CA PRO A 19 23.77 -14.95 -6.06
C PRO A 19 24.00 -13.78 -7.06
N ARG A 20 22.89 -13.33 -7.64
CA ARG A 20 22.79 -12.13 -8.51
C ARG A 20 21.84 -11.10 -7.84
N LYS A 21 22.23 -9.82 -7.74
CA LYS A 21 21.42 -8.80 -7.04
C LYS A 21 21.17 -7.54 -7.93
N ALA A 22 20.00 -7.51 -8.59
CA ALA A 22 19.54 -6.34 -9.37
C ALA A 22 18.80 -5.27 -8.50
N PRO A 23 18.96 -3.93 -8.72
CA PRO A 23 18.22 -2.89 -7.95
C PRO A 23 16.73 -2.70 -8.40
N SER A 24 15.89 -3.66 -8.01
CA SER A 24 14.46 -3.68 -8.35
C SER A 24 13.64 -2.59 -7.63
N LYS A 25 12.77 -1.90 -8.37
CA LYS A 25 11.88 -0.85 -7.80
C LYS A 25 10.72 -1.52 -6.99
N ALA A 26 11.00 -1.70 -5.69
CA ALA A 26 10.16 -2.48 -4.76
C ALA A 26 9.45 -1.52 -3.79
N LYS A 27 8.13 -1.63 -3.71
CA LYS A 27 7.31 -0.76 -2.84
C LYS A 27 6.24 -1.63 -2.14
N ARG A 28 6.27 -1.60 -0.79
CA ARG A 28 5.44 -2.47 0.06
C ARG A 28 4.49 -1.54 0.86
N GLU A 29 3.25 -1.40 0.39
CA GLU A 29 2.29 -0.40 0.93
C GLU A 29 0.89 -1.06 1.05
N ALA A 30 0.24 -0.87 2.20
CA ALA A 30 -1.13 -1.38 2.44
C ALA A 30 -2.25 -0.36 2.08
N PRO A 31 -3.13 -0.56 1.06
CA PRO A 31 -4.21 0.44 0.74
C PRO A 31 -5.49 0.25 1.59
N ILE A 32 -6.53 -0.42 1.06
CA ILE A 32 -7.86 -0.49 1.72
C ILE A 32 -8.42 -1.94 1.76
N LYS A 33 -8.89 -2.35 2.93
CA LYS A 33 -9.59 -3.66 3.12
C LYS A 33 -11.01 -3.82 2.49
N TYR A 34 -11.74 -2.70 2.30
CA TYR A 34 -13.02 -2.68 1.55
C TYR A 34 -12.93 -3.06 0.03
N TRP A 35 -11.86 -2.65 -0.68
CA TRP A 35 -11.56 -3.15 -2.05
C TRP A 35 -10.75 -4.50 -2.05
N LEU A 36 -9.63 -4.59 -1.31
CA LEU A 36 -8.68 -5.73 -1.40
C LEU A 36 -8.58 -6.54 -0.07
N PRO A 37 -8.79 -7.88 -0.01
CA PRO A 37 -8.74 -8.64 1.30
C PRO A 37 -7.40 -8.70 2.07
N HIS A 38 -6.24 -8.52 1.41
CA HIS A 38 -4.95 -8.33 2.10
C HIS A 38 -4.39 -6.91 1.75
N SER A 39 -4.43 -6.00 2.72
CA SER A 39 -3.71 -4.70 2.63
C SER A 39 -2.20 -4.88 2.96
N GLY A 40 -1.35 -4.87 1.92
CA GLY A 40 0.13 -4.93 2.06
C GLY A 40 0.73 -5.86 1.02
N ALA A 41 1.09 -5.32 -0.15
CA ALA A 41 1.59 -6.12 -1.29
C ALA A 41 2.96 -5.58 -1.81
N THR A 42 3.98 -6.45 -1.81
CA THR A 42 5.33 -6.11 -2.33
C THR A 42 5.44 -6.33 -3.86
N TRP A 43 5.40 -5.25 -4.66
CA TRP A 43 5.68 -5.35 -6.12
C TRP A 43 7.18 -5.04 -6.40
N SER A 44 8.02 -6.08 -6.54
CA SER A 44 9.48 -5.90 -6.83
C SER A 44 9.82 -5.87 -8.34
N GLY A 45 9.70 -4.68 -8.96
CA GLY A 45 9.98 -4.52 -10.41
C GLY A 45 9.45 -3.20 -11.00
N ARG A 46 8.15 -3.15 -11.27
CA ARG A 46 7.46 -1.89 -11.70
C ARG A 46 7.19 -0.96 -10.49
N GLY A 47 7.26 0.36 -10.73
CA GLY A 47 6.93 1.38 -9.70
C GLY A 47 5.43 1.48 -9.34
N LYS A 48 5.02 0.64 -8.39
CA LYS A 48 3.66 0.70 -7.78
C LYS A 48 3.72 1.49 -6.45
N ILE A 49 3.25 2.75 -6.46
CA ILE A 49 3.06 3.55 -5.22
C ILE A 49 1.53 3.92 -5.17
N PRO A 50 0.67 3.41 -4.25
CA PRO A 50 -0.78 3.78 -4.22
C PRO A 50 -1.13 5.13 -3.52
N LYS A 51 -0.36 6.19 -3.82
CA LYS A 51 -0.66 7.57 -3.40
C LYS A 51 -1.84 8.22 -4.18
N PRO A 52 -1.95 8.33 -5.53
CA PRO A 52 -3.22 8.77 -6.19
C PRO A 52 -4.48 7.87 -6.01
N PHE A 53 -4.30 6.56 -5.70
CA PHE A 53 -5.42 5.70 -5.21
C PHE A 53 -5.83 6.04 -3.76
N GLU A 54 -4.97 5.84 -2.73
CA GLU A 54 -5.34 6.15 -1.32
C GLU A 54 -5.68 7.64 -0.99
N ALA A 55 -5.15 8.62 -1.74
CA ALA A 55 -5.60 10.02 -1.71
C ALA A 55 -7.02 10.27 -2.29
N TRP A 56 -7.34 9.81 -3.51
CA TRP A 56 -8.74 9.89 -4.05
C TRP A 56 -9.78 8.95 -3.36
N ILE A 57 -9.37 7.75 -2.91
CA ILE A 57 -10.09 6.96 -1.84
C ILE A 57 -10.10 7.63 -0.41
N GLY A 58 -9.57 8.84 -0.21
CA GLY A 58 -9.79 9.66 0.99
C GLY A 58 -10.46 11.04 0.81
N THR A 59 -10.26 11.73 -0.33
CA THR A 59 -10.82 13.10 -0.60
C THR A 59 -12.32 13.33 -0.18
N ALA A 60 -13.20 12.41 -0.58
CA ALA A 60 -14.57 12.31 -0.04
C ALA A 60 -14.93 10.92 0.59
N ALA A 61 -14.34 9.81 0.13
CA ALA A 61 -14.60 8.47 0.69
C ALA A 61 -14.23 8.19 2.17
N TYR A 62 -13.24 8.90 2.75
CA TYR A 62 -12.87 8.77 4.19
C TYR A 62 -14.03 8.81 5.22
N THR A 63 -14.99 9.74 5.09
CA THR A 63 -16.22 9.74 5.94
C THR A 63 -17.13 8.47 5.84
N ALA A 64 -17.31 7.91 4.63
CA ALA A 64 -17.95 6.58 4.46
C ALA A 64 -17.08 5.35 4.91
N TRP A 65 -15.79 5.35 4.57
CA TRP A 65 -14.80 4.37 5.06
C TRP A 65 -14.64 4.22 6.60
N LYS A 66 -14.57 5.35 7.32
CA LYS A 66 -14.54 5.39 8.81
C LYS A 66 -15.77 4.78 9.55
N ALA A 67 -16.99 4.84 8.97
CA ALA A 67 -18.12 3.98 9.40
C ALA A 67 -17.97 2.44 9.14
N LYS A 68 -17.33 1.99 8.04
CA LYS A 68 -17.01 0.54 7.86
C LYS A 68 -15.83 -0.02 8.72
N HIS A 69 -14.71 0.70 8.86
CA HIS A 69 -13.52 0.20 9.62
C HIS A 69 -12.89 1.33 10.52
N PRO A 70 -12.24 1.05 11.69
CA PRO A 70 -12.05 2.08 12.78
C PRO A 70 -11.10 3.24 12.47
N ASP A 71 -9.78 3.08 12.60
CA ASP A 71 -8.81 3.83 11.76
C ASP A 71 -7.78 2.82 11.19
N GLU A 72 -8.23 2.05 10.18
CA GLU A 72 -7.31 1.19 9.39
C GLU A 72 -6.59 1.95 8.20
N LYS A 73 -7.34 2.78 7.45
CA LYS A 73 -6.85 3.52 6.27
C LYS A 73 -6.17 4.85 6.67
N PHE A 74 -5.07 5.20 5.98
CA PHE A 74 -4.24 6.38 6.37
C PHE A 74 -4.91 7.74 5.95
N PRO A 75 -4.94 8.82 6.78
CA PRO A 75 -5.59 10.11 6.39
C PRO A 75 -4.82 10.91 5.29
N ALA A 76 -5.05 10.49 4.04
CA ALA A 76 -4.32 11.01 2.86
C ALA A 76 -5.17 11.99 2.01
N PHE A 77 -4.57 13.14 1.71
CA PHE A 77 -5.19 14.21 0.89
C PHE A 77 -4.77 14.19 -0.62
N PRO A 78 -5.52 14.78 -1.59
CA PRO A 78 -5.05 14.88 -3.01
C PRO A 78 -3.95 15.96 -3.22
N GLY A 79 -2.70 15.49 -3.43
CA GLY A 79 -1.54 16.38 -3.58
C GLY A 79 -0.54 15.85 -4.60
N PHE A 1 -6.52 -9.34 15.25
CA PHE A 1 -7.62 -9.32 14.26
C PHE A 1 -7.13 -8.99 12.81
N ASN A 2 -8.06 -9.13 11.84
CA ASN A 2 -7.86 -8.71 10.43
C ASN A 2 -7.52 -7.20 10.20
N VAL A 3 -8.17 -6.30 10.96
CA VAL A 3 -7.89 -4.83 10.92
C VAL A 3 -6.42 -4.48 11.33
N LYS A 4 -5.62 -4.00 10.36
CA LYS A 4 -4.17 -3.75 10.57
C LYS A 4 -3.70 -2.48 9.78
N GLN A 5 -2.94 -1.63 10.47
CA GLN A 5 -2.52 -0.30 9.95
C GLN A 5 -1.40 -0.37 8.86
N LYS A 6 -1.07 0.80 8.28
CA LYS A 6 -0.26 0.91 7.05
C LYS A 6 1.20 0.44 7.20
N SER A 7 1.59 -0.52 6.34
CA SER A 7 2.87 -1.26 6.47
C SER A 7 3.77 -0.91 5.26
N GLU A 8 4.73 -0.01 5.47
CA GLU A 8 5.51 0.63 4.38
C GLU A 8 6.99 0.14 4.45
N ILE A 9 7.35 -0.84 3.63
CA ILE A 9 8.70 -1.48 3.65
C ILE A 9 9.56 -0.94 2.45
N THR A 10 10.84 -0.76 2.74
CA THR A 10 11.87 -0.31 1.75
C THR A 10 12.17 -1.35 0.63
N ALA A 11 12.71 -0.84 -0.49
CA ALA A 11 13.03 -1.68 -1.66
C ALA A 11 14.08 -2.80 -1.45
N LEU A 12 13.71 -4.00 -1.91
CA LEU A 12 14.61 -5.19 -1.88
C LEU A 12 15.11 -5.51 -3.32
N VAL A 13 16.33 -6.05 -3.40
CA VAL A 13 16.93 -6.55 -4.67
C VAL A 13 16.05 -7.60 -5.43
N LYS A 14 16.05 -7.51 -6.78
CA LYS A 14 15.11 -8.32 -7.60
C LYS A 14 15.39 -9.86 -7.54
N GLU A 15 14.30 -10.62 -7.51
CA GLU A 15 14.31 -12.09 -7.34
C GLU A 15 14.73 -12.80 -8.68
N VAL A 16 15.98 -13.27 -8.71
CA VAL A 16 16.64 -13.80 -9.95
C VAL A 16 17.23 -15.22 -9.59
N THR A 17 17.04 -16.22 -10.47
CA THR A 17 17.63 -17.58 -10.26
C THR A 17 19.19 -17.64 -10.45
N PRO A 18 19.86 -17.27 -11.57
CA PRO A 18 21.36 -17.19 -11.61
C PRO A 18 21.99 -16.04 -10.76
N PRO A 19 23.32 -16.03 -10.43
CA PRO A 19 23.89 -15.02 -9.47
C PRO A 19 24.08 -13.59 -10.05
N ARG A 20 22.97 -12.84 -10.10
CA ARG A 20 22.94 -11.47 -10.66
C ARG A 20 21.80 -10.67 -9.95
N LYS A 21 22.15 -9.52 -9.36
CA LYS A 21 21.19 -8.72 -8.55
C LYS A 21 20.88 -7.35 -9.23
N ALA A 22 19.61 -7.17 -9.67
CA ALA A 22 19.17 -5.90 -10.29
C ALA A 22 18.57 -4.88 -9.27
N PRO A 23 18.84 -3.54 -9.34
CA PRO A 23 18.23 -2.54 -8.41
C PRO A 23 16.77 -2.15 -8.79
N SER A 24 15.83 -3.03 -8.40
CA SER A 24 14.40 -2.86 -8.68
C SER A 24 13.69 -1.84 -7.76
N LYS A 25 12.72 -1.11 -8.32
CA LYS A 25 11.90 -0.14 -7.55
C LYS A 25 10.75 -0.90 -6.81
N ALA A 26 11.09 -1.38 -5.62
CA ALA A 26 10.21 -2.26 -4.81
C ALA A 26 9.54 -1.46 -3.67
N LYS A 27 8.21 -1.51 -3.60
CA LYS A 27 7.44 -0.86 -2.51
C LYS A 27 6.37 -1.85 -1.97
N ARG A 28 6.44 -2.17 -0.67
CA ARG A 28 5.42 -2.99 0.01
C ARG A 28 4.51 -2.01 0.80
N GLU A 29 3.26 -1.84 0.37
CA GLU A 29 2.37 -0.77 0.90
C GLU A 29 0.92 -1.33 1.00
N ALA A 30 0.24 -1.02 2.12
CA ALA A 30 -1.15 -1.45 2.35
C ALA A 30 -2.19 -0.34 2.00
N PRO A 31 -3.12 -0.47 1.01
CA PRO A 31 -4.14 0.59 0.72
C PRO A 31 -5.42 0.44 1.57
N ILE A 32 -6.43 -0.30 1.08
CA ILE A 32 -7.76 -0.42 1.73
C ILE A 32 -8.20 -1.91 1.83
N LYS A 33 -8.64 -2.30 3.03
CA LYS A 33 -9.22 -3.64 3.28
C LYS A 33 -10.67 -3.89 2.78
N TYR A 34 -11.45 -2.83 2.56
CA TYR A 34 -12.77 -2.89 1.86
C TYR A 34 -12.73 -3.33 0.36
N TRP A 35 -11.74 -2.86 -0.43
CA TRP A 35 -11.49 -3.34 -1.81
C TRP A 35 -10.64 -4.66 -1.89
N LEU A 36 -9.51 -4.75 -1.16
CA LEU A 36 -8.58 -5.89 -1.27
C LEU A 36 -8.51 -6.68 0.09
N PRO A 37 -8.77 -8.01 0.18
CA PRO A 37 -8.73 -8.74 1.50
C PRO A 37 -7.35 -8.86 2.22
N HIS A 38 -6.23 -8.77 1.50
CA HIS A 38 -4.90 -8.51 2.09
C HIS A 38 -4.43 -7.06 1.74
N SER A 39 -4.43 -6.18 2.75
CA SER A 39 -3.74 -4.86 2.66
C SER A 39 -2.21 -5.02 2.93
N GLY A 40 -1.41 -4.98 1.85
CA GLY A 40 0.06 -5.05 1.94
C GLY A 40 0.66 -5.70 0.69
N ALA A 41 0.86 -4.92 -0.37
CA ALA A 41 1.19 -5.45 -1.72
C ALA A 41 2.65 -5.13 -2.14
N THR A 42 3.49 -6.18 -2.22
CA THR A 42 4.87 -6.06 -2.74
C THR A 42 4.92 -6.15 -4.30
N TRP A 43 5.52 -5.15 -4.95
CA TRP A 43 5.79 -5.18 -6.41
C TRP A 43 7.27 -4.79 -6.65
N SER A 44 8.14 -5.79 -6.88
CA SER A 44 9.59 -5.55 -7.11
C SER A 44 9.92 -5.37 -8.64
N GLY A 45 9.79 -4.14 -9.15
CA GLY A 45 10.10 -3.85 -10.56
C GLY A 45 9.60 -2.47 -11.01
N ARG A 46 8.32 -2.39 -11.40
CA ARG A 46 7.61 -1.09 -11.55
C ARG A 46 7.31 -0.47 -10.17
N GLY A 47 7.59 0.84 -10.04
CA GLY A 47 7.41 1.55 -8.76
C GLY A 47 5.95 1.84 -8.41
N LYS A 48 5.33 0.90 -7.70
CA LYS A 48 3.89 1.00 -7.33
C LYS A 48 3.76 1.69 -5.96
N ILE A 49 3.44 3.00 -5.99
CA ILE A 49 3.07 3.77 -4.78
C ILE A 49 1.54 4.07 -4.91
N PRO A 50 0.59 3.53 -4.09
CA PRO A 50 -0.86 3.92 -4.18
C PRO A 50 -1.24 5.25 -3.49
N LYS A 51 -0.47 6.31 -3.75
CA LYS A 51 -0.79 7.70 -3.35
C LYS A 51 -2.01 8.30 -4.12
N PRO A 52 -2.14 8.39 -5.48
CA PRO A 52 -3.43 8.80 -6.12
C PRO A 52 -4.67 7.89 -5.86
N PHE A 53 -4.48 6.58 -5.62
CA PHE A 53 -5.57 5.69 -5.15
C PHE A 53 -6.01 5.99 -3.69
N GLU A 54 -5.14 5.82 -2.68
CA GLU A 54 -5.50 6.14 -1.26
C GLU A 54 -5.91 7.63 -0.96
N ALA A 55 -5.40 8.59 -1.75
CA ALA A 55 -5.90 9.98 -1.78
C ALA A 55 -7.31 10.16 -2.37
N TRP A 56 -7.63 9.67 -3.59
CA TRP A 56 -9.04 9.69 -4.10
C TRP A 56 -10.04 8.79 -3.30
N ILE A 57 -9.61 7.60 -2.85
CA ILE A 57 -10.30 6.85 -1.75
C ILE A 57 -10.39 7.58 -0.35
N GLY A 58 -9.75 8.75 -0.14
CA GLY A 58 -10.06 9.67 0.98
C GLY A 58 -10.67 11.05 0.66
N THR A 59 -10.55 11.60 -0.56
CA THR A 59 -11.10 12.94 -0.94
C THR A 59 -12.61 13.17 -0.57
N ALA A 60 -13.46 12.22 -0.94
CA ALA A 60 -14.87 12.14 -0.46
C ALA A 60 -15.23 10.82 0.31
N ALA A 61 -14.65 9.66 -0.09
CA ALA A 61 -14.91 8.36 0.56
C ALA A 61 -14.46 8.16 2.04
N TYR A 62 -13.49 8.94 2.55
CA TYR A 62 -13.08 8.94 3.98
C TYR A 62 -14.23 8.92 5.03
N THR A 63 -15.19 9.85 4.93
CA THR A 63 -16.38 9.84 5.84
C THR A 63 -17.28 8.56 5.80
N ALA A 64 -17.45 7.94 4.62
CA ALA A 64 -18.02 6.57 4.52
C ALA A 64 -17.09 5.42 5.02
N TRP A 65 -15.79 5.48 4.68
CA TRP A 65 -14.76 4.52 5.13
C TRP A 65 -14.52 4.41 6.66
N LYS A 66 -14.39 5.55 7.35
CA LYS A 66 -14.30 5.61 8.83
C LYS A 66 -15.57 5.08 9.62
N ALA A 67 -16.76 5.06 9.01
CA ALA A 67 -17.93 4.28 9.51
C ALA A 67 -17.87 2.74 9.29
N LYS A 68 -17.38 2.23 8.14
CA LYS A 68 -17.20 0.75 7.94
C LYS A 68 -15.99 0.10 8.70
N HIS A 69 -14.83 0.78 8.74
CA HIS A 69 -13.66 0.36 9.55
C HIS A 69 -13.10 1.57 10.39
N PRO A 70 -12.31 1.39 11.49
CA PRO A 70 -11.87 2.54 12.36
C PRO A 70 -10.80 3.44 11.70
N ASP A 71 -9.55 3.51 12.22
CA ASP A 71 -8.42 4.13 11.47
C ASP A 71 -7.45 3.04 10.92
N GLU A 72 -7.98 2.22 9.99
CA GLU A 72 -7.15 1.28 9.20
C GLU A 72 -6.50 1.96 7.94
N LYS A 73 -7.29 2.67 7.11
CA LYS A 73 -6.75 3.50 6.00
C LYS A 73 -6.11 4.81 6.51
N PHE A 74 -4.95 5.15 5.95
CA PHE A 74 -4.23 6.41 6.29
C PHE A 74 -5.00 7.69 5.81
N PRO A 75 -5.06 8.82 6.58
CA PRO A 75 -5.77 10.06 6.14
C PRO A 75 -5.07 10.87 5.03
N ALA A 76 -5.17 10.34 3.80
CA ALA A 76 -4.50 10.90 2.62
C ALA A 76 -5.39 11.88 1.80
N PHE A 77 -4.80 13.01 1.45
CA PHE A 77 -5.41 14.08 0.62
C PHE A 77 -4.91 14.06 -0.87
N PRO A 78 -5.62 14.62 -1.89
CA PRO A 78 -5.11 14.63 -3.31
C PRO A 78 -4.16 15.81 -3.66
N GLY A 79 -2.95 15.78 -3.08
CA GLY A 79 -1.91 16.82 -3.29
C GLY A 79 -2.27 18.25 -2.87
N PHE A 1 -7.17 -11.20 13.76
CA PHE A 1 -8.30 -10.43 13.21
C PHE A 1 -7.97 -9.85 11.79
N ASN A 2 -9.03 -9.65 10.98
CA ASN A 2 -8.89 -8.98 9.65
C ASN A 2 -8.44 -7.47 9.69
N VAL A 3 -8.94 -6.69 10.66
CA VAL A 3 -8.55 -5.27 10.84
C VAL A 3 -7.07 -5.11 11.31
N LYS A 4 -6.21 -4.55 10.45
CA LYS A 4 -4.78 -4.30 10.77
C LYS A 4 -4.29 -2.98 10.09
N GLN A 5 -3.70 -2.08 10.89
CA GLN A 5 -3.09 -0.83 10.38
C GLN A 5 -1.90 -1.02 9.38
N LYS A 6 -1.60 0.06 8.65
CA LYS A 6 -0.81 0.01 7.40
C LYS A 6 0.72 -0.19 7.61
N SER A 7 1.42 -0.56 6.53
CA SER A 7 2.86 -0.93 6.58
C SER A 7 3.53 -0.47 5.26
N GLU A 8 4.59 0.33 5.36
CA GLU A 8 5.25 0.95 4.19
C GLU A 8 6.78 0.63 4.25
N ILE A 9 7.22 -0.41 3.51
CA ILE A 9 8.63 -0.89 3.56
C ILE A 9 9.41 -0.36 2.30
N THR A 10 10.67 0.03 2.55
CA THR A 10 11.61 0.54 1.51
C THR A 10 12.10 -0.55 0.51
N ALA A 11 12.55 -0.12 -0.68
CA ALA A 11 13.01 -1.02 -1.75
C ALA A 11 14.29 -1.87 -1.46
N LEU A 12 14.29 -3.09 -2.03
CA LEU A 12 15.39 -4.06 -1.84
C LEU A 12 16.00 -4.46 -3.23
N VAL A 13 17.33 -4.64 -3.27
CA VAL A 13 18.06 -5.11 -4.47
C VAL A 13 17.67 -6.58 -4.89
N LYS A 14 17.42 -6.79 -6.19
CA LYS A 14 16.66 -7.99 -6.67
C LYS A 14 17.36 -9.36 -6.44
N GLU A 15 16.53 -10.37 -6.20
CA GLU A 15 16.95 -11.78 -6.00
C GLU A 15 17.32 -12.44 -7.36
N VAL A 16 18.57 -12.92 -7.46
CA VAL A 16 19.16 -13.44 -8.73
C VAL A 16 20.17 -14.60 -8.38
N THR A 17 20.32 -15.61 -9.25
CA THR A 17 21.24 -16.77 -9.00
C THR A 17 22.77 -16.38 -8.99
N PRO A 18 23.45 -15.80 -10.01
CA PRO A 18 24.85 -15.29 -9.85
C PRO A 18 24.94 -13.93 -9.05
N PRO A 19 26.10 -13.51 -8.49
CA PRO A 19 26.19 -12.24 -7.68
C PRO A 19 26.18 -10.95 -8.54
N ARG A 20 24.98 -10.52 -8.95
CA ARG A 20 24.80 -9.36 -9.85
C ARG A 20 23.44 -8.67 -9.54
N LYS A 21 23.48 -7.42 -9.07
CA LYS A 21 22.30 -6.79 -8.43
C LYS A 21 21.68 -5.66 -9.29
N ALA A 22 20.46 -5.91 -9.79
CA ALA A 22 19.69 -4.89 -10.55
C ALA A 22 18.87 -3.90 -9.64
N PRO A 23 18.69 -2.60 -9.98
CA PRO A 23 17.87 -1.65 -9.15
C PRO A 23 16.33 -1.84 -9.35
N SER A 24 15.78 -2.85 -8.65
CA SER A 24 14.33 -3.12 -8.66
C SER A 24 13.55 -2.13 -7.77
N LYS A 25 12.54 -1.47 -8.35
CA LYS A 25 11.70 -0.52 -7.58
C LYS A 25 10.64 -1.30 -6.72
N ALA A 26 10.99 -1.59 -5.47
CA ALA A 26 10.14 -2.40 -4.56
C ALA A 26 9.41 -1.50 -3.53
N LYS A 27 8.07 -1.47 -3.58
CA LYS A 27 7.25 -0.79 -2.54
C LYS A 27 6.29 -1.85 -1.92
N ARG A 28 6.37 -2.03 -0.60
CA ARG A 28 5.46 -2.94 0.14
C ARG A 28 4.50 -2.03 0.95
N GLU A 29 3.30 -1.79 0.41
CA GLU A 29 2.37 -0.76 0.92
C GLU A 29 0.98 -1.40 1.14
N ALA A 30 0.36 -1.10 2.29
CA ALA A 30 -1.05 -1.44 2.54
C ALA A 30 -2.05 -0.34 2.06
N PRO A 31 -3.02 -0.64 1.16
CA PRO A 31 -4.18 0.29 0.91
C PRO A 31 -5.43 -0.10 1.77
N ILE A 32 -6.53 -0.55 1.16
CA ILE A 32 -7.87 -0.65 1.81
C ILE A 32 -8.38 -2.13 1.87
N LYS A 33 -8.76 -2.56 3.08
CA LYS A 33 -9.44 -3.89 3.31
C LYS A 33 -10.89 -4.05 2.72
N TYR A 34 -11.60 -2.93 2.52
CA TYR A 34 -12.89 -2.89 1.78
C TYR A 34 -12.82 -3.38 0.28
N TRP A 35 -11.81 -2.96 -0.48
CA TRP A 35 -11.58 -3.46 -1.87
C TRP A 35 -10.79 -4.80 -1.92
N LEU A 36 -9.62 -4.92 -1.25
CA LEU A 36 -8.76 -6.12 -1.30
C LEU A 36 -8.61 -6.76 0.11
N PRO A 37 -8.89 -8.07 0.38
CA PRO A 37 -8.81 -8.63 1.76
C PRO A 37 -7.42 -8.78 2.44
N HIS A 38 -6.31 -8.50 1.75
CA HIS A 38 -4.97 -8.37 2.35
C HIS A 38 -4.36 -6.99 1.92
N SER A 39 -4.48 -5.98 2.78
CA SER A 39 -3.73 -4.71 2.60
C SER A 39 -2.22 -4.87 2.95
N GLY A 40 -1.40 -4.96 1.91
CA GLY A 40 0.06 -5.12 2.03
C GLY A 40 0.63 -5.89 0.83
N ALA A 41 0.83 -5.19 -0.30
CA ALA A 41 1.25 -5.83 -1.56
C ALA A 41 2.67 -5.37 -2.01
N THR A 42 3.61 -6.32 -2.04
CA THR A 42 5.00 -6.09 -2.49
C THR A 42 5.16 -6.22 -4.02
N TRP A 43 5.24 -5.09 -4.74
CA TRP A 43 5.57 -5.10 -6.19
C TRP A 43 7.08 -4.72 -6.38
N SER A 44 7.93 -5.72 -6.70
CA SER A 44 9.36 -5.50 -6.99
C SER A 44 9.67 -5.39 -8.51
N GLY A 45 9.74 -4.15 -9.02
CA GLY A 45 10.08 -3.91 -10.45
C GLY A 45 9.61 -2.54 -10.98
N ARG A 46 8.31 -2.46 -11.28
CA ARG A 46 7.66 -1.21 -11.76
C ARG A 46 7.47 -0.15 -10.62
N GLY A 47 7.35 1.13 -11.02
CA GLY A 47 7.05 2.23 -10.08
C GLY A 47 5.63 2.23 -9.49
N LYS A 48 5.39 1.34 -8.52
CA LYS A 48 4.05 1.17 -7.89
C LYS A 48 3.98 1.96 -6.56
N ILE A 49 3.34 3.13 -6.61
CA ILE A 49 3.03 3.92 -5.39
C ILE A 49 1.47 4.17 -5.45
N PRO A 50 0.57 3.51 -4.66
CA PRO A 50 -0.87 3.94 -4.57
C PRO A 50 -1.14 5.23 -3.72
N LYS A 51 -0.37 6.30 -4.00
CA LYS A 51 -0.68 7.67 -3.54
C LYS A 51 -1.87 8.32 -4.32
N PRO A 52 -1.98 8.43 -5.67
CA PRO A 52 -3.28 8.83 -6.34
C PRO A 52 -4.51 7.91 -6.12
N PHE A 53 -4.33 6.60 -5.88
CA PHE A 53 -5.42 5.71 -5.38
C PHE A 53 -5.83 6.04 -3.92
N GLU A 54 -4.94 5.89 -2.93
CA GLU A 54 -5.27 6.19 -1.50
C GLU A 54 -5.65 7.68 -1.15
N ALA A 55 -5.19 8.65 -1.97
CA ALA A 55 -5.74 10.01 -2.00
C ALA A 55 -7.17 10.12 -2.58
N TRP A 56 -7.48 9.60 -3.78
CA TRP A 56 -8.89 9.54 -4.28
C TRP A 56 -9.86 8.69 -3.40
N ILE A 57 -9.40 7.53 -2.90
CA ILE A 57 -10.04 6.78 -1.77
C ILE A 57 -10.13 7.53 -0.38
N GLY A 58 -9.53 8.72 -0.20
CA GLY A 58 -9.79 9.59 0.97
C GLY A 58 -10.22 11.05 0.77
N THR A 59 -10.28 11.59 -0.46
CA THR A 59 -10.83 12.96 -0.75
C THR A 59 -12.33 13.14 -0.33
N ALA A 60 -13.20 12.21 -0.75
CA ALA A 60 -14.61 12.14 -0.29
C ALA A 60 -15.00 10.80 0.39
N ALA A 61 -14.43 9.65 -0.03
CA ALA A 61 -14.68 8.34 0.61
C ALA A 61 -14.26 8.14 2.10
N TYR A 62 -13.28 8.89 2.62
CA TYR A 62 -12.88 8.87 4.06
C TYR A 62 -14.05 8.96 5.09
N THR A 63 -15.04 9.84 4.92
CA THR A 63 -16.26 9.85 5.78
C THR A 63 -17.10 8.53 5.79
N ALA A 64 -17.31 7.89 4.62
CA ALA A 64 -17.91 6.53 4.56
C ALA A 64 -16.99 5.37 5.02
N TRP A 65 -15.70 5.40 4.63
CA TRP A 65 -14.65 4.49 5.17
C TRP A 65 -14.45 4.50 6.71
N LYS A 66 -14.44 5.68 7.35
CA LYS A 66 -14.43 5.84 8.82
C LYS A 66 -15.69 5.35 9.58
N ALA A 67 -16.89 5.48 9.00
CA ALA A 67 -18.08 4.71 9.46
C ALA A 67 -17.98 3.15 9.29
N LYS A 68 -17.44 2.63 8.18
CA LYS A 68 -17.23 1.16 8.00
C LYS A 68 -16.05 0.51 8.81
N HIS A 69 -14.92 1.20 9.00
CA HIS A 69 -13.73 0.66 9.72
C HIS A 69 -13.03 1.78 10.60
N PRO A 70 -12.30 1.49 11.71
CA PRO A 70 -11.97 2.53 12.75
C PRO A 70 -10.94 3.60 12.33
N ASP A 71 -9.62 3.32 12.36
CA ASP A 71 -8.66 4.01 11.47
C ASP A 71 -7.68 2.96 10.88
N GLU A 72 -8.21 2.07 10.01
CA GLU A 72 -7.35 1.09 9.28
C GLU A 72 -6.59 1.73 8.07
N LYS A 73 -7.31 2.44 7.19
CA LYS A 73 -6.76 3.20 6.05
C LYS A 73 -5.97 4.47 6.45
N PHE A 74 -4.88 4.79 5.73
CA PHE A 74 -4.04 5.98 6.06
C PHE A 74 -4.72 7.32 5.61
N PRO A 75 -4.79 8.40 6.42
CA PRO A 75 -5.49 9.67 6.03
C PRO A 75 -4.74 10.55 4.99
N ALA A 76 -4.79 10.08 3.74
CA ALA A 76 -4.12 10.73 2.60
C ALA A 76 -5.07 11.68 1.80
N PHE A 77 -4.58 12.89 1.57
CA PHE A 77 -5.27 13.93 0.76
C PHE A 77 -4.76 13.99 -0.73
N PRO A 78 -5.45 14.66 -1.71
CA PRO A 78 -4.91 14.82 -3.10
C PRO A 78 -3.87 15.96 -3.21
N GLY A 79 -2.58 15.58 -3.24
CA GLY A 79 -1.45 16.52 -3.27
C GLY A 79 -0.30 16.00 -4.13
N PHE A 1 -5.32 -11.17 8.36
CA PHE A 1 -6.17 -10.44 9.35
C PHE A 1 -7.20 -9.52 8.65
N ASN A 2 -8.45 -9.46 9.16
CA ASN A 2 -9.47 -8.50 8.64
C ASN A 2 -9.18 -7.00 9.00
N VAL A 3 -8.85 -6.67 10.26
CA VAL A 3 -8.42 -5.30 10.64
C VAL A 3 -6.88 -5.27 10.86
N LYS A 4 -6.14 -4.57 9.99
CA LYS A 4 -4.66 -4.42 10.15
C LYS A 4 -4.21 -3.04 9.60
N GLN A 5 -3.54 -2.23 10.45
CA GLN A 5 -2.92 -0.95 10.03
C GLN A 5 -1.75 -1.11 8.99
N LYS A 6 -1.34 0.01 8.41
CA LYS A 6 -0.63 0.05 7.11
C LYS A 6 0.92 -0.06 7.25
N SER A 7 1.55 -0.67 6.24
CA SER A 7 3.02 -0.78 6.15
C SER A 7 3.48 -0.07 4.84
N GLU A 8 4.28 1.00 4.96
CA GLU A 8 4.93 1.66 3.80
C GLU A 8 6.48 1.50 3.99
N ILE A 9 7.10 0.51 3.30
CA ILE A 9 8.56 0.20 3.46
C ILE A 9 9.30 0.52 2.11
N THR A 10 10.51 1.08 2.28
CA THR A 10 11.40 1.51 1.17
C THR A 10 12.02 0.33 0.36
N ALA A 11 12.44 0.63 -0.88
CA ALA A 11 12.99 -0.37 -1.80
C ALA A 11 14.31 -1.07 -1.37
N LEU A 12 14.40 -2.36 -1.69
CA LEU A 12 15.54 -3.22 -1.31
C LEU A 12 16.16 -3.90 -2.57
N VAL A 13 17.47 -4.16 -2.52
CA VAL A 13 18.22 -4.86 -3.60
C VAL A 13 17.73 -6.31 -3.88
N LYS A 14 17.61 -6.68 -5.16
CA LYS A 14 16.78 -7.84 -5.57
C LYS A 14 17.34 -9.25 -5.14
N GLU A 15 16.44 -10.19 -4.88
CA GLU A 15 16.76 -11.60 -4.55
C GLU A 15 17.41 -12.40 -5.72
N VAL A 16 18.67 -12.82 -5.52
CA VAL A 16 19.51 -13.47 -6.57
C VAL A 16 20.36 -14.58 -5.84
N THR A 17 20.39 -15.80 -6.41
CA THR A 17 21.19 -16.93 -5.84
C THR A 17 22.73 -16.77 -6.02
N PRO A 18 23.38 -16.55 -7.20
CA PRO A 18 24.85 -16.20 -7.27
C PRO A 18 25.21 -14.78 -6.73
N PRO A 19 26.49 -14.42 -6.42
CA PRO A 19 26.83 -13.11 -5.76
C PRO A 19 26.78 -11.88 -6.72
N ARG A 20 25.56 -11.42 -7.01
CA ARG A 20 25.30 -10.32 -7.98
C ARG A 20 23.92 -9.67 -7.64
N LYS A 21 23.83 -8.33 -7.64
CA LYS A 21 22.60 -7.61 -7.18
C LYS A 21 22.02 -6.68 -8.28
N ALA A 22 20.73 -6.84 -8.58
CA ALA A 22 19.98 -5.93 -9.49
C ALA A 22 19.20 -4.80 -8.71
N PRO A 23 19.16 -3.52 -9.16
CA PRO A 23 18.44 -2.42 -8.42
C PRO A 23 16.91 -2.37 -8.71
N SER A 24 16.18 -3.29 -8.06
CA SER A 24 14.72 -3.44 -8.28
C SER A 24 13.88 -2.36 -7.56
N LYS A 25 12.86 -1.86 -8.26
CA LYS A 25 11.93 -0.83 -7.71
C LYS A 25 10.83 -1.53 -6.85
N ALA A 26 11.12 -1.59 -5.54
CA ALA A 26 10.34 -2.39 -4.58
C ALA A 26 9.49 -1.49 -3.65
N LYS A 27 8.16 -1.66 -3.70
CA LYS A 27 7.25 -0.88 -2.82
C LYS A 27 6.29 -1.85 -2.05
N ARG A 28 6.46 -1.88 -0.73
CA ARG A 28 5.61 -2.69 0.18
C ARG A 28 4.64 -1.68 0.85
N GLU A 29 3.41 -1.59 0.30
CA GLU A 29 2.49 -0.46 0.59
C GLU A 29 1.05 -1.00 0.74
N ALA A 30 0.46 -0.82 1.93
CA ALA A 30 -0.95 -1.20 2.20
C ALA A 30 -2.00 -0.12 1.81
N PRO A 31 -3.04 -0.42 0.99
CA PRO A 31 -4.19 0.52 0.77
C PRO A 31 -5.41 0.18 1.68
N ILE A 32 -6.48 -0.44 1.13
CA ILE A 32 -7.80 -0.56 1.79
C ILE A 32 -8.27 -2.05 1.85
N LYS A 33 -8.98 -2.41 2.92
CA LYS A 33 -9.69 -3.72 3.01
C LYS A 33 -11.03 -3.85 2.22
N TYR A 34 -11.78 -2.75 2.07
CA TYR A 34 -13.08 -2.73 1.33
C TYR A 34 -13.02 -3.11 -0.19
N TRP A 35 -11.93 -2.75 -0.89
CA TRP A 35 -11.69 -3.17 -2.30
C TRP A 35 -10.80 -4.46 -2.45
N LEU A 36 -9.78 -4.70 -1.60
CA LEU A 36 -8.91 -5.89 -1.68
C LEU A 36 -8.81 -6.62 -0.30
N PRO A 37 -8.99 -7.96 -0.15
CA PRO A 37 -8.95 -8.64 1.19
C PRO A 37 -7.62 -8.72 1.96
N HIS A 38 -6.47 -8.43 1.33
CA HIS A 38 -5.16 -8.35 2.04
C HIS A 38 -4.50 -6.96 1.78
N SER A 39 -4.58 -6.04 2.75
CA SER A 39 -3.92 -4.71 2.65
C SER A 39 -2.42 -4.81 3.03
N GLY A 40 -1.53 -4.74 2.04
CA GLY A 40 -0.07 -4.92 2.24
C GLY A 40 0.52 -5.96 1.28
N ALA A 41 0.93 -5.48 0.09
CA ALA A 41 1.49 -6.34 -0.97
C ALA A 41 2.89 -5.82 -1.41
N THR A 42 3.84 -6.74 -1.57
CA THR A 42 5.21 -6.43 -2.05
C THR A 42 5.30 -6.49 -3.60
N TRP A 43 5.46 -5.34 -4.27
CA TRP A 43 5.73 -5.33 -5.74
C TRP A 43 7.23 -4.96 -5.98
N SER A 44 8.04 -5.96 -6.34
CA SER A 44 9.45 -5.76 -6.76
C SER A 44 9.61 -5.78 -8.31
N GLY A 45 9.64 -4.61 -8.95
CA GLY A 45 9.84 -4.54 -10.43
C GLY A 45 9.29 -3.24 -11.04
N ARG A 46 7.98 -3.20 -11.29
CA ARG A 46 7.27 -1.95 -11.68
C ARG A 46 7.03 -1.03 -10.45
N GLY A 47 7.12 0.29 -10.69
CA GLY A 47 6.83 1.31 -9.65
C GLY A 47 5.35 1.45 -9.25
N LYS A 48 4.95 0.58 -8.32
CA LYS A 48 3.60 0.63 -7.68
C LYS A 48 3.64 1.55 -6.44
N ILE A 49 3.15 2.78 -6.57
CA ILE A 49 2.92 3.70 -5.42
C ILE A 49 1.38 3.99 -5.41
N PRO A 50 0.52 3.46 -4.50
CA PRO A 50 -0.93 3.85 -4.45
C PRO A 50 -1.26 5.19 -3.74
N LYS A 51 -0.50 6.24 -4.09
CA LYS A 51 -0.79 7.63 -3.70
C LYS A 51 -2.03 8.21 -4.44
N PRO A 52 -2.20 8.31 -5.79
CA PRO A 52 -3.52 8.69 -6.41
C PRO A 52 -4.74 7.77 -6.14
N PHE A 53 -4.53 6.48 -5.85
CA PHE A 53 -5.60 5.58 -5.34
C PHE A 53 -5.98 5.89 -3.87
N GLU A 54 -5.10 5.68 -2.87
CA GLU A 54 -5.47 5.89 -1.45
C GLU A 54 -5.75 7.37 -1.01
N ALA A 55 -5.22 8.37 -1.74
CA ALA A 55 -5.66 9.77 -1.66
C ALA A 55 -7.08 10.04 -2.25
N TRP A 56 -7.42 9.58 -3.47
CA TRP A 56 -8.83 9.67 -3.97
C TRP A 56 -9.87 8.77 -3.22
N ILE A 57 -9.49 7.56 -2.81
CA ILE A 57 -10.18 6.80 -1.71
C ILE A 57 -10.19 7.51 -0.27
N GLY A 58 -9.51 8.64 -0.07
CA GLY A 58 -9.70 9.51 1.09
C GLY A 58 -10.34 10.91 0.87
N THR A 59 -10.18 11.55 -0.30
CA THR A 59 -10.65 12.95 -0.56
C THR A 59 -12.13 13.26 -0.15
N ALA A 60 -13.06 12.39 -0.56
CA ALA A 60 -14.44 12.36 -0.04
C ALA A 60 -14.84 11.01 0.64
N ALA A 61 -14.34 9.85 0.18
CA ALA A 61 -14.63 8.54 0.77
C ALA A 61 -14.21 8.26 2.24
N TYR A 62 -13.20 8.96 2.79
CA TYR A 62 -12.81 8.88 4.21
C TYR A 62 -13.96 8.96 5.27
N THR A 63 -14.92 9.90 5.14
CA THR A 63 -16.12 9.92 6.02
C THR A 63 -17.04 8.65 5.98
N ALA A 64 -17.25 8.05 4.79
CA ALA A 64 -17.90 6.72 4.68
C ALA A 64 -17.01 5.51 5.12
N TRP A 65 -15.73 5.51 4.73
CA TRP A 65 -14.71 4.55 5.22
C TRP A 65 -14.49 4.49 6.76
N LYS A 66 -14.44 5.64 7.44
CA LYS A 66 -14.37 5.75 8.91
C LYS A 66 -15.60 5.19 9.71
N ALA A 67 -16.83 5.29 9.17
CA ALA A 67 -17.96 4.45 9.64
C ALA A 67 -17.83 2.91 9.37
N LYS A 68 -17.28 2.48 8.22
CA LYS A 68 -17.08 1.03 7.92
C LYS A 68 -15.89 0.34 8.67
N HIS A 69 -14.70 0.96 8.77
CA HIS A 69 -13.55 0.43 9.56
C HIS A 69 -12.89 1.58 10.45
N PRO A 70 -12.23 1.32 11.60
CA PRO A 70 -11.97 2.38 12.66
C PRO A 70 -10.95 3.48 12.30
N ASP A 71 -9.64 3.24 12.36
CA ASP A 71 -8.66 3.91 11.48
C ASP A 71 -7.71 2.80 10.93
N GLU A 72 -8.20 2.03 9.96
CA GLU A 72 -7.36 1.05 9.22
C GLU A 72 -6.60 1.69 8.01
N LYS A 73 -7.31 2.40 7.11
CA LYS A 73 -6.69 3.21 6.04
C LYS A 73 -5.95 4.47 6.59
N PHE A 74 -4.76 4.76 6.04
CA PHE A 74 -3.99 5.98 6.44
C PHE A 74 -4.69 7.31 6.00
N PRO A 75 -4.73 8.42 6.79
CA PRO A 75 -5.39 9.70 6.34
C PRO A 75 -4.61 10.52 5.28
N ALA A 76 -4.64 10.01 4.04
CA ALA A 76 -3.96 10.62 2.89
C ALA A 76 -4.87 11.58 2.08
N PHE A 77 -4.35 12.79 1.81
CA PHE A 77 -4.98 13.79 0.92
C PHE A 77 -4.34 13.79 -0.52
N PRO A 78 -5.00 14.34 -1.59
CA PRO A 78 -4.34 14.47 -2.94
C PRO A 78 -3.36 15.65 -3.03
N GLY A 79 -2.06 15.33 -3.03
CA GLY A 79 -0.98 16.35 -3.03
C GLY A 79 0.22 15.90 -3.86
N PHE A 1 -5.07 -10.99 8.62
CA PHE A 1 -6.30 -10.62 9.36
C PHE A 1 -7.13 -9.51 8.65
N ASN A 2 -8.41 -9.35 9.08
CA ASN A 2 -9.34 -8.35 8.50
C ASN A 2 -8.95 -6.87 8.79
N VAL A 3 -8.78 -6.47 10.06
CA VAL A 3 -8.32 -5.09 10.40
C VAL A 3 -6.80 -5.09 10.66
N LYS A 4 -6.02 -4.45 9.77
CA LYS A 4 -4.55 -4.28 9.98
C LYS A 4 -4.09 -2.89 9.47
N GLN A 5 -3.50 -2.11 10.38
CA GLN A 5 -2.96 -0.75 10.09
C GLN A 5 -1.76 -0.76 9.09
N LYS A 6 -1.53 0.41 8.48
CA LYS A 6 -0.68 0.54 7.27
C LYS A 6 0.84 0.35 7.52
N SER A 7 1.57 -0.07 6.48
CA SER A 7 3.04 -0.33 6.57
C SER A 7 3.68 -0.02 5.20
N GLU A 8 4.43 1.09 5.12
CA GLU A 8 5.02 1.58 3.84
C GLU A 8 6.57 1.46 3.91
N ILE A 9 7.16 0.48 3.20
CA ILE A 9 8.61 0.16 3.30
C ILE A 9 9.30 0.47 1.92
N THR A 10 10.52 0.99 2.03
CA THR A 10 11.38 1.36 0.87
C THR A 10 11.92 0.15 0.05
N ALA A 11 12.37 0.45 -1.18
CA ALA A 11 12.95 -0.54 -2.09
C ALA A 11 14.24 -1.28 -1.64
N LEU A 12 14.36 -2.53 -2.11
CA LEU A 12 15.50 -3.41 -1.79
C LEU A 12 16.14 -3.96 -3.11
N VAL A 13 17.42 -4.34 -3.03
CA VAL A 13 18.16 -4.95 -4.15
C VAL A 13 17.66 -6.39 -4.55
N LYS A 14 17.62 -6.69 -5.86
CA LYS A 14 16.75 -7.77 -6.39
C LYS A 14 17.09 -9.24 -5.97
N GLU A 15 16.09 -10.11 -6.16
CA GLU A 15 16.12 -11.52 -5.75
C GLU A 15 16.80 -12.39 -6.85
N VAL A 16 17.98 -12.94 -6.55
CA VAL A 16 18.81 -13.70 -7.54
C VAL A 16 19.53 -14.86 -6.76
N THR A 17 19.63 -16.06 -7.36
CA THR A 17 20.36 -17.21 -6.74
C THR A 17 21.91 -16.99 -6.73
N PRO A 18 22.68 -16.80 -7.85
CA PRO A 18 24.11 -16.35 -7.77
C PRO A 18 24.31 -14.88 -7.28
N PRO A 19 25.50 -14.46 -6.75
CA PRO A 19 25.65 -13.12 -6.08
C PRO A 19 25.70 -11.91 -7.05
N ARG A 20 24.48 -11.45 -7.42
CA ARG A 20 24.29 -10.41 -8.47
C ARG A 20 23.05 -9.57 -8.09
N LYS A 21 23.20 -8.24 -7.99
CA LYS A 21 22.15 -7.36 -7.38
C LYS A 21 21.78 -6.17 -8.30
N ALA A 22 20.49 -6.03 -8.64
CA ALA A 22 19.99 -4.93 -9.49
C ALA A 22 19.14 -3.88 -8.70
N PRO A 23 19.06 -2.57 -9.10
CA PRO A 23 18.14 -1.58 -8.45
C PRO A 23 16.65 -1.70 -8.91
N SER A 24 15.99 -2.76 -8.41
CA SER A 24 14.56 -3.03 -8.67
C SER A 24 13.61 -2.07 -7.92
N LYS A 25 12.61 -1.54 -8.63
CA LYS A 25 11.61 -0.60 -8.03
C LYS A 25 10.61 -1.37 -7.11
N ALA A 26 11.02 -1.51 -5.85
CA ALA A 26 10.36 -2.40 -4.89
C ALA A 26 9.55 -1.59 -3.86
N LYS A 27 8.29 -1.96 -3.72
CA LYS A 27 7.32 -1.20 -2.90
C LYS A 27 6.47 -2.17 -2.05
N ARG A 28 6.36 -1.88 -0.75
CA ARG A 28 5.60 -2.72 0.21
C ARG A 28 4.62 -1.76 0.93
N GLU A 29 3.34 -1.76 0.52
CA GLU A 29 2.35 -0.77 1.02
C GLU A 29 0.96 -1.45 1.16
N ALA A 30 0.25 -1.08 2.23
CA ALA A 30 -1.18 -1.40 2.37
C ALA A 30 -2.12 -0.29 1.81
N PRO A 31 -3.09 -0.58 0.89
CA PRO A 31 -4.18 0.40 0.57
C PRO A 31 -5.40 0.20 1.50
N ILE A 32 -6.46 -0.48 1.03
CA ILE A 32 -7.76 -0.56 1.74
C ILE A 32 -8.29 -2.04 1.73
N LYS A 33 -8.81 -2.49 2.88
CA LYS A 33 -9.50 -3.81 2.97
C LYS A 33 -10.90 -3.90 2.28
N TYR A 34 -11.64 -2.78 2.17
CA TYR A 34 -12.94 -2.73 1.43
C TYR A 34 -12.86 -3.06 -0.10
N TRP A 35 -11.82 -2.56 -0.81
CA TRP A 35 -11.56 -2.96 -2.22
C TRP A 35 -10.77 -4.29 -2.38
N LEU A 36 -9.66 -4.51 -1.64
CA LEU A 36 -8.81 -5.71 -1.80
C LEU A 36 -8.85 -6.62 -0.52
N PRO A 37 -8.93 -7.99 -0.58
CA PRO A 37 -8.89 -8.85 0.64
C PRO A 37 -7.57 -8.93 1.47
N HIS A 38 -6.47 -8.31 1.02
CA HIS A 38 -5.19 -8.23 1.76
C HIS A 38 -4.62 -6.78 1.67
N SER A 39 -4.53 -6.08 2.81
CA SER A 39 -3.94 -4.72 2.86
C SER A 39 -2.43 -4.83 3.23
N GLY A 40 -1.59 -4.93 2.19
CA GLY A 40 -0.12 -5.07 2.36
C GLY A 40 0.50 -5.88 1.21
N ALA A 41 0.82 -5.22 0.09
CA ALA A 41 1.36 -5.90 -1.11
C ALA A 41 2.85 -5.54 -1.37
N THR A 42 3.72 -6.55 -1.39
CA THR A 42 5.13 -6.43 -1.84
C THR A 42 5.27 -6.69 -3.36
N TRP A 43 5.57 -5.64 -4.14
CA TRP A 43 5.87 -5.78 -5.59
C TRP A 43 7.35 -5.38 -5.83
N SER A 44 8.23 -6.36 -6.12
CA SER A 44 9.66 -6.09 -6.45
C SER A 44 9.90 -6.07 -7.98
N GLY A 45 9.85 -4.88 -8.61
CA GLY A 45 10.04 -4.76 -10.07
C GLY A 45 9.44 -3.49 -10.70
N ARG A 46 8.11 -3.51 -10.89
CA ARG A 46 7.37 -2.34 -11.45
C ARG A 46 7.07 -1.28 -10.34
N GLY A 47 7.16 0.00 -10.71
CA GLY A 47 6.87 1.12 -9.78
C GLY A 47 5.38 1.37 -9.46
N LYS A 48 4.81 0.52 -8.59
CA LYS A 48 3.49 0.76 -7.96
C LYS A 48 3.65 1.63 -6.68
N ILE A 49 3.02 2.81 -6.62
CA ILE A 49 2.90 3.60 -5.36
C ILE A 49 1.37 3.85 -5.20
N PRO A 50 0.60 3.28 -4.23
CA PRO A 50 -0.86 3.57 -4.08
C PRO A 50 -1.25 4.88 -3.31
N LYS A 51 -0.45 5.92 -3.49
CA LYS A 51 -0.75 7.29 -2.97
C LYS A 51 -1.84 8.06 -3.76
N PRO A 52 -1.90 8.22 -5.12
CA PRO A 52 -3.16 8.72 -5.79
C PRO A 52 -4.45 7.85 -5.62
N PHE A 53 -4.32 6.53 -5.41
CA PHE A 53 -5.45 5.67 -4.95
C PHE A 53 -5.86 5.94 -3.49
N GLU A 54 -4.99 5.75 -2.47
CA GLU A 54 -5.32 6.08 -1.05
C GLU A 54 -5.74 7.58 -0.76
N ALA A 55 -5.22 8.54 -1.52
CA ALA A 55 -5.71 9.94 -1.55
C ALA A 55 -7.11 10.14 -2.17
N TRP A 56 -7.39 9.62 -3.38
CA TRP A 56 -8.78 9.61 -3.94
C TRP A 56 -9.81 8.74 -3.13
N ILE A 57 -9.39 7.58 -2.62
CA ILE A 57 -10.12 6.84 -1.55
C ILE A 57 -10.18 7.56 -0.13
N GLY A 58 -9.59 8.75 0.05
CA GLY A 58 -9.86 9.65 1.19
C GLY A 58 -10.49 11.03 0.92
N THR A 59 -10.28 11.65 -0.26
CA THR A 59 -10.76 13.03 -0.60
C THR A 59 -12.23 13.37 -0.19
N ALA A 60 -13.16 12.48 -0.58
CA ALA A 60 -14.52 12.44 0.01
C ALA A 60 -14.90 11.07 0.68
N ALA A 61 -14.40 9.93 0.18
CA ALA A 61 -14.67 8.60 0.74
C ALA A 61 -14.30 8.29 2.21
N TYR A 62 -13.31 8.99 2.79
CA TYR A 62 -12.96 8.88 4.24
C TYR A 62 -14.13 8.96 5.26
N THR A 63 -15.12 9.85 5.08
CA THR A 63 -16.35 9.86 5.92
C THR A 63 -17.21 8.56 5.89
N ALA A 64 -17.40 7.95 4.70
CA ALA A 64 -18.02 6.59 4.58
C ALA A 64 -17.08 5.42 4.99
N TRP A 65 -15.80 5.46 4.62
CA TRP A 65 -14.76 4.52 5.11
C TRP A 65 -14.56 4.43 6.65
N LYS A 66 -14.56 5.57 7.35
CA LYS A 66 -14.59 5.64 8.84
C LYS A 66 -15.82 5.01 9.55
N ALA A 67 -17.03 5.09 8.96
CA ALA A 67 -18.16 4.20 9.36
C ALA A 67 -17.95 2.66 9.13
N LYS A 68 -17.28 2.24 8.04
CA LYS A 68 -16.99 0.80 7.78
C LYS A 68 -15.81 0.19 8.61
N HIS A 69 -14.65 0.89 8.70
CA HIS A 69 -13.45 0.40 9.45
C HIS A 69 -12.84 1.54 10.36
N PRO A 70 -12.14 1.26 11.50
CA PRO A 70 -11.85 2.30 12.54
C PRO A 70 -10.80 3.37 12.15
N ASP A 71 -9.49 3.14 12.33
CA ASP A 71 -8.44 3.85 11.58
C ASP A 71 -7.49 2.75 10.98
N GLU A 72 -8.00 2.01 9.98
CA GLU A 72 -7.16 1.13 9.15
C GLU A 72 -6.38 1.92 8.06
N LYS A 73 -7.09 2.57 7.11
CA LYS A 73 -6.49 3.41 6.05
C LYS A 73 -5.88 4.74 6.58
N PHE A 74 -4.67 5.09 6.08
CA PHE A 74 -4.01 6.37 6.46
C PHE A 74 -4.77 7.62 5.91
N PRO A 75 -4.97 8.74 6.66
CA PRO A 75 -5.72 9.94 6.15
C PRO A 75 -4.95 10.80 5.11
N ALA A 76 -4.84 10.23 3.90
CA ALA A 76 -4.14 10.85 2.77
C ALA A 76 -5.05 11.82 1.96
N PHE A 77 -4.49 12.99 1.66
CA PHE A 77 -5.14 14.03 0.82
C PHE A 77 -4.54 14.10 -0.63
N PRO A 78 -5.22 14.66 -1.67
CA PRO A 78 -4.63 14.77 -3.05
C PRO A 78 -3.63 15.95 -3.19
N GLY A 79 -2.35 15.66 -2.94
CA GLY A 79 -1.28 16.68 -2.93
C GLY A 79 -0.52 16.75 -4.25
N PHE A 1 -4.58 -10.58 9.27
CA PHE A 1 -5.73 -10.13 10.11
C PHE A 1 -6.73 -9.25 9.32
N ASN A 2 -8.03 -9.42 9.65
CA ASN A 2 -9.13 -8.66 8.99
C ASN A 2 -9.15 -7.14 9.32
N VAL A 3 -8.90 -6.72 10.57
CA VAL A 3 -8.41 -5.33 10.85
C VAL A 3 -6.85 -5.31 10.90
N LYS A 4 -6.21 -4.53 10.01
CA LYS A 4 -4.72 -4.43 10.00
C LYS A 4 -4.26 -3.01 9.56
N GLN A 5 -3.64 -2.26 10.48
CA GLN A 5 -3.07 -0.92 10.21
C GLN A 5 -1.88 -0.90 9.20
N LYS A 6 -1.61 0.28 8.65
CA LYS A 6 -0.70 0.48 7.48
C LYS A 6 0.79 0.17 7.72
N SER A 7 1.50 -0.15 6.63
CA SER A 7 2.92 -0.59 6.70
C SER A 7 3.63 -0.18 5.37
N GLU A 8 4.59 0.75 5.47
CA GLU A 8 5.30 1.31 4.29
C GLU A 8 6.82 0.96 4.41
N ILE A 9 7.30 0.00 3.58
CA ILE A 9 8.72 -0.47 3.65
C ILE A 9 9.49 0.03 2.39
N THR A 10 10.74 0.42 2.65
CA THR A 10 11.70 0.93 1.64
C THR A 10 12.12 -0.12 0.56
N ALA A 11 12.57 0.38 -0.59
CA ALA A 11 12.92 -0.44 -1.76
C ALA A 11 14.12 -1.41 -1.56
N LEU A 12 13.82 -2.71 -1.65
CA LEU A 12 14.82 -3.79 -1.61
C LEU A 12 15.13 -4.27 -3.08
N VAL A 13 16.17 -5.11 -3.19
CA VAL A 13 16.46 -5.87 -4.45
C VAL A 13 15.28 -6.76 -4.98
N LYS A 14 15.32 -7.09 -6.27
CA LYS A 14 14.39 -8.11 -6.85
C LYS A 14 14.66 -9.55 -6.31
N GLU A 15 13.58 -10.33 -6.18
CA GLU A 15 13.66 -11.77 -5.82
C GLU A 15 14.22 -12.62 -7.03
N VAL A 16 15.38 -13.27 -6.81
CA VAL A 16 16.13 -13.98 -7.89
C VAL A 16 16.54 -15.40 -7.34
N THR A 17 16.31 -16.45 -8.13
CA THR A 17 16.68 -17.85 -7.75
C THR A 17 18.23 -18.13 -7.83
N PRO A 18 19.01 -17.93 -8.94
CA PRO A 18 20.51 -18.06 -8.89
C PRO A 18 21.25 -16.90 -8.16
N PRO A 19 22.57 -16.99 -7.81
CA PRO A 19 23.29 -15.91 -7.06
C PRO A 19 23.59 -14.63 -7.90
N ARG A 20 22.58 -13.77 -8.00
CA ARG A 20 22.59 -12.58 -8.87
C ARG A 20 21.60 -11.51 -8.31
N LYS A 21 22.00 -10.24 -8.21
CA LYS A 21 21.14 -9.18 -7.63
C LYS A 21 20.83 -8.06 -8.67
N ALA A 22 19.55 -7.92 -9.04
CA ALA A 22 19.08 -6.84 -9.94
C ALA A 22 18.54 -5.59 -9.16
N PRO A 23 19.00 -4.33 -9.42
CA PRO A 23 18.56 -3.13 -8.63
C PRO A 23 17.18 -2.56 -9.06
N SER A 24 16.12 -3.18 -8.53
CA SER A 24 14.72 -2.92 -8.94
C SER A 24 13.98 -1.88 -8.06
N LYS A 25 12.87 -1.31 -8.59
CA LYS A 25 11.95 -0.46 -7.79
C LYS A 25 10.94 -1.33 -6.98
N ALA A 26 11.14 -1.41 -5.67
CA ALA A 26 10.27 -2.19 -4.76
C ALA A 26 9.53 -1.25 -3.77
N LYS A 27 8.23 -1.46 -3.58
CA LYS A 27 7.45 -0.73 -2.56
C LYS A 27 6.44 -1.71 -1.87
N ARG A 28 6.51 -1.80 -0.53
CA ARG A 28 5.56 -2.62 0.26
C ARG A 28 4.63 -1.60 0.98
N GLU A 29 3.38 -1.51 0.55
CA GLU A 29 2.47 -0.40 0.93
C GLU A 29 1.03 -1.00 1.01
N ALA A 30 0.38 -0.84 2.18
CA ALA A 30 -0.95 -1.44 2.44
C ALA A 30 -2.14 -0.46 2.17
N PRO A 31 -3.06 -0.67 1.19
CA PRO A 31 -4.16 0.33 0.92
C PRO A 31 -5.44 0.12 1.78
N ILE A 32 -6.48 -0.53 1.24
CA ILE A 32 -7.83 -0.58 1.88
C ILE A 32 -8.39 -2.04 1.88
N LYS A 33 -8.91 -2.46 3.04
CA LYS A 33 -9.59 -3.78 3.20
C LYS A 33 -10.99 -3.94 2.52
N TYR A 34 -11.71 -2.82 2.34
CA TYR A 34 -12.98 -2.78 1.54
C TYR A 34 -12.84 -3.21 0.04
N TRP A 35 -11.79 -2.75 -0.65
CA TRP A 35 -11.50 -3.18 -2.05
C TRP A 35 -10.64 -4.47 -2.16
N LEU A 36 -9.55 -4.63 -1.35
CA LEU A 36 -8.64 -5.78 -1.47
C LEU A 36 -8.58 -6.58 -0.12
N PRO A 37 -8.85 -7.91 -0.04
CA PRO A 37 -8.90 -8.65 1.27
C PRO A 37 -7.60 -8.78 2.10
N HIS A 38 -6.42 -8.66 1.49
CA HIS A 38 -5.14 -8.47 2.20
C HIS A 38 -4.54 -7.08 1.83
N SER A 39 -4.54 -6.14 2.78
CA SER A 39 -3.85 -4.83 2.60
C SER A 39 -2.36 -4.95 3.05
N GLY A 40 -1.44 -4.98 2.08
CA GLY A 40 0.00 -5.17 2.35
C GLY A 40 0.65 -6.11 1.33
N ALA A 41 1.06 -5.57 0.18
CA ALA A 41 1.63 -6.36 -0.92
C ALA A 41 2.95 -5.71 -1.44
N THR A 42 3.98 -6.55 -1.63
CA THR A 42 5.29 -6.13 -2.20
C THR A 42 5.32 -6.26 -3.74
N TRP A 43 5.67 -5.18 -4.46
CA TRP A 43 5.83 -5.24 -5.95
C TRP A 43 7.26 -4.74 -6.32
N SER A 44 8.17 -5.67 -6.66
CA SER A 44 9.54 -5.34 -7.12
C SER A 44 9.68 -5.42 -8.67
N GLY A 45 9.56 -4.28 -9.35
CA GLY A 45 9.72 -4.22 -10.83
C GLY A 45 9.02 -3.01 -11.45
N ARG A 46 7.70 -3.14 -11.67
CA ARG A 46 6.84 -1.97 -12.01
C ARG A 46 6.56 -1.12 -10.75
N GLY A 47 6.61 0.21 -10.92
CA GLY A 47 6.41 1.16 -9.80
C GLY A 47 4.98 1.25 -9.28
N LYS A 48 4.66 0.46 -8.25
CA LYS A 48 3.38 0.55 -7.52
C LYS A 48 3.58 1.48 -6.29
N ILE A 49 3.20 2.75 -6.44
CA ILE A 49 3.07 3.69 -5.30
C ILE A 49 1.54 4.05 -5.27
N PRO A 50 0.68 3.54 -4.34
CA PRO A 50 -0.77 3.94 -4.29
C PRO A 50 -1.06 5.30 -3.59
N LYS A 51 -0.26 6.33 -3.91
CA LYS A 51 -0.53 7.74 -3.55
C LYS A 51 -1.76 8.33 -4.31
N PRO A 52 -1.93 8.32 -5.66
CA PRO A 52 -3.24 8.68 -6.29
C PRO A 52 -4.47 7.75 -5.98
N PHE A 53 -4.27 6.45 -5.72
CA PHE A 53 -5.37 5.56 -5.22
C PHE A 53 -5.78 5.89 -3.76
N GLU A 54 -4.89 5.73 -2.75
CA GLU A 54 -5.23 6.05 -1.34
C GLU A 54 -5.57 7.55 -1.03
N ALA A 55 -5.13 8.50 -1.87
CA ALA A 55 -5.65 9.88 -1.88
C ALA A 55 -7.09 10.02 -2.48
N TRP A 56 -7.42 9.52 -3.69
CA TRP A 56 -8.83 9.52 -4.17
C TRP A 56 -9.82 8.65 -3.31
N ILE A 57 -9.37 7.48 -2.83
CA ILE A 57 -10.03 6.76 -1.69
C ILE A 57 -10.05 7.50 -0.29
N GLY A 58 -9.46 8.68 -0.14
CA GLY A 58 -9.69 9.56 1.03
C GLY A 58 -10.31 10.96 0.78
N THR A 59 -10.09 11.60 -0.37
CA THR A 59 -10.55 13.01 -0.65
C THR A 59 -12.05 13.32 -0.30
N ALA A 60 -12.96 12.43 -0.73
CA ALA A 60 -14.35 12.39 -0.20
C ALA A 60 -14.75 11.04 0.49
N ALA A 61 -14.20 9.89 0.07
CA ALA A 61 -14.50 8.58 0.66
C ALA A 61 -14.10 8.30 2.14
N TYR A 62 -13.12 9.03 2.71
CA TYR A 62 -12.75 8.93 4.15
C TYR A 62 -13.92 8.97 5.18
N THR A 63 -14.88 9.90 5.05
CA THR A 63 -16.11 9.91 5.89
C THR A 63 -17.03 8.66 5.78
N ALA A 64 -17.20 8.09 4.58
CA ALA A 64 -17.83 6.75 4.42
C ALA A 64 -16.97 5.54 4.91
N TRP A 65 -15.67 5.54 4.62
CA TRP A 65 -14.70 4.52 5.10
C TRP A 65 -14.55 4.39 6.65
N LYS A 66 -14.50 5.52 7.37
CA LYS A 66 -14.52 5.56 8.86
C LYS A 66 -15.77 4.93 9.56
N ALA A 67 -16.97 5.01 8.97
CA ALA A 67 -18.12 4.16 9.38
C ALA A 67 -17.98 2.62 9.13
N LYS A 68 -17.35 2.18 8.03
CA LYS A 68 -17.07 0.73 7.81
C LYS A 68 -15.91 0.13 8.69
N HIS A 69 -14.76 0.81 8.83
CA HIS A 69 -13.62 0.31 9.62
C HIS A 69 -13.02 1.45 10.54
N PRO A 70 -12.45 1.17 11.74
CA PRO A 70 -12.23 2.23 12.80
C PRO A 70 -11.22 3.34 12.45
N ASP A 71 -9.92 3.06 12.47
CA ASP A 71 -8.89 3.96 11.84
C ASP A 71 -7.91 3.15 10.93
N GLU A 72 -8.39 2.16 10.16
CA GLU A 72 -7.49 1.24 9.41
C GLU A 72 -6.77 1.88 8.16
N LYS A 73 -7.48 2.69 7.37
CA LYS A 73 -6.93 3.38 6.17
C LYS A 73 -6.17 4.67 6.55
N PHE A 74 -5.04 4.95 5.88
CA PHE A 74 -4.19 6.12 6.23
C PHE A 74 -4.79 7.48 5.73
N PRO A 75 -4.82 8.58 6.54
CA PRO A 75 -5.46 9.87 6.12
C PRO A 75 -4.66 10.71 5.08
N ALA A 76 -4.70 10.22 3.84
CA ALA A 76 -3.94 10.79 2.70
C ALA A 76 -4.78 11.77 1.83
N PHE A 77 -4.17 12.90 1.49
CA PHE A 77 -4.76 13.94 0.60
C PHE A 77 -4.18 13.87 -0.87
N PRO A 78 -4.81 14.47 -1.91
CA PRO A 78 -4.21 14.53 -3.28
C PRO A 78 -3.12 15.63 -3.42
N GLY A 79 -1.86 15.21 -3.56
CA GLY A 79 -0.72 16.13 -3.62
C GLY A 79 0.54 15.43 -4.12
N PHE A 1 -7.98 -10.56 14.49
CA PHE A 1 -8.05 -9.35 13.65
C PHE A 1 -8.03 -9.73 12.13
N ASN A 2 -9.13 -9.44 11.41
CA ASN A 2 -9.12 -9.45 9.92
C ASN A 2 -8.36 -8.22 9.28
N VAL A 3 -8.66 -7.02 9.77
CA VAL A 3 -8.05 -5.75 9.29
C VAL A 3 -6.72 -5.39 10.04
N LYS A 4 -5.85 -4.57 9.44
CA LYS A 4 -4.56 -4.16 10.10
C LYS A 4 -3.99 -2.80 9.55
N GLN A 5 -3.27 -2.06 10.42
CA GLN A 5 -2.65 -0.74 10.07
C GLN A 5 -1.64 -0.71 8.88
N LYS A 6 -1.22 0.51 8.51
CA LYS A 6 -0.40 0.76 7.30
C LYS A 6 1.10 0.36 7.48
N SER A 7 1.60 -0.46 6.55
CA SER A 7 2.96 -1.05 6.63
C SER A 7 3.79 -0.56 5.42
N GLU A 8 4.71 0.39 5.67
CA GLU A 8 5.53 1.02 4.60
C GLU A 8 7.00 0.52 4.74
N ILE A 9 7.42 -0.47 3.92
CA ILE A 9 8.78 -1.09 4.03
C ILE A 9 9.57 -0.82 2.70
N THR A 10 10.88 -0.61 2.87
CA THR A 10 11.80 -0.15 1.80
C THR A 10 12.01 -1.07 0.57
N ALA A 11 12.62 -0.49 -0.47
CA ALA A 11 13.03 -1.21 -1.69
C ALA A 11 14.21 -2.18 -1.49
N LEU A 12 14.00 -3.44 -1.87
CA LEU A 12 15.05 -4.50 -1.80
C LEU A 12 15.53 -4.87 -3.24
N VAL A 13 16.78 -5.31 -3.32
CA VAL A 13 17.35 -5.94 -4.54
C VAL A 13 16.64 -7.26 -4.95
N LYS A 14 16.52 -7.50 -6.26
CA LYS A 14 15.88 -8.73 -6.80
C LYS A 14 16.70 -10.03 -6.52
N GLU A 15 15.95 -11.11 -6.40
CA GLU A 15 16.47 -12.50 -6.26
C GLU A 15 17.15 -12.98 -7.60
N VAL A 16 18.45 -13.26 -7.51
CA VAL A 16 19.30 -13.62 -8.68
C VAL A 16 20.16 -14.86 -8.24
N THR A 17 20.17 -15.92 -9.06
CA THR A 17 20.99 -17.14 -8.78
C THR A 17 22.53 -16.92 -8.98
N PRO A 18 23.11 -16.45 -10.12
CA PRO A 18 24.58 -16.10 -10.16
C PRO A 18 24.97 -14.82 -9.35
N PRO A 19 26.26 -14.55 -9.02
CA PRO A 19 26.65 -13.41 -8.11
C PRO A 19 26.59 -12.01 -8.76
N ARG A 20 25.37 -11.47 -8.88
CA ARG A 20 25.11 -10.22 -9.64
C ARG A 20 23.77 -9.57 -9.16
N LYS A 21 23.76 -8.25 -8.96
CA LYS A 21 22.58 -7.54 -8.39
C LYS A 21 21.88 -6.61 -9.43
N ALA A 22 20.55 -6.75 -9.56
CA ALA A 22 19.71 -5.85 -10.39
C ALA A 22 18.92 -4.81 -9.52
N PRO A 23 18.91 -3.48 -9.80
CA PRO A 23 18.18 -2.47 -8.96
C PRO A 23 16.65 -2.42 -9.23
N SER A 24 15.92 -3.33 -8.56
CA SER A 24 14.45 -3.45 -8.70
C SER A 24 13.70 -2.49 -7.75
N LYS A 25 12.78 -1.69 -8.30
CA LYS A 25 11.99 -0.72 -7.51
C LYS A 25 10.85 -1.40 -6.72
N ALA A 26 11.06 -1.63 -5.42
CA ALA A 26 10.10 -2.35 -4.56
C ALA A 26 9.48 -1.41 -3.50
N LYS A 27 8.15 -1.39 -3.44
CA LYS A 27 7.42 -0.61 -2.41
C LYS A 27 6.37 -1.54 -1.74
N ARG A 28 6.56 -1.81 -0.45
CA ARG A 28 5.63 -2.66 0.34
C ARG A 28 4.71 -1.67 1.09
N GLU A 29 3.44 -1.59 0.66
CA GLU A 29 2.49 -0.54 1.08
C GLU A 29 1.07 -1.18 1.18
N ALA A 30 0.39 -0.97 2.33
CA ALA A 30 -1.02 -1.38 2.51
C ALA A 30 -2.05 -0.26 2.17
N PRO A 31 -2.94 -0.37 1.15
CA PRO A 31 -3.97 0.69 0.88
C PRO A 31 -5.25 0.52 1.71
N ILE A 32 -6.26 -0.21 1.21
CA ILE A 32 -7.57 -0.37 1.87
C ILE A 32 -8.02 -1.87 1.83
N LYS A 33 -8.49 -2.40 2.96
CA LYS A 33 -9.11 -3.77 2.99
C LYS A 33 -10.56 -3.89 2.41
N TYR A 34 -11.26 -2.77 2.15
CA TYR A 34 -12.56 -2.76 1.42
C TYR A 34 -12.47 -3.10 -0.11
N TRP A 35 -11.52 -2.50 -0.85
CA TRP A 35 -11.27 -2.87 -2.28
C TRP A 35 -10.46 -4.19 -2.48
N LEU A 36 -9.43 -4.45 -1.66
CA LEU A 36 -8.56 -5.65 -1.79
C LEU A 36 -8.65 -6.57 -0.53
N PRO A 37 -8.78 -7.92 -0.62
CA PRO A 37 -8.75 -8.81 0.59
C PRO A 37 -7.41 -8.94 1.37
N HIS A 38 -6.26 -8.52 0.83
CA HIS A 38 -4.98 -8.41 1.59
C HIS A 38 -4.38 -6.98 1.46
N SER A 39 -4.54 -6.15 2.52
CA SER A 39 -3.80 -4.88 2.65
C SER A 39 -2.32 -5.09 3.11
N GLY A 40 -1.39 -4.94 2.17
CA GLY A 40 0.05 -5.11 2.41
C GLY A 40 0.69 -6.04 1.38
N ALA A 41 1.03 -5.48 0.22
CA ALA A 41 1.55 -6.26 -0.93
C ALA A 41 2.96 -5.79 -1.33
N THR A 42 3.87 -6.74 -1.57
CA THR A 42 5.21 -6.47 -2.16
C THR A 42 5.14 -6.55 -3.71
N TRP A 43 5.56 -5.47 -4.40
CA TRP A 43 5.71 -5.49 -5.88
C TRP A 43 7.10 -4.91 -6.24
N SER A 44 8.03 -5.81 -6.61
CA SER A 44 9.42 -5.42 -7.00
C SER A 44 9.60 -5.47 -8.54
N GLY A 45 9.49 -4.33 -9.22
CA GLY A 45 9.70 -4.28 -10.69
C GLY A 45 9.04 -3.07 -11.36
N ARG A 46 7.70 -3.06 -11.40
CA ARG A 46 6.92 -1.83 -11.68
C ARG A 46 6.70 -1.03 -10.36
N GLY A 47 6.95 0.28 -10.43
CA GLY A 47 6.97 1.14 -9.22
C GLY A 47 5.58 1.58 -8.75
N LYS A 48 4.94 0.74 -7.93
CA LYS A 48 3.61 1.05 -7.36
C LYS A 48 3.70 1.88 -6.05
N ILE A 49 3.34 3.16 -6.14
CA ILE A 49 3.10 4.01 -4.95
C ILE A 49 1.57 4.37 -5.04
N PRO A 50 0.63 3.85 -4.20
CA PRO A 50 -0.82 4.18 -4.31
C PRO A 50 -1.28 5.53 -3.69
N LYS A 51 -0.51 6.59 -3.96
CA LYS A 51 -0.84 7.98 -3.52
C LYS A 51 -2.03 8.62 -4.31
N PRO A 52 -2.19 8.62 -5.67
CA PRO A 52 -3.52 8.98 -6.30
C PRO A 52 -4.72 8.04 -6.02
N PHE A 53 -4.50 6.72 -5.79
CA PHE A 53 -5.58 5.81 -5.30
C PHE A 53 -6.01 6.14 -3.85
N GLU A 54 -5.12 6.03 -2.84
CA GLU A 54 -5.47 6.35 -1.42
C GLU A 54 -5.83 7.84 -1.10
N ALA A 55 -5.43 8.80 -1.95
CA ALA A 55 -6.00 10.17 -1.97
C ALA A 55 -7.46 10.26 -2.48
N TRP A 56 -7.81 9.73 -3.68
CA TRP A 56 -9.23 9.70 -4.14
C TRP A 56 -10.17 8.72 -3.35
N ILE A 57 -9.65 7.57 -2.90
CA ILE A 57 -10.24 6.80 -1.76
C ILE A 57 -10.28 7.53 -0.35
N GLY A 58 -9.75 8.75 -0.20
CA GLY A 58 -10.06 9.63 0.95
C GLY A 58 -10.76 10.97 0.68
N THR A 59 -10.72 11.55 -0.54
CA THR A 59 -11.34 12.88 -0.85
C THR A 59 -12.85 13.02 -0.44
N ALA A 60 -13.66 12.03 -0.80
CA ALA A 60 -15.04 11.87 -0.28
C ALA A 60 -15.30 10.53 0.49
N ALA A 61 -14.67 9.42 0.09
CA ALA A 61 -14.82 8.11 0.74
C ALA A 61 -14.37 7.95 2.23
N TYR A 62 -13.45 8.80 2.72
CA TYR A 62 -13.07 8.84 4.17
C TYR A 62 -14.25 8.83 5.19
N THR A 63 -15.28 9.68 5.02
CA THR A 63 -16.50 9.62 5.89
C THR A 63 -17.29 8.26 5.90
N ALA A 64 -17.41 7.59 4.74
CA ALA A 64 -17.90 6.19 4.70
C ALA A 64 -16.91 5.12 5.24
N TRP A 65 -15.61 5.22 4.90
CA TRP A 65 -14.54 4.35 5.43
C TRP A 65 -14.34 4.39 6.98
N LYS A 66 -14.38 5.58 7.61
CA LYS A 66 -14.37 5.71 9.10
C LYS A 66 -15.65 5.18 9.84
N ALA A 67 -16.85 5.23 9.21
CA ALA A 67 -18.01 4.42 9.67
C ALA A 67 -17.87 2.87 9.49
N LYS A 68 -17.36 2.37 8.36
CA LYS A 68 -17.18 0.91 8.13
C LYS A 68 -15.95 0.23 8.86
N HIS A 69 -14.87 0.97 9.11
CA HIS A 69 -13.64 0.48 9.81
C HIS A 69 -12.99 1.67 10.64
N PRO A 70 -12.09 1.47 11.65
CA PRO A 70 -11.55 2.61 12.48
C PRO A 70 -10.44 3.43 11.75
N ASP A 71 -9.35 3.81 12.44
CA ASP A 71 -8.19 4.46 11.76
C ASP A 71 -7.13 3.42 11.28
N GLU A 72 -7.58 2.65 10.28
CA GLU A 72 -6.74 1.73 9.50
C GLU A 72 -6.21 2.37 8.18
N LYS A 73 -7.12 2.88 7.31
CA LYS A 73 -6.76 3.65 6.10
C LYS A 73 -6.09 5.00 6.43
N PHE A 74 -4.98 5.30 5.74
CA PHE A 74 -4.17 6.51 6.01
C PHE A 74 -4.89 7.83 5.59
N PRO A 75 -4.90 8.93 6.38
CA PRO A 75 -5.62 10.20 5.99
C PRO A 75 -4.91 11.05 4.90
N ALA A 76 -5.02 10.53 3.66
CA ALA A 76 -4.39 11.13 2.48
C ALA A 76 -5.36 12.02 1.66
N PHE A 77 -4.88 13.21 1.29
CA PHE A 77 -5.64 14.21 0.49
C PHE A 77 -5.21 14.24 -1.02
N PRO A 78 -6.01 14.78 -1.99
CA PRO A 78 -5.53 14.96 -3.40
C PRO A 78 -4.55 16.16 -3.57
N GLY A 79 -3.28 15.85 -3.86
CA GLY A 79 -2.23 16.88 -4.05
C GLY A 79 -1.06 16.38 -4.87
N PHE A 1 -4.12 -10.50 8.17
CA PHE A 1 -5.23 -10.44 9.17
C PHE A 1 -6.35 -9.46 8.74
N ASN A 2 -7.52 -9.54 9.40
CA ASN A 2 -8.72 -8.75 8.99
C ASN A 2 -8.67 -7.22 9.27
N VAL A 3 -8.05 -6.76 10.35
CA VAL A 3 -7.86 -5.30 10.63
C VAL A 3 -6.34 -4.99 10.73
N LYS A 4 -5.73 -4.38 9.68
CA LYS A 4 -4.28 -4.09 9.68
C LYS A 4 -3.94 -2.63 9.18
N GLN A 5 -3.32 -1.88 10.10
CA GLN A 5 -2.89 -0.48 9.88
C GLN A 5 -1.64 -0.35 8.93
N LYS A 6 -1.46 0.86 8.40
CA LYS A 6 -0.66 1.08 7.17
C LYS A 6 0.88 0.94 7.34
N SER A 7 1.49 0.28 6.35
CA SER A 7 2.90 -0.18 6.44
C SER A 7 3.61 0.12 5.10
N GLU A 8 4.57 1.07 5.11
CA GLU A 8 5.21 1.58 3.88
C GLU A 8 6.73 1.29 3.94
N ILE A 9 7.20 0.27 3.21
CA ILE A 9 8.62 -0.21 3.32
C ILE A 9 9.42 0.25 2.05
N THR A 10 10.66 0.70 2.32
CA THR A 10 11.63 1.14 1.30
C THR A 10 12.16 0.00 0.38
N ALA A 11 12.57 0.39 -0.84
CA ALA A 11 12.91 -0.55 -1.92
C ALA A 11 14.13 -1.48 -1.67
N LEU A 12 13.87 -2.79 -1.64
CA LEU A 12 14.89 -3.84 -1.47
C LEU A 12 15.38 -4.42 -2.83
N VAL A 13 16.56 -5.04 -2.77
CA VAL A 13 17.04 -6.03 -3.77
C VAL A 13 16.05 -7.21 -4.02
N LYS A 14 15.96 -7.66 -5.28
CA LYS A 14 14.96 -8.66 -5.71
C LYS A 14 15.25 -10.09 -5.16
N GLU A 15 14.23 -10.64 -4.48
CA GLU A 15 14.29 -11.99 -3.89
C GLU A 15 13.82 -13.07 -4.94
N VAL A 16 14.64 -14.11 -5.12
CA VAL A 16 14.45 -15.11 -6.21
C VAL A 16 14.71 -16.57 -5.63
N THR A 17 14.12 -17.59 -6.25
CA THR A 17 14.22 -19.01 -5.79
C THR A 17 15.68 -19.60 -5.73
N PRO A 18 16.58 -19.58 -6.76
CA PRO A 18 18.04 -19.86 -6.54
C PRO A 18 18.82 -18.68 -5.85
N PRO A 19 20.03 -18.86 -5.26
CA PRO A 19 20.75 -17.75 -4.56
C PRO A 19 21.38 -16.68 -5.50
N ARG A 20 20.52 -15.75 -5.93
CA ARG A 20 20.91 -14.71 -6.93
C ARG A 20 20.05 -13.43 -6.72
N LYS A 21 20.70 -12.27 -6.58
CA LYS A 21 20.04 -11.02 -6.11
C LYS A 21 20.22 -9.88 -7.16
N ALA A 22 19.10 -9.39 -7.71
CA ALA A 22 19.10 -8.33 -8.74
C ALA A 22 18.59 -6.94 -8.23
N PRO A 23 19.04 -5.77 -8.73
CA PRO A 23 18.47 -4.44 -8.32
C PRO A 23 17.13 -4.13 -9.02
N SER A 24 16.02 -4.22 -8.28
CA SER A 24 14.65 -4.03 -8.83
C SER A 24 13.78 -3.12 -7.91
N LYS A 25 12.88 -2.30 -8.49
CA LYS A 25 12.08 -1.32 -7.69
C LYS A 25 10.94 -2.00 -6.86
N ALA A 26 11.15 -2.06 -5.54
CA ALA A 26 10.12 -2.58 -4.60
C ALA A 26 9.43 -1.41 -3.85
N LYS A 27 8.10 -1.46 -3.76
CA LYS A 27 7.36 -0.62 -2.79
C LYS A 27 6.30 -1.52 -2.10
N ARG A 28 6.40 -1.67 -0.77
CA ARG A 28 5.44 -2.50 0.00
C ARG A 28 4.48 -1.53 0.72
N GLU A 29 3.25 -1.40 0.22
CA GLU A 29 2.25 -0.45 0.78
C GLU A 29 0.90 -1.19 0.99
N ALA A 30 0.24 -0.89 2.13
CA ALA A 30 -1.09 -1.45 2.45
C ALA A 30 -2.25 -0.48 2.08
N PRO A 31 -3.14 -0.72 1.07
CA PRO A 31 -4.28 0.21 0.78
C PRO A 31 -5.54 -0.07 1.65
N ILE A 32 -6.59 -0.66 1.08
CA ILE A 32 -7.95 -0.68 1.67
C ILE A 32 -8.47 -2.15 1.80
N LYS A 33 -8.80 -2.54 3.03
CA LYS A 33 -9.42 -3.87 3.31
C LYS A 33 -10.92 -4.04 2.94
N TYR A 34 -11.69 -2.95 2.81
CA TYR A 34 -13.09 -3.01 2.28
C TYR A 34 -13.19 -3.39 0.77
N TRP A 35 -12.33 -2.80 -0.09
CA TRP A 35 -12.23 -3.21 -1.52
C TRP A 35 -11.39 -4.51 -1.75
N LEU A 36 -10.16 -4.60 -1.21
CA LEU A 36 -9.24 -5.74 -1.45
C LEU A 36 -9.06 -6.61 -0.16
N PRO A 37 -9.18 -7.97 -0.16
CA PRO A 37 -8.99 -8.78 1.10
C PRO A 37 -7.58 -8.84 1.77
N HIS A 38 -6.54 -8.29 1.12
CA HIS A 38 -5.16 -8.21 1.67
C HIS A 38 -4.59 -6.77 1.49
N SER A 39 -4.35 -6.08 2.62
CA SER A 39 -3.63 -4.78 2.61
C SER A 39 -2.11 -4.98 2.84
N GLY A 40 -1.34 -5.00 1.75
CA GLY A 40 0.13 -5.10 1.79
C GLY A 40 0.68 -5.80 0.55
N ALA A 41 0.93 -5.03 -0.51
CA ALA A 41 1.35 -5.59 -1.82
C ALA A 41 2.85 -5.29 -2.09
N THR A 42 3.69 -6.34 -2.00
CA THR A 42 5.14 -6.26 -2.32
C THR A 42 5.42 -6.49 -3.83
N TRP A 43 5.32 -5.43 -4.65
CA TRP A 43 5.63 -5.52 -6.10
C TRP A 43 7.12 -5.12 -6.30
N SER A 44 8.01 -6.12 -6.42
CA SER A 44 9.44 -5.92 -6.74
C SER A 44 9.71 -6.04 -8.27
N GLY A 45 9.65 -4.90 -8.97
CA GLY A 45 9.75 -4.85 -10.43
C GLY A 45 9.42 -3.46 -10.99
N ARG A 46 8.13 -3.23 -11.28
CA ARG A 46 7.61 -1.88 -11.60
C ARG A 46 7.32 -1.09 -10.29
N GLY A 47 7.77 0.17 -10.24
CA GLY A 47 7.59 1.03 -9.05
C GLY A 47 6.17 1.54 -8.82
N LYS A 48 5.35 0.72 -8.15
CA LYS A 48 3.94 1.09 -7.83
C LYS A 48 3.83 1.85 -6.48
N ILE A 49 3.61 3.17 -6.55
CA ILE A 49 3.35 4.01 -5.35
C ILE A 49 1.80 4.32 -5.35
N PRO A 50 0.91 3.68 -4.55
CA PRO A 50 -0.54 4.06 -4.50
C PRO A 50 -0.90 5.31 -3.63
N LYS A 51 -0.11 6.39 -3.80
CA LYS A 51 -0.43 7.74 -3.30
C LYS A 51 -1.63 8.40 -4.03
N PRO A 52 -1.75 8.58 -5.38
CA PRO A 52 -3.05 8.96 -6.03
C PRO A 52 -4.27 8.03 -5.84
N PHE A 53 -4.07 6.73 -5.57
CA PHE A 53 -5.16 5.82 -5.12
C PHE A 53 -5.61 6.09 -3.66
N GLU A 54 -4.76 5.92 -2.63
CA GLU A 54 -5.13 6.26 -1.20
C GLU A 54 -5.61 7.74 -0.95
N ALA A 55 -5.05 8.71 -1.68
CA ALA A 55 -5.55 10.11 -1.72
C ALA A 55 -6.97 10.27 -2.34
N TRP A 56 -7.25 9.76 -3.56
CA TRP A 56 -8.65 9.74 -4.10
C TRP A 56 -9.64 8.83 -3.33
N ILE A 57 -9.20 7.65 -2.83
CA ILE A 57 -9.93 6.88 -1.77
C ILE A 57 -10.00 7.60 -0.35
N GLY A 58 -9.42 8.79 -0.15
CA GLY A 58 -9.64 9.63 1.05
C GLY A 58 -10.31 11.00 0.85
N THR A 59 -10.15 11.67 -0.30
CA THR A 59 -10.72 13.03 -0.60
C THR A 59 -12.23 13.23 -0.23
N ALA A 60 -13.08 12.29 -0.65
CA ALA A 60 -14.49 12.19 -0.18
C ALA A 60 -14.84 10.82 0.52
N ALA A 61 -14.24 9.70 0.11
CA ALA A 61 -14.50 8.37 0.70
C ALA A 61 -14.14 8.14 2.19
N TYR A 62 -13.18 8.87 2.77
CA TYR A 62 -12.87 8.81 4.23
C TYR A 62 -14.09 8.87 5.21
N THR A 63 -15.05 9.78 5.02
CA THR A 63 -16.32 9.78 5.81
C THR A 63 -17.21 8.50 5.70
N ALA A 64 -17.33 7.91 4.49
CA ALA A 64 -17.95 6.57 4.32
C ALA A 64 -17.10 5.36 4.82
N TRP A 65 -15.78 5.38 4.61
CA TRP A 65 -14.81 4.40 5.12
C TRP A 65 -14.67 4.32 6.67
N LYS A 66 -14.68 5.46 7.38
CA LYS A 66 -14.66 5.53 8.85
C LYS A 66 -15.89 4.89 9.60
N ALA A 67 -17.11 4.95 9.04
CA ALA A 67 -18.21 4.06 9.46
C ALA A 67 -17.99 2.52 9.24
N LYS A 68 -17.33 2.09 8.13
CA LYS A 68 -17.02 0.66 7.89
C LYS A 68 -15.85 0.05 8.72
N HIS A 69 -14.72 0.74 8.88
CA HIS A 69 -13.54 0.26 9.66
C HIS A 69 -12.96 1.42 10.57
N PRO A 70 -12.32 1.17 11.75
CA PRO A 70 -12.13 2.22 12.82
C PRO A 70 -11.16 3.38 12.46
N ASP A 71 -9.84 3.20 12.55
CA ASP A 71 -8.89 3.93 11.65
C ASP A 71 -7.87 2.89 11.10
N GLU A 72 -8.34 2.06 10.14
CA GLU A 72 -7.47 1.11 9.42
C GLU A 72 -6.70 1.73 8.20
N LYS A 73 -7.40 2.48 7.33
CA LYS A 73 -6.80 3.21 6.19
C LYS A 73 -6.16 4.55 6.62
N PHE A 74 -5.06 4.96 5.97
CA PHE A 74 -4.37 6.23 6.30
C PHE A 74 -5.23 7.50 5.97
N PRO A 75 -5.25 8.57 6.81
CA PRO A 75 -5.91 9.88 6.45
C PRO A 75 -5.15 10.69 5.37
N ALA A 76 -5.35 10.27 4.11
CA ALA A 76 -4.60 10.79 2.95
C ALA A 76 -5.40 11.86 2.16
N PHE A 77 -4.75 13.01 1.95
CA PHE A 77 -5.33 14.16 1.23
C PHE A 77 -5.01 14.18 -0.30
N PRO A 78 -5.76 14.88 -1.19
CA PRO A 78 -5.36 15.06 -2.63
C PRO A 78 -4.15 16.03 -2.83
N GLY A 79 -2.98 15.45 -3.12
CA GLY A 79 -1.74 16.22 -3.26
C GLY A 79 -0.68 15.47 -4.06
N PHE A 1 -5.57 -10.89 13.20
CA PHE A 1 -6.89 -10.28 12.86
C PHE A 1 -6.90 -9.67 11.42
N ASN A 2 -8.12 -9.51 10.85
CA ASN A 2 -8.29 -8.83 9.53
C ASN A 2 -8.00 -7.30 9.51
N VAL A 3 -8.38 -6.55 10.55
CA VAL A 3 -8.04 -5.10 10.69
C VAL A 3 -6.52 -4.88 10.93
N LYS A 4 -5.80 -4.35 9.91
CA LYS A 4 -4.31 -4.28 9.96
C LYS A 4 -3.82 -2.91 9.40
N GLN A 5 -3.14 -2.14 10.25
CA GLN A 5 -2.67 -0.76 9.93
C GLN A 5 -1.54 -0.65 8.84
N LYS A 6 -1.37 0.57 8.34
CA LYS A 6 -0.57 0.84 7.12
C LYS A 6 0.95 0.56 7.26
N SER A 7 1.47 -0.24 6.32
CA SER A 7 2.85 -0.79 6.42
C SER A 7 3.63 -0.39 5.14
N GLU A 8 4.52 0.60 5.25
CA GLU A 8 5.25 1.19 4.08
C GLU A 8 6.76 0.84 4.21
N ILE A 9 7.23 -0.20 3.47
CA ILE A 9 8.63 -0.69 3.61
C ILE A 9 9.46 -0.32 2.32
N THR A 10 10.72 0.04 2.58
CA THR A 10 11.72 0.48 1.59
C THR A 10 12.16 -0.62 0.58
N ALA A 11 12.61 -0.16 -0.61
CA ALA A 11 13.09 -1.04 -1.69
C ALA A 11 14.35 -1.90 -1.37
N LEU A 12 14.31 -3.17 -1.77
CA LEU A 12 15.37 -4.16 -1.49
C LEU A 12 15.92 -4.77 -2.82
N VAL A 13 17.18 -5.23 -2.77
CA VAL A 13 17.83 -5.97 -3.88
C VAL A 13 17.09 -7.28 -4.32
N LYS A 14 17.10 -7.58 -5.63
CA LYS A 14 16.26 -8.66 -6.20
C LYS A 14 16.78 -10.10 -5.90
N GLU A 15 15.81 -11.02 -5.93
CA GLU A 15 16.00 -12.46 -5.68
C GLU A 15 16.60 -13.16 -6.96
N VAL A 16 17.88 -13.54 -6.88
CA VAL A 16 18.66 -14.03 -8.06
C VAL A 16 19.39 -15.36 -7.63
N THR A 17 19.31 -16.41 -8.47
CA THR A 17 20.04 -17.70 -8.20
C THR A 17 21.59 -17.60 -8.43
N PRO A 18 22.20 -17.23 -9.60
CA PRO A 18 23.69 -17.02 -9.69
C PRO A 18 24.22 -15.75 -8.93
N PRO A 19 25.54 -15.58 -8.67
CA PRO A 19 26.04 -14.42 -7.83
C PRO A 19 26.04 -13.05 -8.56
N ARG A 20 24.86 -12.42 -8.58
CA ARG A 20 24.63 -11.11 -9.22
C ARG A 20 23.41 -10.41 -8.53
N LYS A 21 23.54 -9.13 -8.14
CA LYS A 21 22.44 -8.39 -7.47
C LYS A 21 21.87 -7.28 -8.40
N ALA A 22 20.62 -7.47 -8.86
CA ALA A 22 19.89 -6.45 -9.64
C ALA A 22 19.12 -5.45 -8.70
N PRO A 23 19.28 -4.10 -8.79
CA PRO A 23 18.54 -3.15 -7.90
C PRO A 23 17.10 -2.84 -8.38
N SER A 24 16.17 -3.75 -8.01
CA SER A 24 14.76 -3.67 -8.45
C SER A 24 13.90 -2.69 -7.62
N LYS A 25 12.91 -2.06 -8.28
CA LYS A 25 12.04 -1.05 -7.63
C LYS A 25 10.93 -1.77 -6.79
N ALA A 26 11.19 -1.94 -5.49
CA ALA A 26 10.29 -2.68 -4.58
C ALA A 26 9.59 -1.71 -3.60
N LYS A 27 8.26 -1.70 -3.60
CA LYS A 27 7.47 -0.92 -2.63
C LYS A 27 6.43 -1.87 -1.96
N ARG A 28 6.49 -1.98 -0.62
CA ARG A 28 5.59 -2.89 0.15
C ARG A 28 4.60 -1.97 0.91
N GLU A 29 3.34 -1.90 0.47
CA GLU A 29 2.39 -0.83 0.89
C GLU A 29 0.96 -1.42 1.04
N ALA A 30 0.26 -1.03 2.11
CA ALA A 30 -1.14 -1.45 2.33
C ALA A 30 -2.18 -0.34 1.97
N PRO A 31 -3.08 -0.48 0.95
CA PRO A 31 -4.14 0.55 0.69
C PRO A 31 -5.42 0.34 1.57
N ILE A 32 -6.40 -0.42 1.10
CA ILE A 32 -7.75 -0.52 1.74
C ILE A 32 -8.20 -2.01 1.86
N LYS A 33 -8.64 -2.40 3.06
CA LYS A 33 -9.21 -3.77 3.31
C LYS A 33 -10.70 -4.00 2.91
N TYR A 34 -11.45 -2.92 2.63
CA TYR A 34 -12.83 -3.00 2.04
C TYR A 34 -12.85 -3.46 0.54
N TRP A 35 -12.03 -2.86 -0.34
CA TRP A 35 -11.88 -3.30 -1.75
C TRP A 35 -10.94 -4.54 -1.93
N LEU A 36 -9.74 -4.58 -1.32
CA LEU A 36 -8.80 -5.70 -1.50
C LEU A 36 -8.70 -6.57 -0.20
N PRO A 37 -8.86 -7.93 -0.20
CA PRO A 37 -8.73 -8.75 1.05
C PRO A 37 -7.35 -8.84 1.73
N HIS A 38 -6.25 -8.50 1.04
CA HIS A 38 -4.91 -8.34 1.65
C HIS A 38 -4.35 -6.92 1.35
N SER A 39 -4.52 -5.99 2.30
CA SER A 39 -3.75 -4.71 2.30
C SER A 39 -2.30 -4.93 2.82
N GLY A 40 -1.35 -4.96 1.89
CA GLY A 40 0.09 -5.05 2.20
C GLY A 40 0.84 -5.81 1.10
N ALA A 41 1.12 -5.14 -0.02
CA ALA A 41 1.56 -5.82 -1.27
C ALA A 41 2.96 -5.35 -1.74
N THR A 42 3.90 -6.30 -1.81
CA THR A 42 5.26 -6.08 -2.36
C THR A 42 5.31 -6.31 -3.90
N TRP A 43 5.51 -5.24 -4.68
CA TRP A 43 5.76 -5.36 -6.15
C TRP A 43 7.23 -4.96 -6.43
N SER A 44 8.08 -5.95 -6.75
CA SER A 44 9.51 -5.72 -7.08
C SER A 44 9.76 -5.70 -8.62
N GLY A 45 9.68 -4.52 -9.22
CA GLY A 45 9.87 -4.37 -10.69
C GLY A 45 9.28 -3.06 -11.24
N ARG A 46 7.96 -3.04 -11.48
CA ARG A 46 7.22 -1.77 -11.75
C ARG A 46 6.97 -1.00 -10.43
N GLY A 47 7.26 0.30 -10.45
CA GLY A 47 7.09 1.17 -9.27
C GLY A 47 5.64 1.55 -9.00
N LYS A 48 4.92 0.68 -8.27
CA LYS A 48 3.54 0.98 -7.81
C LYS A 48 3.57 1.74 -6.47
N ILE A 49 3.18 3.02 -6.48
CA ILE A 49 2.99 3.82 -5.25
C ILE A 49 1.46 4.19 -5.23
N PRO A 50 0.57 3.70 -4.32
CA PRO A 50 -0.88 4.10 -4.30
C PRO A 50 -1.19 5.48 -3.63
N LYS A 51 -0.40 6.50 -3.99
CA LYS A 51 -0.63 7.91 -3.56
C LYS A 51 -1.86 8.58 -4.25
N PRO A 52 -2.09 8.66 -5.59
CA PRO A 52 -3.43 9.09 -6.14
C PRO A 52 -4.64 8.15 -5.86
N PHE A 53 -4.41 6.85 -5.60
CA PHE A 53 -5.47 5.93 -5.13
C PHE A 53 -5.90 6.18 -3.66
N GLU A 54 -5.02 6.02 -2.65
CA GLU A 54 -5.38 6.31 -1.23
C GLU A 54 -5.79 7.78 -0.89
N ALA A 55 -5.30 8.77 -1.69
CA ALA A 55 -5.83 10.14 -1.69
C ALA A 55 -7.27 10.29 -2.26
N TRP A 56 -7.59 9.81 -3.48
CA TRP A 56 -8.99 9.82 -3.98
C TRP A 56 -9.97 8.89 -3.19
N ILE A 57 -9.52 7.70 -2.76
CA ILE A 57 -10.21 6.91 -1.67
C ILE A 57 -10.27 7.61 -0.24
N GLY A 58 -9.65 8.79 -0.04
CA GLY A 58 -9.97 9.68 1.09
C GLY A 58 -10.72 10.99 0.79
N THR A 59 -10.46 11.67 -0.34
CA THR A 59 -11.00 13.04 -0.67
C THR A 59 -12.51 13.31 -0.30
N ALA A 60 -13.38 12.38 -0.70
CA ALA A 60 -14.77 12.30 -0.17
C ALA A 60 -15.13 10.93 0.52
N ALA A 61 -14.53 9.80 0.10
CA ALA A 61 -14.76 8.48 0.70
C ALA A 61 -14.31 8.22 2.16
N TYR A 62 -13.34 8.98 2.70
CA TYR A 62 -12.94 8.90 4.13
C TYR A 62 -14.11 8.84 5.16
N THR A 63 -15.07 9.78 5.11
CA THR A 63 -16.28 9.73 5.98
C THR A 63 -17.18 8.45 5.86
N ALA A 64 -17.37 7.92 4.64
CA ALA A 64 -17.98 6.57 4.46
C ALA A 64 -17.10 5.36 4.92
N TRP A 65 -15.78 5.42 4.67
CA TRP A 65 -14.77 4.47 5.19
C TRP A 65 -14.59 4.41 6.75
N LYS A 66 -14.68 5.55 7.45
CA LYS A 66 -14.71 5.62 8.93
C LYS A 66 -15.97 5.01 9.64
N ALA A 67 -17.15 4.95 8.98
CA ALA A 67 -18.22 4.02 9.40
C ALA A 67 -17.93 2.49 9.20
N LYS A 68 -17.24 2.07 8.11
CA LYS A 68 -16.93 0.62 7.88
C LYS A 68 -15.73 0.03 8.69
N HIS A 69 -14.59 0.74 8.77
CA HIS A 69 -13.41 0.30 9.55
C HIS A 69 -12.90 1.48 10.48
N PRO A 70 -12.19 1.25 11.63
CA PRO A 70 -11.95 2.33 12.67
C PRO A 70 -11.07 3.51 12.20
N ASP A 71 -9.74 3.45 12.28
CA ASP A 71 -8.85 4.31 11.43
C ASP A 71 -7.78 3.48 10.66
N GLU A 72 -8.21 2.39 9.99
CA GLU A 72 -7.27 1.46 9.31
C GLU A 72 -6.60 2.01 8.00
N LYS A 73 -7.32 2.78 7.16
CA LYS A 73 -6.71 3.48 6.00
C LYS A 73 -6.02 4.80 6.45
N PHE A 74 -4.86 5.12 5.86
CA PHE A 74 -4.13 6.37 6.22
C PHE A 74 -4.92 7.66 5.81
N PRO A 75 -5.00 8.74 6.65
CA PRO A 75 -5.72 10.00 6.28
C PRO A 75 -5.01 10.87 5.21
N ALA A 76 -5.08 10.35 3.97
CA ALA A 76 -4.39 10.95 2.81
C ALA A 76 -5.31 11.92 2.02
N PHE A 77 -4.79 13.13 1.81
CA PHE A 77 -5.43 14.18 0.99
C PHE A 77 -4.91 14.19 -0.50
N PRO A 78 -5.60 14.80 -1.50
CA PRO A 78 -5.03 14.96 -2.87
C PRO A 78 -3.96 16.09 -2.97
N GLY A 79 -2.69 15.68 -3.08
CA GLY A 79 -1.55 16.61 -3.10
C GLY A 79 -0.52 16.20 -4.15
N PHE A 1 -5.25 -10.75 8.19
CA PHE A 1 -6.32 -10.28 9.11
C PHE A 1 -7.33 -9.33 8.40
N ASN A 2 -8.57 -9.30 8.93
CA ASN A 2 -9.59 -8.31 8.48
C ASN A 2 -9.29 -6.86 8.94
N VAL A 3 -9.07 -6.58 10.24
CA VAL A 3 -8.61 -5.24 10.71
C VAL A 3 -7.07 -5.26 10.89
N LYS A 4 -6.34 -4.56 9.99
CA LYS A 4 -4.85 -4.50 10.08
C LYS A 4 -4.32 -3.14 9.57
N GLN A 5 -3.64 -2.40 10.46
CA GLN A 5 -2.94 -1.13 10.13
C GLN A 5 -1.80 -1.25 9.05
N LYS A 6 -1.40 -0.10 8.52
CA LYS A 6 -0.62 -0.01 7.26
C LYS A 6 0.92 -0.20 7.45
N SER A 7 1.63 -0.42 6.33
CA SER A 7 3.12 -0.53 6.32
C SER A 7 3.62 -0.18 4.88
N GLU A 8 4.41 0.90 4.74
CA GLU A 8 5.01 1.31 3.44
C GLU A 8 6.56 1.14 3.51
N ILE A 9 7.13 0.14 2.83
CA ILE A 9 8.59 -0.21 2.97
C ILE A 9 9.36 0.26 1.68
N THR A 10 10.54 0.83 1.90
CA THR A 10 11.40 1.38 0.84
C THR A 10 12.14 0.28 -0.01
N ALA A 11 12.54 0.66 -1.24
CA ALA A 11 13.09 -0.29 -2.21
C ALA A 11 14.43 -0.99 -1.87
N LEU A 12 14.36 -2.32 -1.77
CA LEU A 12 15.51 -3.21 -1.57
C LEU A 12 15.91 -3.89 -2.92
N VAL A 13 17.22 -4.09 -3.06
CA VAL A 13 17.84 -4.82 -4.20
C VAL A 13 17.60 -6.37 -4.12
N LYS A 14 17.30 -6.99 -5.28
CA LYS A 14 16.58 -8.29 -5.35
C LYS A 14 17.21 -9.48 -4.58
N GLU A 15 16.32 -10.24 -3.94
CA GLU A 15 16.63 -11.45 -3.15
C GLU A 15 16.82 -12.70 -4.08
N VAL A 16 17.93 -13.41 -3.89
CA VAL A 16 18.29 -14.59 -4.73
C VAL A 16 19.09 -15.61 -3.83
N THR A 17 18.96 -16.92 -4.10
CA THR A 17 19.70 -17.98 -3.33
C THR A 17 21.26 -17.89 -3.39
N PRO A 18 22.01 -17.82 -4.54
CA PRO A 18 23.46 -17.43 -4.52
C PRO A 18 23.71 -15.91 -4.24
N PRO A 19 24.91 -15.45 -3.81
CA PRO A 19 25.10 -14.01 -3.39
C PRO A 19 25.20 -13.00 -4.56
N ARG A 20 24.03 -12.67 -5.12
CA ARG A 20 23.88 -11.79 -6.30
C ARG A 20 22.69 -10.79 -6.09
N LYS A 21 22.83 -9.57 -6.62
CA LYS A 21 21.77 -8.53 -6.53
C LYS A 21 21.47 -7.92 -7.93
N ALA A 22 20.16 -7.86 -8.27
CA ALA A 22 19.66 -7.09 -9.43
C ALA A 22 18.98 -5.74 -9.00
N PRO A 23 18.92 -4.66 -9.84
CA PRO A 23 18.42 -3.32 -9.38
C PRO A 23 16.88 -3.15 -9.29
N SER A 24 16.25 -3.88 -8.36
CA SER A 24 14.77 -3.94 -8.27
C SER A 24 14.14 -2.80 -7.44
N LYS A 25 13.10 -2.17 -8.00
CA LYS A 25 12.27 -1.20 -7.25
C LYS A 25 11.14 -1.96 -6.44
N ALA A 26 11.44 -2.28 -5.17
CA ALA A 26 10.50 -2.96 -4.26
C ALA A 26 9.56 -1.96 -3.55
N LYS A 27 8.24 -2.12 -3.77
CA LYS A 27 7.24 -1.13 -3.29
C LYS A 27 6.17 -1.92 -2.47
N ARG A 28 6.32 -1.91 -1.14
CA ARG A 28 5.54 -2.80 -0.24
C ARG A 28 4.56 -1.94 0.59
N GLU A 29 3.29 -1.88 0.20
CA GLU A 29 2.35 -0.84 0.68
C GLU A 29 0.95 -1.46 0.94
N ALA A 30 0.34 -1.12 2.08
CA ALA A 30 -1.07 -1.48 2.38
C ALA A 30 -2.11 -0.43 1.89
N PRO A 31 -3.12 -0.79 1.05
CA PRO A 31 -4.29 0.12 0.77
C PRO A 31 -5.50 -0.21 1.70
N ILE A 32 -6.62 -0.69 1.15
CA ILE A 32 -7.94 -0.70 1.86
C ILE A 32 -8.56 -2.13 1.91
N LYS A 33 -9.10 -2.50 3.09
CA LYS A 33 -9.95 -3.73 3.22
C LYS A 33 -11.33 -3.73 2.48
N TYR A 34 -11.93 -2.55 2.26
CA TYR A 34 -13.16 -2.40 1.44
C TYR A 34 -13.03 -2.78 -0.08
N TRP A 35 -11.86 -2.59 -0.71
CA TRP A 35 -11.58 -3.13 -2.08
C TRP A 35 -10.78 -4.46 -2.10
N LEU A 36 -9.67 -4.61 -1.34
CA LEU A 36 -8.80 -5.83 -1.43
C LEU A 36 -8.81 -6.61 -0.07
N PRO A 37 -9.00 -7.96 0.00
CA PRO A 37 -9.05 -8.70 1.32
C PRO A 37 -7.74 -8.80 2.16
N HIS A 38 -6.58 -8.44 1.60
CA HIS A 38 -5.28 -8.44 2.31
C HIS A 38 -4.56 -7.09 2.02
N SER A 39 -4.45 -6.20 3.02
CA SER A 39 -3.75 -4.90 2.87
C SER A 39 -2.22 -5.03 3.16
N GLY A 40 -1.43 -5.06 2.09
CA GLY A 40 0.04 -5.14 2.17
C GLY A 40 0.59 -5.83 0.91
N ALA A 41 0.82 -5.03 -0.14
CA ALA A 41 1.13 -5.54 -1.49
C ALA A 41 2.60 -5.24 -1.88
N THR A 42 3.41 -6.29 -2.03
CA THR A 42 4.84 -6.18 -2.43
C THR A 42 5.02 -6.27 -3.97
N TRP A 43 5.23 -5.12 -4.63
CA TRP A 43 5.63 -5.11 -6.07
C TRP A 43 7.18 -5.00 -6.17
N SER A 44 7.86 -6.13 -6.45
CA SER A 44 9.32 -6.15 -6.70
C SER A 44 9.68 -5.99 -8.19
N GLY A 45 9.86 -4.73 -8.65
CA GLY A 45 10.13 -4.45 -10.08
C GLY A 45 9.84 -3.02 -10.52
N ARG A 46 8.56 -2.68 -10.67
CA ARG A 46 8.09 -1.36 -11.15
C ARG A 46 7.70 -0.41 -9.98
N GLY A 47 7.89 0.92 -10.19
CA GLY A 47 7.41 1.95 -9.23
C GLY A 47 5.89 2.16 -9.14
N LYS A 48 5.23 1.18 -8.53
CA LYS A 48 3.87 1.31 -7.98
C LYS A 48 3.92 2.09 -6.62
N ILE A 49 3.27 3.23 -6.58
CA ILE A 49 3.17 4.07 -5.34
C ILE A 49 1.64 4.33 -5.16
N PRO A 50 0.89 3.78 -4.16
CA PRO A 50 -0.59 4.03 -4.06
C PRO A 50 -1.06 5.36 -3.40
N LYS A 51 -0.34 6.44 -3.73
CA LYS A 51 -0.72 7.83 -3.41
C LYS A 51 -1.96 8.33 -4.19
N PRO A 52 -2.04 8.39 -5.56
CA PRO A 52 -3.34 8.70 -6.24
C PRO A 52 -4.54 7.73 -6.01
N PHE A 53 -4.31 6.47 -5.59
CA PHE A 53 -5.40 5.58 -5.13
C PHE A 53 -5.85 5.89 -3.68
N GLU A 54 -5.02 5.74 -2.62
CA GLU A 54 -5.45 6.05 -1.23
C GLU A 54 -5.87 7.55 -0.94
N ALA A 55 -5.35 8.51 -1.71
CA ALA A 55 -5.88 9.89 -1.78
C ALA A 55 -7.28 10.04 -2.43
N TRP A 56 -7.53 9.50 -3.65
CA TRP A 56 -8.92 9.46 -4.21
C TRP A 56 -9.93 8.56 -3.41
N ILE A 57 -9.47 7.43 -2.87
CA ILE A 57 -10.16 6.69 -1.76
C ILE A 57 -10.26 7.46 -0.37
N GLY A 58 -9.73 8.69 -0.24
CA GLY A 58 -9.97 9.58 0.91
C GLY A 58 -10.64 10.94 0.63
N THR A 59 -10.44 11.57 -0.53
CA THR A 59 -10.94 12.95 -0.86
C THR A 59 -12.45 13.24 -0.49
N ALA A 60 -13.33 12.31 -0.84
CA ALA A 60 -14.71 12.25 -0.25
C ALA A 60 -15.05 10.91 0.47
N ALA A 61 -14.49 9.75 0.07
CA ALA A 61 -14.78 8.44 0.69
C ALA A 61 -14.34 8.21 2.17
N TYR A 62 -13.32 8.93 2.68
CA TYR A 62 -12.91 8.90 4.11
C TYR A 62 -14.05 8.96 5.17
N THR A 63 -15.01 9.90 5.04
CA THR A 63 -16.20 9.95 5.94
C THR A 63 -17.12 8.68 5.96
N ALA A 64 -17.34 8.04 4.79
CA ALA A 64 -17.94 6.69 4.73
C ALA A 64 -17.02 5.53 5.23
N TRP A 65 -15.74 5.53 4.82
CA TRP A 65 -14.70 4.59 5.28
C TRP A 65 -14.48 4.51 6.84
N LYS A 66 -14.38 5.67 7.51
CA LYS A 66 -14.30 5.77 8.99
C LYS A 66 -15.51 5.20 9.80
N ALA A 67 -16.74 5.28 9.28
CA ALA A 67 -17.88 4.50 9.82
C ALA A 67 -17.82 2.96 9.60
N LYS A 68 -17.32 2.46 8.45
CA LYS A 68 -17.12 1.00 8.23
C LYS A 68 -15.91 0.36 8.99
N HIS A 69 -14.73 0.96 8.98
CA HIS A 69 -13.52 0.44 9.69
C HIS A 69 -12.80 1.59 10.48
N PRO A 70 -12.15 1.34 11.65
CA PRO A 70 -11.92 2.42 12.68
C PRO A 70 -10.88 3.50 12.33
N ASP A 71 -9.59 3.21 12.51
CA ASP A 71 -8.51 3.92 11.77
C ASP A 71 -7.58 2.84 11.15
N GLU A 72 -8.07 2.15 10.10
CA GLU A 72 -7.24 1.19 9.34
C GLU A 72 -6.48 1.88 8.15
N LYS A 73 -7.23 2.54 7.26
CA LYS A 73 -6.69 3.32 6.11
C LYS A 73 -5.92 4.60 6.55
N PHE A 74 -4.78 4.88 5.90
CA PHE A 74 -3.96 6.08 6.25
C PHE A 74 -4.64 7.42 5.78
N PRO A 75 -4.79 8.50 6.60
CA PRO A 75 -5.56 9.72 6.17
C PRO A 75 -4.86 10.60 5.10
N ALA A 76 -5.00 10.13 3.85
CA ALA A 76 -4.32 10.72 2.68
C ALA A 76 -5.25 11.69 1.88
N PHE A 77 -4.70 12.87 1.61
CA PHE A 77 -5.34 13.91 0.76
C PHE A 77 -4.73 13.95 -0.68
N PRO A 78 -5.38 14.51 -1.74
CA PRO A 78 -4.75 14.66 -3.09
C PRO A 78 -3.76 15.87 -3.16
N GLY A 79 -2.46 15.56 -3.08
CA GLY A 79 -1.40 16.57 -3.03
C GLY A 79 -0.32 16.31 -4.09
#